data_6KEA
#
_entry.id   6KEA
#
_cell.length_a   91.829
_cell.length_b   146.707
_cell.length_c   102.468
_cell.angle_alpha   90.00
_cell.angle_beta   116.58
_cell.angle_gamma   90.00
#
_symmetry.space_group_name_H-M   'P 1 21 1'
#
loop_
_entity.id
_entity.type
_entity.pdbx_description
1 polymer 'Maltose-binding periplasmic protein,LINKER,hREV7,LINKER,Invasin IpaB,hREV3'
2 water water
#
_entity_poly.entity_id   1
_entity_poly.type   'polypeptide(L)'
_entity_poly.pdbx_seq_one_letter_code
;MKIEEGKLVIWINGDKGYNGLAEVGKKFEKDTGIKVTVEHPDKLEEKFPQVAATGDGPDIIFWAHDRFGGYAQSGLLAEI
TPAAAFQDKLYPFTWDAVRYNGKLIAYPIAVEALSLIYNKDLLPNPPKTWEEIPALDKELKAKGKSALMFNLQEPYFTWP
LIAADGGYAFKYAAGKYDIKDVGVDNAGAKAGLTFLVDLIKNKHMNADTDYSIAEAAFNKGETAMTINGPWAWSNIDTSA
VNYGVTVLPTFKGQPSKPFVGVLSAGINAASPNKELAKEFLENYLLTDEGLEAVNKDKPLGAVALKSYEEELAKDPRIAA
TMENAQKGEIMPNIPQMSAFWYAVRTAVINAASGRQTVDAALAAAQTNAAAAAQVVADVLCEFLEVAVHLILYVREVYPV
GIFQKRKKYNVPVQMSCHPELNQYIQDTLHCVKPLLEKNDVEKVVVVILDKEHRPVEKFVFEITQPPLLSISSDSLLSHV
EQLLAAFILKISVCDAVLDHNPPGCTFTVLVHTREAATRNMEKIQVIKDFPWILADEQDVHMHDPRLIPLKTMTSDILKM
QLYVEERAHKGSASGSGSGSGSGSGSGSGSGSGSHMNINTTNAHSTSNILIPELKAPKSLNASREEIMATL
;
_entity_poly.pdbx_strand_id   A,B,C,D
#
# COMPACT_ATOMS: atom_id res chain seq x y z
N GLU A 4 -37.16 -16.30 -14.66
CA GLU A 4 -35.93 -16.82 -15.21
C GLU A 4 -34.97 -17.37 -14.13
N GLU A 5 -35.48 -17.65 -12.92
CA GLU A 5 -34.63 -18.11 -11.83
C GLU A 5 -34.22 -19.56 -12.02
N GLY A 6 -32.96 -19.86 -11.67
CA GLY A 6 -32.42 -21.20 -11.86
C GLY A 6 -31.73 -21.45 -13.18
N LYS A 7 -31.58 -20.43 -14.03
CA LYS A 7 -30.78 -20.51 -15.25
C LYS A 7 -29.90 -19.27 -15.34
N LEU A 8 -28.83 -19.37 -16.12
CA LEU A 8 -28.01 -18.22 -16.49
C LEU A 8 -28.11 -18.02 -17.99
N VAL A 9 -28.59 -16.86 -18.40
CA VAL A 9 -28.56 -16.39 -19.79
C VAL A 9 -27.45 -15.35 -19.88
N ILE A 10 -26.46 -15.59 -20.74
CA ILE A 10 -25.30 -14.71 -20.90
C ILE A 10 -25.32 -14.12 -22.32
N TRP A 11 -25.13 -12.80 -22.41
CA TRP A 11 -24.92 -12.12 -23.68
C TRP A 11 -23.46 -11.72 -23.79
N ILE A 12 -22.81 -12.15 -24.87
CA ILE A 12 -21.47 -11.71 -25.22
C ILE A 12 -21.49 -11.41 -26.72
N ASN A 13 -20.53 -10.60 -27.17
CA ASN A 13 -20.53 -10.22 -28.58
C ASN A 13 -20.03 -11.36 -29.45
N GLY A 14 -20.54 -11.42 -30.68
CA GLY A 14 -20.29 -12.55 -31.57
C GLY A 14 -18.86 -12.67 -32.06
N ASP A 15 -18.03 -11.63 -31.90
CA ASP A 15 -16.63 -11.76 -32.26
C ASP A 15 -15.79 -12.36 -31.14
N LYS A 16 -16.42 -12.78 -30.03
CA LYS A 16 -15.72 -13.34 -28.87
C LYS A 16 -15.86 -14.87 -28.86
N GLY A 17 -15.01 -15.51 -28.05
CA GLY A 17 -15.08 -16.95 -27.97
C GLY A 17 -16.26 -17.47 -27.18
N TYR A 18 -17.48 -17.34 -27.73
CA TYR A 18 -18.68 -17.72 -26.98
C TYR A 18 -18.90 -19.22 -26.91
N ASN A 19 -18.29 -20.00 -27.82
CA ASN A 19 -18.36 -21.45 -27.70
C ASN A 19 -17.48 -21.95 -26.57
N GLY A 20 -16.33 -21.31 -26.36
CA GLY A 20 -15.53 -21.63 -25.20
C GLY A 20 -16.19 -21.19 -23.90
N LEU A 21 -16.90 -20.07 -23.93
CA LEU A 21 -17.66 -19.65 -22.76
C LEU A 21 -18.82 -20.61 -22.49
N ALA A 22 -19.46 -21.15 -23.53
CA ALA A 22 -20.48 -22.18 -23.34
C ALA A 22 -19.92 -23.45 -22.71
N GLU A 23 -18.66 -23.79 -23.01
CA GLU A 23 -18.05 -24.94 -22.37
C GLU A 23 -17.83 -24.70 -20.88
N VAL A 24 -17.41 -23.50 -20.50
CA VAL A 24 -17.38 -23.17 -19.08
C VAL A 24 -18.78 -23.26 -18.50
N GLY A 25 -19.77 -22.86 -19.30
CA GLY A 25 -21.16 -22.92 -18.83
C GLY A 25 -21.63 -24.33 -18.55
N LYS A 26 -21.13 -25.33 -19.30
CA LYS A 26 -21.50 -26.72 -19.12
C LYS A 26 -20.81 -27.36 -17.92
N LYS A 27 -19.56 -26.99 -17.62
CA LYS A 27 -18.96 -27.48 -16.37
C LYS A 27 -19.67 -26.88 -15.14
N PHE A 28 -20.14 -25.65 -15.23
CA PHE A 28 -20.93 -25.08 -14.13
C PHE A 28 -22.23 -25.84 -13.96
N GLU A 29 -22.88 -26.22 -15.07
CA GLU A 29 -24.13 -26.96 -14.97
C GLU A 29 -23.92 -28.36 -14.37
N LYS A 30 -22.89 -29.08 -14.82
CA LYS A 30 -22.63 -30.41 -14.26
C LYS A 30 -22.48 -30.35 -12.75
N ASP A 31 -21.81 -29.32 -12.25
CA ASP A 31 -21.51 -29.22 -10.83
C ASP A 31 -22.62 -28.61 -10.00
N THR A 32 -23.56 -27.88 -10.61
CA THR A 32 -24.58 -27.16 -9.82
C THR A 32 -26.00 -27.43 -10.25
N GLY A 33 -26.23 -28.00 -11.44
CA GLY A 33 -27.56 -28.12 -11.99
C GLY A 33 -28.04 -26.90 -12.78
N ILE A 34 -27.34 -25.78 -12.71
CA ILE A 34 -27.81 -24.54 -13.33
C ILE A 34 -27.47 -24.56 -14.81
N LYS A 35 -28.49 -24.48 -15.68
CA LYS A 35 -28.22 -24.42 -17.10
C LYS A 35 -27.79 -23.00 -17.49
N VAL A 36 -26.68 -22.89 -18.21
CA VAL A 36 -26.13 -21.60 -18.64
C VAL A 36 -26.26 -21.52 -20.15
N THR A 37 -26.98 -20.51 -20.63
CA THR A 37 -27.17 -20.32 -22.06
C THR A 37 -26.48 -19.03 -22.49
N VAL A 38 -25.56 -19.16 -23.44
CA VAL A 38 -24.75 -18.07 -23.96
C VAL A 38 -25.34 -17.65 -25.30
N GLU A 39 -25.66 -16.37 -25.45
CA GLU A 39 -26.20 -15.84 -26.69
C GLU A 39 -25.34 -14.67 -27.16
N HIS A 40 -25.33 -14.48 -28.48
CA HIS A 40 -24.63 -13.37 -29.11
C HIS A 40 -25.57 -12.66 -30.09
N PRO A 41 -26.51 -11.86 -29.57
CA PRO A 41 -27.42 -11.11 -30.44
C PRO A 41 -26.73 -9.97 -31.15
N ASP A 42 -27.47 -9.26 -31.99
CA ASP A 42 -26.93 -8.11 -32.70
C ASP A 42 -27.20 -6.84 -31.93
N LYS A 43 -26.32 -5.85 -32.11
CA LYS A 43 -26.48 -4.54 -31.49
C LYS A 43 -26.65 -4.70 -29.98
N LEU A 44 -25.73 -5.46 -29.40
CA LEU A 44 -25.83 -5.86 -28.00
C LEU A 44 -25.86 -4.66 -27.05
N GLU A 45 -24.92 -3.73 -27.23
CA GLU A 45 -24.77 -2.60 -26.33
C GLU A 45 -25.97 -1.67 -26.34
N GLU A 46 -26.66 -1.54 -27.48
CA GLU A 46 -27.87 -0.73 -27.55
C GLU A 46 -29.12 -1.49 -27.18
N LYS A 47 -29.06 -2.83 -27.23
CA LYS A 47 -30.20 -3.64 -26.85
C LYS A 47 -30.30 -3.80 -25.34
N PHE A 48 -29.16 -3.77 -24.63
CA PHE A 48 -29.20 -3.98 -23.19
C PHE A 48 -29.94 -2.87 -22.45
N PRO A 49 -29.68 -1.58 -22.68
CA PRO A 49 -30.49 -0.55 -22.00
C PRO A 49 -31.95 -0.52 -22.44
N GLN A 50 -32.31 -1.19 -23.54
CA GLN A 50 -33.70 -1.29 -23.98
C GLN A 50 -34.46 -2.42 -23.32
N VAL A 51 -33.88 -3.62 -23.27
CA VAL A 51 -34.59 -4.77 -22.70
C VAL A 51 -34.41 -4.89 -21.19
N ALA A 52 -33.36 -4.31 -20.62
CA ALA A 52 -33.23 -4.25 -19.15
C ALA A 52 -34.04 -3.12 -18.56
N ALA A 53 -34.49 -2.18 -19.39
CA ALA A 53 -35.47 -1.21 -18.93
C ALA A 53 -36.81 -1.89 -18.65
N THR A 54 -37.16 -2.90 -19.45
CA THR A 54 -38.34 -3.72 -19.19
C THR A 54 -38.14 -4.66 -18.00
N GLY A 55 -36.89 -4.93 -17.61
CA GLY A 55 -36.57 -5.83 -16.52
C GLY A 55 -36.09 -7.21 -16.95
N ASP A 56 -36.02 -7.49 -18.24
CA ASP A 56 -35.58 -8.77 -18.78
C ASP A 56 -34.21 -8.60 -19.42
N GLY A 57 -33.88 -9.47 -20.36
CA GLY A 57 -32.54 -9.55 -20.89
C GLY A 57 -31.75 -10.62 -20.19
N PRO A 58 -30.42 -10.54 -20.30
CA PRO A 58 -29.57 -11.57 -19.71
C PRO A 58 -29.37 -11.35 -18.22
N ASP A 59 -28.94 -12.41 -17.55
CA ASP A 59 -28.40 -12.27 -16.21
C ASP A 59 -27.04 -11.60 -16.24
N ILE A 60 -26.24 -11.90 -17.27
CA ILE A 60 -24.87 -11.41 -17.38
C ILE A 60 -24.63 -10.84 -18.78
N ILE A 61 -24.03 -9.66 -18.84
CA ILE A 61 -23.65 -9.05 -20.12
C ILE A 61 -22.14 -8.81 -20.13
N PHE A 62 -21.49 -9.24 -21.21
CA PHE A 62 -20.09 -8.95 -21.48
C PHE A 62 -19.99 -7.81 -22.49
N TRP A 63 -19.22 -6.77 -22.16
CA TRP A 63 -18.94 -5.72 -23.14
C TRP A 63 -17.75 -4.90 -22.65
N ALA A 64 -17.26 -4.04 -23.53
CA ALA A 64 -16.26 -3.03 -23.16
C ALA A 64 -16.76 -2.24 -21.96
N HIS A 65 -15.84 -1.99 -21.02
CA HIS A 65 -16.22 -1.40 -19.75
C HIS A 65 -16.80 0.00 -19.91
N ASP A 66 -16.41 0.71 -20.97
CA ASP A 66 -16.70 2.14 -21.04
C ASP A 66 -18.20 2.41 -21.03
N ARG A 67 -19.00 1.49 -21.61
CA ARG A 67 -20.46 1.65 -21.57
C ARG A 67 -21.07 1.35 -20.20
N PHE A 68 -20.37 0.62 -19.34
CA PHE A 68 -20.99 0.16 -18.10
C PHE A 68 -21.24 1.28 -17.10
N GLY A 69 -20.61 2.44 -17.25
CA GLY A 69 -20.81 3.52 -16.29
C GLY A 69 -22.11 4.25 -16.48
N GLY A 70 -22.64 4.22 -17.71
CA GLY A 70 -23.93 4.79 -18.00
C GLY A 70 -25.05 3.80 -17.71
N TYR A 71 -24.79 2.51 -17.99
CA TYR A 71 -25.69 1.47 -17.50
C TYR A 71 -25.94 1.66 -16.02
N ALA A 72 -24.88 1.86 -15.24
CA ALA A 72 -24.98 1.98 -13.80
C ALA A 72 -25.77 3.21 -13.39
N GLN A 73 -25.53 4.36 -14.05
CA GLN A 73 -26.30 5.55 -13.70
C GLN A 73 -27.77 5.41 -14.09
N SER A 74 -28.05 4.53 -15.06
CA SER A 74 -29.42 4.08 -15.34
C SER A 74 -29.90 2.98 -14.40
N GLY A 75 -29.08 2.60 -13.42
CA GLY A 75 -29.44 1.54 -12.50
C GLY A 75 -29.71 0.18 -13.14
N LEU A 76 -29.00 -0.17 -14.21
CA LEU A 76 -29.25 -1.45 -14.88
C LEU A 76 -28.31 -2.55 -14.41
N LEU A 77 -27.35 -2.24 -13.56
CA LEU A 77 -26.31 -3.17 -13.15
C LEU A 77 -26.31 -3.35 -11.65
N ALA A 78 -26.21 -4.60 -11.21
CA ALA A 78 -26.04 -4.90 -9.80
C ALA A 78 -24.66 -4.46 -9.33
N GLU A 79 -24.57 -4.12 -8.05
CA GLU A 79 -23.28 -3.94 -7.42
C GLU A 79 -22.68 -5.31 -7.10
N ILE A 80 -21.39 -5.46 -7.35
CA ILE A 80 -20.76 -6.76 -7.22
C ILE A 80 -19.91 -6.75 -5.96
N THR A 81 -19.80 -7.91 -5.33
CA THR A 81 -19.28 -8.04 -3.97
C THR A 81 -18.14 -9.06 -3.91
N PRO A 82 -17.05 -8.87 -4.66
CA PRO A 82 -15.95 -9.83 -4.56
C PRO A 82 -15.15 -9.61 -3.28
N ALA A 83 -14.82 -10.71 -2.60
CA ALA A 83 -13.95 -10.64 -1.45
C ALA A 83 -12.60 -10.06 -1.84
N ALA A 84 -11.95 -9.39 -0.87
CA ALA A 84 -10.58 -8.92 -1.07
C ALA A 84 -9.69 -9.99 -1.71
N ALA A 85 -9.81 -11.23 -1.27
CA ALA A 85 -8.91 -12.27 -1.77
C ALA A 85 -9.18 -12.58 -3.24
N PHE A 86 -10.42 -12.39 -3.70
CA PHE A 86 -10.66 -12.56 -5.13
C PHE A 86 -10.16 -11.37 -5.92
N GLN A 87 -10.32 -10.15 -5.40
CA GLN A 87 -9.79 -8.97 -6.06
C GLN A 87 -8.29 -9.07 -6.28
N ASP A 88 -7.55 -9.54 -5.28
CA ASP A 88 -6.11 -9.69 -5.40
C ASP A 88 -5.70 -10.63 -6.51
N LYS A 89 -6.63 -11.43 -7.05
CA LYS A 89 -6.25 -12.34 -8.13
C LYS A 89 -6.16 -11.63 -9.48
N LEU A 90 -6.67 -10.41 -9.59
CA LEU A 90 -6.67 -9.63 -10.82
C LEU A 90 -5.74 -8.44 -10.67
N TYR A 91 -5.18 -7.98 -11.78
CA TYR A 91 -4.30 -6.83 -11.72
C TYR A 91 -5.03 -5.65 -11.09
N PRO A 92 -4.42 -4.98 -10.13
CA PRO A 92 -5.15 -3.94 -9.39
C PRO A 92 -5.76 -2.85 -10.28
N PHE A 93 -5.04 -2.41 -11.32
CA PHE A 93 -5.58 -1.33 -12.12
C PHE A 93 -6.85 -1.73 -12.87
N THR A 94 -7.14 -3.02 -13.01
CA THR A 94 -8.31 -3.42 -13.80
C THR A 94 -9.61 -3.18 -13.04
N TRP A 95 -9.55 -3.17 -11.70
CA TRP A 95 -10.73 -2.89 -10.88
C TRP A 95 -11.15 -1.41 -10.96
N ASP A 96 -10.20 -0.50 -11.15
CA ASP A 96 -10.47 0.91 -11.39
C ASP A 96 -11.21 1.19 -12.70
N ALA A 97 -11.41 0.17 -13.56
CA ALA A 97 -12.13 0.36 -14.81
C ALA A 97 -13.59 -0.02 -14.69
N VAL A 98 -13.96 -0.70 -13.61
CA VAL A 98 -15.31 -1.21 -13.42
C VAL A 98 -15.96 -0.57 -12.21
N ARG A 99 -15.41 0.55 -11.78
CA ARG A 99 -15.95 1.32 -10.65
C ARG A 99 -16.79 2.46 -11.18
N TYR A 100 -17.98 2.62 -10.62
CA TYR A 100 -18.82 3.78 -10.87
C TYR A 100 -19.29 4.31 -9.52
N ASN A 101 -19.08 5.61 -9.28
CA ASN A 101 -19.49 6.26 -8.03
C ASN A 101 -18.90 5.57 -6.81
N GLY A 102 -17.69 5.03 -6.93
CA GLY A 102 -17.03 4.34 -5.84
C GLY A 102 -17.36 2.86 -5.71
N LYS A 103 -18.35 2.35 -6.44
CA LYS A 103 -18.85 0.99 -6.24
C LYS A 103 -18.50 0.11 -7.43
N LEU A 104 -18.04 -1.11 -7.16
CA LEU A 104 -17.76 -2.03 -8.25
C LEU A 104 -19.05 -2.43 -8.95
N ILE A 105 -19.02 -2.44 -10.28
CA ILE A 105 -20.21 -2.71 -11.07
C ILE A 105 -20.00 -3.78 -12.13
N ALA A 106 -18.83 -4.42 -12.18
CA ALA A 106 -18.54 -5.44 -13.19
C ALA A 106 -17.23 -6.12 -12.83
N TYR A 107 -16.98 -7.37 -13.47
CA TYR A 107 -15.75 -8.15 -13.33
C TYR A 107 -14.81 -7.91 -14.52
N PRO A 108 -13.56 -7.50 -14.30
CA PRO A 108 -12.65 -7.33 -15.43
C PRO A 108 -12.20 -8.67 -15.96
N ILE A 109 -12.18 -8.78 -17.29
CA ILE A 109 -11.79 -10.02 -17.94
C ILE A 109 -10.52 -9.81 -18.75
N ALA A 110 -10.60 -8.96 -19.78
CA ALA A 110 -9.47 -8.76 -20.67
C ALA A 110 -9.15 -7.28 -20.83
N VAL A 111 -7.88 -7.03 -21.17
CA VAL A 111 -7.30 -5.70 -21.22
C VAL A 111 -6.74 -5.46 -22.62
N GLU A 112 -7.00 -4.28 -23.17
CA GLU A 112 -6.54 -3.95 -24.51
C GLU A 112 -6.07 -2.51 -24.53
N ALA A 113 -4.99 -2.26 -25.25
CA ALA A 113 -4.40 -0.93 -25.38
C ALA A 113 -3.48 -0.98 -26.59
N LEU A 114 -3.00 0.20 -26.98
CA LEU A 114 -2.10 0.39 -28.12
C LEU A 114 -0.67 0.02 -27.74
N SER A 115 0.09 -0.42 -28.73
CA SER A 115 1.52 -0.58 -28.55
C SER A 115 2.26 -0.02 -29.75
N LEU A 116 3.58 0.03 -29.59
CA LEU A 116 4.50 0.36 -30.66
C LEU A 116 4.78 -0.91 -31.46
N ILE A 117 4.43 -0.89 -32.74
CA ILE A 117 4.69 -2.02 -33.63
C ILE A 117 5.80 -1.62 -34.58
N TYR A 118 6.80 -2.49 -34.71
CA TYR A 118 7.99 -2.09 -35.45
C TYR A 118 8.55 -3.20 -36.32
N ASN A 119 9.08 -2.79 -37.46
CA ASN A 119 9.66 -3.66 -38.48
C ASN A 119 11.08 -4.04 -38.09
N LYS A 120 11.33 -5.31 -37.82
CA LYS A 120 12.62 -5.73 -37.28
C LYS A 120 13.75 -5.84 -38.33
N ASP A 121 13.44 -5.71 -39.62
CA ASP A 121 14.50 -5.52 -40.63
C ASP A 121 15.01 -4.08 -40.63
N LEU A 122 14.08 -3.11 -40.63
CA LEU A 122 14.47 -1.71 -40.60
C LEU A 122 15.04 -1.32 -39.24
N LEU A 123 14.48 -1.83 -38.16
CA LEU A 123 14.74 -1.28 -36.83
C LEU A 123 14.84 -2.42 -35.83
N PRO A 124 16.03 -3.01 -35.69
CA PRO A 124 16.16 -4.17 -34.79
C PRO A 124 15.95 -3.81 -33.34
N ASN A 125 16.27 -2.58 -32.95
CA ASN A 125 16.03 -2.15 -31.58
C ASN A 125 15.16 -0.89 -31.61
N PRO A 126 13.92 -0.99 -31.14
CA PRO A 126 13.01 0.15 -31.19
C PRO A 126 13.50 1.28 -30.28
N PRO A 127 13.20 2.52 -30.62
CA PRO A 127 13.54 3.63 -29.71
C PRO A 127 12.72 3.59 -28.42
N LYS A 128 13.36 3.92 -27.31
CA LYS A 128 12.66 4.01 -26.04
C LYS A 128 12.05 5.38 -25.77
N THR A 129 12.51 6.43 -26.47
CA THR A 129 11.97 7.78 -26.26
C THR A 129 11.39 8.35 -27.55
N TRP A 130 10.31 9.11 -27.39
CA TRP A 130 9.80 9.90 -28.52
C TRP A 130 10.86 10.86 -29.04
N GLU A 131 11.77 11.30 -28.17
CA GLU A 131 12.71 12.35 -28.52
C GLU A 131 13.70 11.92 -29.60
N GLU A 132 14.00 10.62 -29.71
CA GLU A 132 15.00 10.17 -30.67
C GLU A 132 14.40 9.79 -32.03
N ILE A 133 13.09 9.93 -32.21
CA ILE A 133 12.47 9.61 -33.49
C ILE A 133 12.85 10.59 -34.60
N PRO A 134 12.97 11.90 -34.36
CA PRO A 134 13.42 12.77 -35.47
C PRO A 134 14.76 12.37 -36.08
N ALA A 135 15.76 12.06 -35.24
CA ALA A 135 17.05 11.61 -35.76
C ALA A 135 16.94 10.25 -36.45
N LEU A 136 16.12 9.35 -35.91
CA LEU A 136 15.88 8.06 -36.56
C LEU A 136 15.22 8.24 -37.93
N ASP A 137 14.27 9.18 -38.04
CA ASP A 137 13.58 9.36 -39.32
C ASP A 137 14.50 9.94 -40.37
N LYS A 138 15.46 10.79 -39.96
CA LYS A 138 16.41 11.31 -40.94
C LYS A 138 17.26 10.19 -41.53
N GLU A 139 17.71 9.25 -40.67
CA GLU A 139 18.50 8.12 -41.16
C GLU A 139 17.69 7.24 -42.10
N LEU A 140 16.41 7.05 -41.79
CA LEU A 140 15.62 6.17 -42.65
C LEU A 140 15.24 6.85 -43.95
N LYS A 141 15.03 8.17 -43.96
CA LYS A 141 14.70 8.89 -45.19
C LYS A 141 15.77 8.68 -46.26
N ALA A 142 17.05 8.65 -45.86
CA ALA A 142 18.16 8.42 -46.79
C ALA A 142 18.15 7.01 -47.38
N LYS A 143 17.31 6.14 -46.86
CA LYS A 143 17.11 4.78 -47.34
C LYS A 143 15.76 4.65 -48.02
N GLY A 144 15.11 5.78 -48.32
CA GLY A 144 13.80 5.77 -48.90
C GLY A 144 12.66 5.40 -47.97
N LYS A 145 12.91 5.31 -46.66
CA LYS A 145 11.91 4.88 -45.67
C LYS A 145 11.56 6.03 -44.71
N SER A 146 10.60 5.78 -43.84
CA SER A 146 10.26 6.69 -42.76
C SER A 146 10.31 5.95 -41.43
N ALA A 147 10.42 6.73 -40.35
CA ALA A 147 10.47 6.16 -39.00
C ALA A 147 9.10 5.70 -38.52
N LEU A 148 8.05 6.50 -38.73
CA LEU A 148 6.83 6.29 -37.97
C LEU A 148 5.59 6.76 -38.73
N MET A 149 4.58 5.88 -38.83
CA MET A 149 3.30 6.26 -39.39
C MET A 149 2.17 5.62 -38.60
N PHE A 150 1.24 6.43 -38.13
CA PHE A 150 0.04 5.96 -37.44
C PHE A 150 -1.09 6.94 -37.70
N ASN A 151 -2.31 6.50 -37.44
CA ASN A 151 -3.49 7.34 -37.57
C ASN A 151 -3.36 8.64 -36.76
N LEU A 152 -3.42 9.78 -37.45
CA LEU A 152 -3.50 11.10 -36.86
C LEU A 152 -4.89 11.70 -36.99
N GLN A 153 -5.84 10.97 -37.59
CA GLN A 153 -7.18 11.49 -37.77
C GLN A 153 -8.09 11.17 -36.59
N GLU A 154 -7.64 10.33 -35.66
CA GLU A 154 -8.47 9.81 -34.59
C GLU A 154 -7.74 10.07 -33.28
N PRO A 155 -8.38 10.73 -32.31
CA PRO A 155 -7.67 11.06 -31.06
C PRO A 155 -7.31 9.84 -30.19
N TYR A 156 -8.02 8.72 -30.33
CA TYR A 156 -7.56 7.47 -29.74
C TYR A 156 -6.07 7.23 -29.98
N PHE A 157 -5.62 7.37 -31.24
CA PHE A 157 -4.24 7.02 -31.56
C PHE A 157 -3.20 8.07 -31.19
N THR A 158 -3.58 9.35 -31.01
CA THR A 158 -2.57 10.37 -30.69
C THR A 158 -2.52 10.71 -29.21
N TRP A 159 -3.61 10.41 -28.51
CA TRP A 159 -3.65 10.54 -27.05
C TRP A 159 -2.45 9.95 -26.30
N PRO A 160 -1.85 8.80 -26.69
CA PRO A 160 -0.73 8.29 -25.88
C PRO A 160 0.39 9.30 -25.70
N LEU A 161 0.66 10.12 -26.72
CA LEU A 161 1.73 11.12 -26.63
C LEU A 161 1.25 12.39 -25.94
N ILE A 162 0.03 12.84 -26.24
CA ILE A 162 -0.58 13.98 -25.53
C ILE A 162 -0.67 13.74 -24.03
N ALA A 163 -1.12 12.54 -23.62
CA ALA A 163 -1.33 12.33 -22.19
C ALA A 163 -0.03 12.05 -21.42
N ALA A 164 1.10 11.90 -22.10
CA ALA A 164 2.29 11.35 -21.45
C ALA A 164 2.85 12.27 -20.37
N ASP A 165 2.78 13.58 -20.57
CA ASP A 165 3.42 14.51 -19.66
C ASP A 165 2.42 15.25 -18.76
N GLY A 166 1.17 14.78 -18.70
CA GLY A 166 0.22 15.36 -17.76
C GLY A 166 -1.22 15.49 -18.23
N GLY A 167 -1.49 15.25 -19.51
CA GLY A 167 -2.87 15.36 -19.98
C GLY A 167 -3.70 14.18 -19.51
N TYR A 168 -5.00 14.40 -19.36
CA TYR A 168 -5.93 13.33 -19.03
C TYR A 168 -7.32 13.74 -19.51
N ALA A 169 -8.21 12.76 -19.59
CA ALA A 169 -9.57 13.03 -20.01
C ALA A 169 -10.36 13.59 -18.80
N PHE A 170 -10.83 12.72 -17.91
CA PHE A 170 -11.53 13.17 -16.71
C PHE A 170 -10.79 12.71 -15.47
N LYS A 171 -10.66 13.61 -14.48
CA LYS A 171 -9.85 13.29 -13.31
C LYS A 171 -10.55 12.19 -12.50
N TYR A 172 -9.77 11.27 -11.98
CA TYR A 172 -10.30 10.06 -11.36
C TYR A 172 -9.76 9.95 -9.94
N ALA A 173 -10.67 9.73 -8.99
CA ALA A 173 -10.28 9.66 -7.59
C ALA A 173 -11.36 8.91 -6.82
N ALA A 174 -10.94 8.17 -5.79
CA ALA A 174 -11.87 7.44 -4.92
C ALA A 174 -12.86 6.60 -5.72
N GLY A 175 -12.40 6.04 -6.83
CA GLY A 175 -13.35 5.33 -7.69
C GLY A 175 -14.43 6.17 -8.35
N LYS A 176 -14.23 7.48 -8.55
CA LYS A 176 -15.21 8.27 -9.28
C LYS A 176 -14.51 9.31 -10.17
N TYR A 177 -15.23 9.75 -11.20
CA TYR A 177 -14.77 10.80 -12.11
C TYR A 177 -15.40 12.14 -11.71
N ASP A 178 -14.61 13.19 -11.77
CA ASP A 178 -15.11 14.56 -11.61
C ASP A 178 -15.34 15.14 -12.99
N ILE A 179 -16.60 15.27 -13.39
CA ILE A 179 -16.89 15.62 -14.78
C ILE A 179 -16.54 17.08 -15.09
N LYS A 180 -16.01 17.79 -14.12
CA LYS A 180 -15.58 19.16 -14.38
C LYS A 180 -14.07 19.30 -14.43
N ASP A 181 -13.33 18.28 -14.08
CA ASP A 181 -11.87 18.33 -14.05
C ASP A 181 -11.39 17.58 -15.29
N VAL A 182 -10.98 18.33 -16.29
CA VAL A 182 -10.55 17.80 -17.58
C VAL A 182 -9.14 18.27 -17.84
N GLY A 183 -8.30 17.38 -18.35
CA GLY A 183 -6.90 17.72 -18.54
C GLY A 183 -6.43 17.79 -19.99
N VAL A 184 -7.22 18.38 -20.90
CA VAL A 184 -6.76 18.48 -22.30
C VAL A 184 -6.04 19.79 -22.62
N ASP A 185 -6.07 20.80 -21.75
CA ASP A 185 -5.34 22.03 -22.06
C ASP A 185 -4.30 22.36 -21.01
N ASN A 186 -3.90 21.40 -20.19
CA ASN A 186 -2.88 21.69 -19.19
C ASN A 186 -1.49 21.69 -19.84
N ALA A 187 -0.48 22.00 -19.02
CA ALA A 187 0.89 22.11 -19.51
C ALA A 187 1.35 20.82 -20.19
N GLY A 188 1.00 19.66 -19.62
CA GLY A 188 1.47 18.41 -20.19
C GLY A 188 0.85 18.08 -21.53
N ALA A 189 -0.47 18.27 -21.65
CA ALA A 189 -1.12 18.05 -22.93
C ALA A 189 -0.51 18.95 -24.01
N LYS A 190 -0.23 20.22 -23.67
CA LYS A 190 0.30 21.13 -24.68
C LYS A 190 1.71 20.75 -25.10
N ALA A 191 2.55 20.34 -24.16
CA ALA A 191 3.86 19.83 -24.55
C ALA A 191 3.73 18.61 -25.47
N GLY A 192 2.85 17.66 -25.15
CA GLY A 192 2.72 16.49 -26.00
C GLY A 192 2.19 16.81 -27.38
N LEU A 193 1.14 17.64 -27.45
CA LEU A 193 0.63 18.04 -28.76
C LEU A 193 1.61 18.97 -29.47
N THR A 194 2.42 19.73 -28.75
CA THR A 194 3.44 20.53 -29.41
C THR A 194 4.46 19.64 -30.11
N PHE A 195 4.93 18.61 -29.41
CA PHE A 195 5.90 17.68 -29.99
C PHE A 195 5.32 16.99 -31.23
N LEU A 196 4.06 16.54 -31.15
CA LEU A 196 3.43 15.93 -32.32
C LEU A 196 3.42 16.89 -33.49
N VAL A 197 2.95 18.12 -33.24
CA VAL A 197 2.89 19.14 -34.29
C VAL A 197 4.28 19.47 -34.82
N ASP A 198 5.28 19.53 -33.94
CA ASP A 198 6.65 19.75 -34.40
C ASP A 198 7.13 18.59 -35.26
N LEU A 199 6.64 17.37 -35.05
CA LEU A 199 7.07 16.28 -35.92
C LEU A 199 6.58 16.49 -37.34
N ILE A 200 5.36 16.98 -37.49
CA ILE A 200 4.82 17.26 -38.81
C ILE A 200 5.54 18.46 -39.42
N LYS A 201 5.76 19.50 -38.62
CA LYS A 201 6.47 20.70 -39.04
C LYS A 201 7.81 20.34 -39.69
N ASN A 202 8.56 19.46 -39.04
CA ASN A 202 9.87 19.00 -39.50
C ASN A 202 9.77 17.85 -40.48
N LYS A 203 8.57 17.51 -40.93
CA LYS A 203 8.32 16.58 -42.04
C LYS A 203 8.60 15.13 -41.68
N HIS A 204 8.68 14.79 -40.40
CA HIS A 204 8.79 13.39 -40.01
C HIS A 204 7.47 12.64 -40.08
N MET A 205 6.34 13.34 -40.08
CA MET A 205 5.04 12.71 -40.29
C MET A 205 4.22 13.61 -41.19
N ASN A 206 3.18 13.05 -41.80
CA ASN A 206 2.25 13.82 -42.62
C ASN A 206 0.93 13.93 -41.87
N ALA A 207 0.38 15.14 -41.84
CA ALA A 207 -0.84 15.40 -41.08
C ALA A 207 -2.05 14.71 -41.66
N ASP A 208 -2.01 14.33 -42.95
CA ASP A 208 -3.10 13.62 -43.60
C ASP A 208 -3.13 12.12 -43.30
N THR A 209 -2.05 11.57 -42.73
CA THR A 209 -1.99 10.13 -42.49
C THR A 209 -3.19 9.63 -41.69
N ASP A 210 -3.84 8.60 -42.21
CA ASP A 210 -4.98 8.02 -41.53
C ASP A 210 -4.71 6.52 -41.29
N TYR A 211 -5.74 5.81 -40.81
CA TYR A 211 -5.55 4.42 -40.39
C TYR A 211 -5.12 3.55 -41.58
N SER A 212 -5.87 3.61 -42.68
CA SER A 212 -5.57 2.78 -43.84
C SER A 212 -4.23 3.13 -44.49
N ILE A 213 -3.86 4.41 -44.53
CA ILE A 213 -2.55 4.80 -45.08
C ILE A 213 -1.42 4.29 -44.19
N ALA A 214 -1.62 4.31 -42.86
CA ALA A 214 -0.59 3.83 -41.94
C ALA A 214 -0.45 2.32 -42.03
N GLU A 215 -1.57 1.61 -42.12
CA GLU A 215 -1.52 0.17 -42.18
C GLU A 215 -0.88 -0.29 -43.48
N ALA A 216 -1.33 0.28 -44.61
CA ALA A 216 -0.74 -0.09 -45.90
C ALA A 216 0.76 0.12 -45.90
N ALA A 217 1.21 1.26 -45.34
CA ALA A 217 2.63 1.62 -45.41
C ALA A 217 3.50 0.76 -44.50
N PHE A 218 3.03 0.47 -43.28
CA PHE A 218 3.81 -0.42 -42.43
C PHE A 218 3.85 -1.84 -43.01
N ASN A 219 2.72 -2.31 -43.54
CA ASN A 219 2.61 -3.67 -44.02
C ASN A 219 3.37 -3.89 -45.32
N LYS A 220 3.74 -2.82 -46.05
CA LYS A 220 4.61 -2.95 -47.23
C LYS A 220 6.06 -2.59 -46.96
N GLY A 221 6.48 -2.49 -45.70
CA GLY A 221 7.90 -2.25 -45.40
C GLY A 221 8.38 -0.84 -45.67
N GLU A 222 7.48 0.14 -45.78
CA GLU A 222 7.85 1.51 -46.08
C GLU A 222 8.11 2.37 -44.84
N THR A 223 7.55 2.03 -43.70
CA THR A 223 7.77 2.80 -42.48
C THR A 223 8.29 1.86 -41.40
N ALA A 224 9.23 2.34 -40.57
CA ALA A 224 9.86 1.45 -39.58
C ALA A 224 8.95 1.12 -38.40
N MET A 225 8.01 2.00 -38.04
CA MET A 225 7.20 1.80 -36.85
C MET A 225 5.77 2.22 -37.14
N THR A 226 4.84 1.64 -36.38
CA THR A 226 3.48 2.17 -36.35
C THR A 226 2.99 2.05 -34.92
N ILE A 227 1.82 2.62 -34.66
CA ILE A 227 1.17 2.52 -33.36
C ILE A 227 -0.20 1.91 -33.61
N ASN A 228 -0.46 0.75 -33.03
CA ASN A 228 -1.73 0.10 -33.34
C ASN A 228 -2.03 -0.95 -32.31
N GLY A 229 -3.22 -1.53 -32.42
CA GLY A 229 -3.73 -2.45 -31.41
C GLY A 229 -3.67 -3.91 -31.83
N PRO A 230 -4.10 -4.82 -30.94
CA PRO A 230 -4.03 -6.26 -31.26
C PRO A 230 -4.93 -6.66 -32.42
N TRP A 231 -5.97 -5.89 -32.73
CA TRP A 231 -6.78 -6.17 -33.91
C TRP A 231 -6.00 -6.07 -35.21
N ALA A 232 -4.80 -5.50 -35.20
CA ALA A 232 -4.02 -5.26 -36.39
C ALA A 232 -2.96 -6.30 -36.64
N TRP A 233 -2.64 -7.12 -35.63
CA TRP A 233 -1.58 -8.11 -35.77
C TRP A 233 -1.85 -9.06 -36.94
N SER A 234 -3.11 -9.47 -37.10
CA SER A 234 -3.47 -10.47 -38.11
C SER A 234 -3.02 -10.05 -39.50
N ASN A 235 -3.34 -8.82 -39.90
CA ASN A 235 -2.95 -8.37 -41.24
C ASN A 235 -1.44 -8.27 -41.38
N ILE A 236 -0.72 -7.91 -40.32
CA ILE A 236 0.73 -7.88 -40.44
C ILE A 236 1.29 -9.28 -40.63
N ASP A 237 0.66 -10.28 -39.96
CA ASP A 237 1.21 -11.64 -39.95
C ASP A 237 1.37 -12.20 -41.36
N THR A 238 0.39 -11.96 -42.23
CA THR A 238 0.43 -12.41 -43.61
C THR A 238 1.03 -11.38 -44.56
N SER A 239 1.85 -10.44 -44.07
CA SER A 239 2.36 -9.34 -44.89
C SER A 239 3.80 -9.50 -45.32
N ALA A 240 4.54 -10.48 -44.81
CA ALA A 240 5.97 -10.69 -45.05
C ALA A 240 6.83 -9.75 -44.22
N VAL A 241 6.25 -8.73 -43.58
CA VAL A 241 6.99 -7.95 -42.60
C VAL A 241 7.14 -8.81 -41.34
N ASN A 242 8.36 -8.88 -40.81
CA ASN A 242 8.59 -9.43 -39.48
C ASN A 242 8.55 -8.29 -38.48
N TYR A 243 7.73 -8.41 -37.46
CA TYR A 243 7.43 -7.26 -36.63
C TYR A 243 7.58 -7.59 -35.15
N GLY A 244 7.90 -6.56 -34.38
CA GLY A 244 7.90 -6.66 -32.94
C GLY A 244 6.78 -5.79 -32.39
N VAL A 245 6.38 -6.06 -31.15
CA VAL A 245 5.33 -5.33 -30.44
C VAL A 245 5.88 -5.02 -29.06
N THR A 246 5.99 -3.74 -28.72
CA THR A 246 6.74 -3.35 -27.54
C THR A 246 6.06 -2.16 -26.86
N VAL A 247 6.68 -1.71 -25.76
CA VAL A 247 6.17 -0.57 -25.00
C VAL A 247 6.34 0.72 -25.80
N LEU A 248 5.31 1.57 -25.75
CA LEU A 248 5.38 2.86 -26.43
C LEU A 248 6.51 3.72 -25.84
N PRO A 249 7.11 4.59 -26.63
CA PRO A 249 8.27 5.35 -26.13
C PRO A 249 7.90 6.30 -25.01
N THR A 250 8.91 6.69 -24.23
CA THR A 250 8.64 7.71 -23.22
C THR A 250 8.64 9.08 -23.87
N PHE A 251 7.97 10.02 -23.20
CA PHE A 251 8.01 11.43 -23.58
C PHE A 251 8.45 12.22 -22.37
N LYS A 252 9.52 13.00 -22.54
CA LYS A 252 10.10 13.72 -21.42
C LYS A 252 10.40 12.77 -20.26
N GLY A 253 10.78 11.54 -20.60
CA GLY A 253 11.03 10.52 -19.61
C GLY A 253 9.81 10.02 -18.89
N GLN A 254 8.60 10.24 -19.45
CA GLN A 254 7.36 9.69 -18.88
C GLN A 254 6.75 8.68 -19.84
N PRO A 255 6.15 7.60 -19.35
CA PRO A 255 5.52 6.64 -20.25
C PRO A 255 4.43 7.30 -21.07
N SER A 256 4.33 6.91 -22.33
CA SER A 256 3.11 7.22 -23.04
C SER A 256 1.96 6.53 -22.31
N LYS A 257 0.77 7.10 -22.44
CA LYS A 257 -0.41 6.66 -21.71
C LYS A 257 -1.55 6.43 -22.69
N PRO A 258 -1.59 5.26 -23.31
CA PRO A 258 -2.74 4.94 -24.14
C PRO A 258 -3.98 4.72 -23.29
N PHE A 259 -5.13 5.02 -23.89
CA PHE A 259 -6.41 4.62 -23.36
C PHE A 259 -6.50 3.12 -23.22
N VAL A 260 -7.05 2.65 -22.10
CA VAL A 260 -7.15 1.24 -21.80
C VAL A 260 -8.61 0.81 -21.91
N GLY A 261 -8.86 -0.26 -22.67
CA GLY A 261 -10.18 -0.85 -22.75
C GLY A 261 -10.18 -2.17 -21.99
N VAL A 262 -11.21 -2.40 -21.18
CA VAL A 262 -11.32 -3.61 -20.36
C VAL A 262 -12.59 -4.35 -20.76
N LEU A 263 -12.46 -5.53 -21.36
CA LEU A 263 -13.64 -6.37 -21.54
C LEU A 263 -14.16 -6.77 -20.16
N SER A 264 -15.48 -6.69 -19.96
CA SER A 264 -16.02 -6.73 -18.61
C SER A 264 -17.34 -7.47 -18.57
N ALA A 265 -17.64 -8.04 -17.39
CA ALA A 265 -18.82 -8.87 -17.16
C ALA A 265 -19.67 -8.22 -16.09
N GLY A 266 -20.83 -7.73 -16.49
CA GLY A 266 -21.77 -7.10 -15.58
C GLY A 266 -22.98 -7.97 -15.32
N ILE A 267 -23.65 -7.73 -14.19
CA ILE A 267 -24.79 -8.52 -13.76
C ILE A 267 -26.03 -7.64 -13.83
N ASN A 268 -27.05 -8.10 -14.56
CA ASN A 268 -28.30 -7.37 -14.69
C ASN A 268 -28.90 -7.13 -13.31
N ALA A 269 -29.14 -5.87 -12.96
CA ALA A 269 -29.75 -5.53 -11.67
C ALA A 269 -31.13 -6.15 -11.49
N ALA A 270 -31.83 -6.46 -12.59
CA ALA A 270 -33.13 -7.11 -12.57
C ALA A 270 -33.04 -8.61 -12.38
N SER A 271 -31.84 -9.17 -12.21
CA SER A 271 -31.68 -10.62 -12.28
C SER A 271 -32.05 -11.29 -10.95
N PRO A 272 -32.82 -12.38 -10.99
CA PRO A 272 -33.01 -13.19 -9.79
C PRO A 272 -31.83 -14.09 -9.44
N ASN A 273 -30.85 -14.25 -10.34
CA ASN A 273 -29.75 -15.20 -10.16
C ASN A 273 -28.42 -14.53 -9.85
N LYS A 274 -28.45 -13.39 -9.15
CA LYS A 274 -27.22 -12.62 -8.92
C LYS A 274 -26.13 -13.46 -8.24
N GLU A 275 -26.52 -14.28 -7.26
CA GLU A 275 -25.55 -15.12 -6.56
C GLU A 275 -25.00 -16.23 -7.46
N LEU A 276 -25.83 -16.86 -8.28
CA LEU A 276 -25.32 -17.84 -9.23
C LEU A 276 -24.36 -17.17 -10.20
N ALA A 277 -24.67 -15.93 -10.60
CA ALA A 277 -23.81 -15.18 -11.51
C ALA A 277 -22.46 -14.89 -10.88
N LYS A 278 -22.44 -14.48 -9.61
CA LYS A 278 -21.18 -14.26 -8.93
C LYS A 278 -20.32 -15.52 -8.92
N GLU A 279 -20.95 -16.69 -8.71
CA GLU A 279 -20.19 -17.93 -8.59
C GLU A 279 -19.68 -18.39 -9.95
N PHE A 280 -20.53 -18.31 -10.98
CA PHE A 280 -20.07 -18.66 -12.32
C PHE A 280 -18.87 -17.81 -12.72
N LEU A 281 -18.95 -16.49 -12.49
CA LEU A 281 -17.89 -15.59 -12.94
C LEU A 281 -16.64 -15.73 -12.08
N GLU A 282 -16.80 -15.87 -10.77
CA GLU A 282 -15.63 -15.87 -9.90
C GLU A 282 -14.94 -17.22 -9.86
N ASN A 283 -15.69 -18.33 -9.75
CA ASN A 283 -15.05 -19.62 -9.51
C ASN A 283 -14.95 -20.49 -10.75
N TYR A 284 -15.65 -20.15 -11.82
CA TYR A 284 -15.57 -20.90 -13.06
C TYR A 284 -14.89 -20.09 -14.16
N LEU A 285 -15.39 -18.90 -14.49
CA LEU A 285 -14.82 -18.18 -15.63
C LEU A 285 -13.46 -17.60 -15.27
N LEU A 286 -13.39 -16.78 -14.21
CA LEU A 286 -12.14 -16.12 -13.89
C LEU A 286 -11.19 -17.09 -13.18
N THR A 287 -10.84 -18.15 -13.92
CA THR A 287 -9.83 -19.14 -13.53
C THR A 287 -8.98 -19.44 -14.76
N ASP A 288 -7.77 -19.96 -14.53
CA ASP A 288 -6.94 -20.43 -15.63
C ASP A 288 -7.70 -21.41 -16.54
N GLU A 289 -8.40 -22.37 -15.95
CA GLU A 289 -9.15 -23.34 -16.73
C GLU A 289 -10.23 -22.65 -17.57
N GLY A 290 -11.01 -21.77 -16.96
CA GLY A 290 -12.11 -21.15 -17.69
C GLY A 290 -11.63 -20.16 -18.75
N LEU A 291 -10.62 -19.36 -18.44
CA LEU A 291 -10.16 -18.39 -19.43
C LEU A 291 -9.51 -19.10 -20.59
N GLU A 292 -8.80 -20.19 -20.31
CA GLU A 292 -8.20 -20.98 -21.37
C GLU A 292 -9.24 -21.47 -22.36
N ALA A 293 -10.40 -21.91 -21.86
CA ALA A 293 -11.44 -22.40 -22.76
C ALA A 293 -12.00 -21.28 -23.62
N VAL A 294 -12.16 -20.08 -23.07
CA VAL A 294 -12.57 -18.98 -23.93
C VAL A 294 -11.45 -18.62 -24.89
N ASN A 295 -10.22 -18.53 -24.37
CA ASN A 295 -9.09 -18.09 -25.15
C ASN A 295 -8.74 -19.07 -26.25
N LYS A 296 -9.01 -20.37 -26.02
CA LYS A 296 -8.77 -21.39 -27.04
C LYS A 296 -9.77 -21.27 -28.18
N ASP A 297 -11.00 -20.85 -27.90
CA ASP A 297 -11.97 -20.58 -28.97
C ASP A 297 -11.56 -19.33 -29.75
N LYS A 298 -11.51 -18.17 -29.10
CA LYS A 298 -11.08 -16.93 -29.75
C LYS A 298 -10.15 -16.19 -28.82
N PRO A 299 -8.90 -15.91 -29.22
CA PRO A 299 -7.94 -15.30 -28.29
C PRO A 299 -8.53 -14.08 -27.59
N LEU A 300 -8.31 -13.98 -26.29
CA LEU A 300 -8.80 -12.83 -25.53
C LEU A 300 -7.83 -11.65 -25.52
N GLY A 301 -6.56 -11.85 -25.92
CA GLY A 301 -5.54 -10.82 -25.74
C GLY A 301 -4.90 -10.90 -24.37
N ALA A 302 -4.59 -9.76 -23.74
CA ALA A 302 -4.13 -9.82 -22.36
C ALA A 302 -5.33 -9.96 -21.42
N VAL A 303 -5.13 -10.66 -20.30
CA VAL A 303 -6.21 -10.90 -19.36
C VAL A 303 -5.91 -10.24 -18.02
N ALA A 304 -6.98 -9.93 -17.30
CA ALA A 304 -6.91 -9.32 -15.98
C ALA A 304 -6.51 -10.30 -14.88
N LEU A 305 -6.73 -11.60 -15.05
CA LEU A 305 -6.36 -12.59 -14.03
C LEU A 305 -4.85 -12.83 -14.09
N LYS A 306 -4.13 -12.53 -13.00
CA LYS A 306 -2.66 -12.52 -13.03
C LYS A 306 -2.10 -13.85 -13.49
N SER A 307 -2.56 -14.96 -12.89
CA SER A 307 -1.93 -16.26 -13.12
C SER A 307 -2.04 -16.71 -14.56
N TYR A 308 -3.15 -16.41 -15.22
CA TYR A 308 -3.27 -16.79 -16.62
C TYR A 308 -2.50 -15.83 -17.53
N GLU A 309 -2.46 -14.52 -17.18
CA GLU A 309 -1.71 -13.57 -17.98
C GLU A 309 -0.23 -13.90 -17.98
N GLU A 310 0.29 -14.40 -16.85
CA GLU A 310 1.64 -14.95 -16.82
C GLU A 310 1.84 -16.03 -17.85
N GLU A 311 0.79 -16.80 -18.16
CA GLU A 311 0.94 -17.82 -19.20
C GLU A 311 0.89 -17.21 -20.59
N LEU A 312 -0.09 -16.34 -20.82
CA LEU A 312 -0.20 -15.68 -22.11
C LEU A 312 1.02 -14.83 -22.41
N ALA A 313 1.66 -14.28 -21.38
CA ALA A 313 2.71 -13.31 -21.61
C ALA A 313 3.97 -13.93 -22.15
N LYS A 314 3.97 -15.25 -22.39
CA LYS A 314 5.06 -15.85 -23.14
C LYS A 314 5.05 -15.41 -24.58
N ASP A 315 3.89 -15.00 -25.09
CA ASP A 315 3.85 -14.24 -26.34
C ASP A 315 4.23 -12.78 -26.02
N PRO A 316 5.41 -12.32 -26.44
CA PRO A 316 5.85 -10.98 -26.03
C PRO A 316 4.96 -9.87 -26.57
N ARG A 317 4.24 -10.11 -27.66
CA ARG A 317 3.18 -9.21 -28.11
C ARG A 317 2.14 -8.96 -27.00
N ILE A 318 1.75 -10.02 -26.30
CA ILE A 318 0.75 -9.89 -25.26
C ILE A 318 1.35 -9.21 -24.03
N ALA A 319 2.59 -9.57 -23.67
CA ALA A 319 3.26 -8.85 -22.59
C ALA A 319 3.29 -7.35 -22.88
N ALA A 320 3.62 -6.97 -24.12
CA ALA A 320 3.69 -5.55 -24.48
C ALA A 320 2.35 -4.86 -24.36
N THR A 321 1.25 -5.52 -24.75
CA THR A 321 -0.09 -4.93 -24.56
C THR A 321 -0.35 -4.66 -23.08
N MET A 322 -0.04 -5.64 -22.23
CA MET A 322 -0.34 -5.50 -20.82
C MET A 322 0.54 -4.45 -20.18
N GLU A 323 1.81 -4.39 -20.58
CA GLU A 323 2.68 -3.38 -20.01
C GLU A 323 2.23 -1.96 -20.40
N ASN A 324 1.78 -1.76 -21.65
CA ASN A 324 1.26 -0.46 -22.04
C ASN A 324 -0.07 -0.15 -21.36
N ALA A 325 -0.87 -1.19 -21.12
CA ALA A 325 -2.13 -1.02 -20.43
C ALA A 325 -1.92 -0.58 -18.99
N GLN A 326 -0.90 -1.13 -18.34
CA GLN A 326 -0.61 -0.78 -16.95
C GLN A 326 -0.14 0.66 -16.84
N LYS A 327 0.58 1.15 -17.83
CA LYS A 327 1.03 2.53 -17.86
C LYS A 327 0.00 3.47 -18.48
N GLY A 328 -1.13 2.98 -18.95
CA GLY A 328 -2.06 3.81 -19.69
C GLY A 328 -3.10 4.47 -18.80
N GLU A 329 -4.12 4.99 -19.46
CA GLU A 329 -5.18 5.70 -18.77
C GLU A 329 -6.43 4.91 -19.08
N ILE A 330 -7.10 4.45 -18.04
CA ILE A 330 -8.35 3.74 -18.25
C ILE A 330 -9.33 4.70 -18.93
N MET A 331 -9.96 4.22 -19.98
CA MET A 331 -10.98 5.03 -20.61
C MET A 331 -12.14 5.29 -19.65
N PRO A 332 -12.42 6.53 -19.32
CA PRO A 332 -13.54 6.82 -18.40
C PRO A 332 -14.85 6.25 -18.91
N ASN A 333 -15.67 5.76 -17.97
CA ASN A 333 -16.87 5.01 -18.29
C ASN A 333 -18.13 5.88 -18.25
N ILE A 334 -18.01 7.18 -18.49
CA ILE A 334 -19.11 8.12 -18.28
C ILE A 334 -19.62 8.68 -19.61
N PRO A 335 -20.89 9.11 -19.69
CA PRO A 335 -21.40 9.57 -20.99
C PRO A 335 -20.77 10.87 -21.49
N GLN A 336 -20.07 11.63 -20.63
CA GLN A 336 -19.40 12.84 -21.08
C GLN A 336 -18.21 12.57 -21.99
N MET A 337 -17.80 11.31 -22.16
CA MET A 337 -16.70 11.01 -23.06
C MET A 337 -17.05 11.34 -24.51
N SER A 338 -18.32 11.29 -24.89
CA SER A 338 -18.61 11.59 -26.29
C SER A 338 -18.24 13.04 -26.61
N ALA A 339 -18.48 13.97 -25.69
CA ALA A 339 -18.04 15.35 -25.91
C ALA A 339 -16.52 15.47 -25.93
N PHE A 340 -15.84 14.71 -25.08
CA PHE A 340 -14.39 14.70 -25.11
C PHE A 340 -13.87 14.24 -26.48
N TRP A 341 -14.47 13.21 -27.08
CA TRP A 341 -13.92 12.67 -28.32
C TRP A 341 -14.08 13.65 -29.46
N TYR A 342 -15.29 14.21 -29.63
CA TYR A 342 -15.49 15.24 -30.66
C TYR A 342 -14.53 16.40 -30.47
N ALA A 343 -14.47 16.93 -29.25
CA ALA A 343 -13.65 18.11 -29.00
C ALA A 343 -12.19 17.85 -29.32
N VAL A 344 -11.65 16.72 -28.83
CA VAL A 344 -10.23 16.45 -29.00
C VAL A 344 -9.92 16.08 -30.45
N ARG A 345 -10.85 15.43 -31.15
CA ARG A 345 -10.61 15.08 -32.53
C ARG A 345 -10.45 16.33 -33.39
N THR A 346 -11.26 17.35 -33.14
CA THR A 346 -11.11 18.61 -33.84
C THR A 346 -9.82 19.33 -33.45
N ALA A 347 -9.49 19.34 -32.16
CA ALA A 347 -8.24 19.96 -31.71
C ALA A 347 -7.01 19.37 -32.42
N VAL A 348 -6.87 18.05 -32.44
CA VAL A 348 -5.64 17.47 -32.99
C VAL A 348 -5.59 17.65 -34.49
N ILE A 349 -6.68 17.37 -35.18
CA ILE A 349 -6.73 17.61 -36.62
C ILE A 349 -6.40 19.07 -36.93
N ASN A 350 -7.06 20.00 -36.24
CA ASN A 350 -6.80 21.42 -36.50
C ASN A 350 -5.35 21.77 -36.23
N ALA A 351 -4.83 21.37 -35.06
CA ALA A 351 -3.48 21.75 -34.72
C ALA A 351 -2.46 21.13 -35.66
N ALA A 352 -2.71 19.90 -36.11
CA ALA A 352 -1.74 19.17 -36.91
C ALA A 352 -1.64 19.70 -38.34
N SER A 353 -2.75 20.15 -38.93
CA SER A 353 -2.72 20.73 -40.25
C SER A 353 -2.46 22.23 -40.24
N GLY A 354 -2.12 22.81 -39.08
CA GLY A 354 -1.82 24.22 -39.01
C GLY A 354 -3.02 25.15 -39.11
N ARG A 355 -4.24 24.64 -38.94
CA ARG A 355 -5.43 25.45 -39.00
C ARG A 355 -5.76 26.12 -37.67
N GLN A 356 -5.22 25.62 -36.57
CA GLN A 356 -5.23 26.35 -35.32
C GLN A 356 -3.89 26.19 -34.64
N THR A 357 -3.59 27.17 -33.83
CA THR A 357 -2.56 27.10 -32.82
C THR A 357 -2.82 25.93 -31.85
N VAL A 358 -1.74 25.46 -31.21
CA VAL A 358 -1.88 24.38 -30.23
C VAL A 358 -2.67 24.89 -29.01
N ASP A 359 -2.33 26.08 -28.52
CA ASP A 359 -3.00 26.66 -27.37
C ASP A 359 -4.48 26.88 -27.64
N ALA A 360 -4.81 27.44 -28.79
CA ALA A 360 -6.22 27.67 -29.13
C ALA A 360 -6.94 26.37 -29.48
N ALA A 361 -6.24 25.41 -30.06
CA ALA A 361 -6.91 24.14 -30.37
C ALA A 361 -7.34 23.46 -29.07
N LEU A 362 -6.41 23.40 -28.11
CA LEU A 362 -6.69 22.69 -26.87
C LEU A 362 -7.64 23.49 -26.00
N ALA A 363 -7.43 24.81 -25.92
CA ALA A 363 -8.32 25.67 -25.14
C ALA A 363 -9.76 25.46 -25.54
N ALA A 364 -10.03 25.42 -26.84
CA ALA A 364 -11.37 25.15 -27.32
C ALA A 364 -11.79 23.73 -27.03
N ALA A 365 -10.85 22.78 -27.01
CA ALA A 365 -11.23 21.41 -26.69
C ALA A 365 -11.55 21.28 -25.20
N GLN A 366 -10.80 21.98 -24.36
CA GLN A 366 -11.00 21.94 -22.92
C GLN A 366 -12.38 22.45 -22.54
N THR A 367 -12.81 23.56 -23.12
CA THR A 367 -14.09 24.12 -22.73
C THR A 367 -15.24 23.34 -23.33
N ASN A 368 -15.01 22.59 -24.40
CA ASN A 368 -16.07 21.76 -24.96
C ASN A 368 -16.12 20.34 -24.40
N ALA A 369 -14.98 19.76 -23.98
CA ALA A 369 -15.03 18.49 -23.27
C ALA A 369 -15.53 18.64 -21.83
N ALA A 370 -15.21 19.75 -21.18
CA ALA A 370 -15.65 20.01 -19.80
C ALA A 370 -16.90 20.88 -19.81
N ALA A 371 -17.96 20.37 -20.45
CA ALA A 371 -19.14 21.20 -20.64
C ALA A 371 -19.74 21.62 -19.31
N ALA A 372 -19.64 20.76 -18.30
CA ALA A 372 -20.16 21.11 -16.99
C ALA A 372 -19.41 22.28 -16.38
N ALA A 373 -18.09 22.31 -16.56
CA ALA A 373 -17.30 23.42 -16.01
C ALA A 373 -17.60 24.72 -16.75
N GLN A 374 -17.86 24.65 -18.06
CA GLN A 374 -18.30 25.82 -18.79
C GLN A 374 -19.67 26.30 -18.29
N VAL A 375 -20.58 25.38 -17.96
CA VAL A 375 -21.93 25.74 -17.54
C VAL A 375 -21.90 26.46 -16.19
N VAL A 376 -21.12 25.94 -15.25
CA VAL A 376 -21.04 26.56 -13.93
C VAL A 376 -20.34 27.92 -14.01
N ALA A 377 -19.29 28.04 -14.83
CA ALA A 377 -18.62 29.32 -14.96
C ALA A 377 -19.53 30.37 -15.59
N ASP A 378 -20.27 29.98 -16.63
CA ASP A 378 -21.18 30.92 -17.27
C ASP A 378 -22.33 31.32 -16.35
N VAL A 379 -22.82 30.40 -15.51
CA VAL A 379 -23.85 30.77 -14.54
C VAL A 379 -23.29 31.78 -13.55
N LEU A 380 -22.05 31.58 -13.13
CA LEU A 380 -21.45 32.50 -12.18
C LEU A 380 -21.22 33.86 -12.82
N CYS A 381 -20.68 33.88 -14.05
CA CYS A 381 -20.38 35.14 -14.73
C CYS A 381 -21.63 35.95 -15.05
N GLU A 382 -22.70 35.31 -15.54
CA GLU A 382 -23.98 36.01 -15.62
C GLU A 382 -24.37 36.58 -14.26
N PHE A 383 -24.27 35.78 -13.20
CA PHE A 383 -24.68 36.28 -11.88
C PHE A 383 -23.80 37.43 -11.41
N LEU A 384 -22.47 37.28 -11.49
CA LEU A 384 -21.60 38.39 -11.08
C LEU A 384 -21.90 39.66 -11.86
N GLU A 385 -22.20 39.54 -13.15
CA GLU A 385 -22.55 40.74 -13.92
C GLU A 385 -23.78 41.40 -13.36
N VAL A 386 -24.83 40.61 -13.11
CA VAL A 386 -26.05 41.14 -12.51
C VAL A 386 -25.74 41.72 -11.14
N ALA A 387 -24.98 40.98 -10.32
CA ALA A 387 -24.63 41.49 -8.99
C ALA A 387 -23.88 42.81 -9.06
N VAL A 388 -22.92 42.94 -9.97
CA VAL A 388 -22.10 44.15 -9.99
C VAL A 388 -22.94 45.36 -10.35
N HIS A 389 -23.75 45.26 -11.41
CA HIS A 389 -24.66 46.36 -11.75
C HIS A 389 -25.51 46.77 -10.55
N LEU A 390 -26.15 45.79 -9.90
CA LEU A 390 -27.02 46.09 -8.78
C LEU A 390 -26.26 46.74 -7.63
N ILE A 391 -25.06 46.24 -7.31
CA ILE A 391 -24.24 46.90 -6.30
C ILE A 391 -24.04 48.36 -6.63
N LEU A 392 -23.68 48.66 -7.89
CA LEU A 392 -23.43 50.06 -8.26
C LEU A 392 -24.68 50.91 -8.16
N TYR A 393 -25.85 50.32 -8.41
CA TYR A 393 -27.10 51.05 -8.23
C TYR A 393 -27.41 51.30 -6.75
N VAL A 394 -27.39 50.26 -5.90
CA VAL A 394 -27.85 50.43 -4.51
C VAL A 394 -26.86 51.24 -3.69
N ARG A 395 -25.57 51.24 -4.04
CA ARG A 395 -24.61 52.05 -3.31
C ARG A 395 -24.38 53.40 -3.96
N GLU A 396 -25.08 53.67 -5.07
CA GLU A 396 -25.06 54.97 -5.76
C GLU A 396 -23.66 55.36 -6.23
N VAL A 397 -22.93 54.41 -6.81
CA VAL A 397 -21.63 54.75 -7.39
C VAL A 397 -21.85 55.49 -8.68
N TYR A 398 -22.93 55.17 -9.37
CA TYR A 398 -23.38 55.83 -10.57
C TYR A 398 -24.82 56.25 -10.35
N PRO A 399 -25.24 57.36 -10.96
CA PRO A 399 -26.57 57.90 -10.70
C PRO A 399 -27.65 56.97 -11.21
N VAL A 400 -28.85 57.14 -10.64
CA VAL A 400 -29.93 56.19 -10.93
C VAL A 400 -30.45 56.31 -12.36
N GLY A 401 -30.23 57.46 -13.02
CA GLY A 401 -30.73 57.64 -14.38
C GLY A 401 -30.03 56.79 -15.43
N ILE A 402 -28.85 56.27 -15.13
CA ILE A 402 -28.25 55.35 -16.09
C ILE A 402 -28.74 53.92 -15.97
N PHE A 403 -29.59 53.60 -14.98
CA PHE A 403 -30.00 52.22 -14.80
C PHE A 403 -31.41 51.98 -15.33
N GLN A 404 -31.67 50.74 -15.73
CA GLN A 404 -32.96 50.34 -16.26
C GLN A 404 -33.44 49.12 -15.51
N LYS A 405 -34.70 49.14 -15.09
CA LYS A 405 -35.23 48.08 -14.24
C LYS A 405 -35.57 46.87 -15.09
N ARG A 406 -35.12 45.70 -14.66
CA ARG A 406 -35.17 44.49 -15.46
C ARG A 406 -35.52 43.32 -14.57
N LYS A 407 -35.75 42.17 -15.21
CA LYS A 407 -36.04 40.93 -14.52
C LYS A 407 -34.90 39.94 -14.74
N LYS A 408 -34.50 39.28 -13.66
CA LYS A 408 -33.49 38.23 -13.74
C LYS A 408 -33.62 37.36 -12.50
N TYR A 409 -33.46 36.04 -12.68
CA TYR A 409 -33.70 35.04 -11.62
C TYR A 409 -35.09 35.23 -11.00
N ASN A 410 -36.03 35.81 -11.75
CA ASN A 410 -37.40 36.10 -11.34
C ASN A 410 -37.51 37.14 -10.22
N VAL A 411 -36.45 37.90 -9.98
CA VAL A 411 -36.49 39.04 -9.07
C VAL A 411 -36.15 40.30 -9.87
N PRO A 412 -36.55 41.48 -9.40
CA PRO A 412 -36.16 42.71 -10.09
C PRO A 412 -34.67 42.97 -9.92
N VAL A 413 -34.05 43.54 -10.98
CA VAL A 413 -32.65 43.97 -10.97
C VAL A 413 -32.55 45.33 -11.64
N GLN A 414 -31.33 45.89 -11.65
CA GLN A 414 -31.05 47.18 -12.28
C GLN A 414 -29.81 47.02 -13.16
N MET A 415 -29.95 47.33 -14.45
CA MET A 415 -28.89 47.17 -15.44
C MET A 415 -28.53 48.51 -16.05
N SER A 416 -27.26 48.88 -15.96
CA SER A 416 -26.80 50.11 -16.59
C SER A 416 -27.01 50.06 -18.11
N CYS A 417 -27.25 51.23 -18.70
CA CYS A 417 -27.29 51.46 -20.14
C CYS A 417 -26.13 52.33 -20.62
N HIS A 418 -25.20 52.64 -19.73
CA HIS A 418 -23.99 53.38 -20.00
C HIS A 418 -23.04 52.46 -20.77
N PRO A 419 -22.82 52.66 -22.08
CA PRO A 419 -22.10 51.63 -22.85
C PRO A 419 -20.69 51.39 -22.38
N GLU A 420 -19.97 52.44 -22.00
CA GLU A 420 -18.61 52.25 -21.53
C GLU A 420 -18.59 51.50 -20.19
N LEU A 421 -19.54 51.80 -19.30
CA LEU A 421 -19.59 51.07 -18.03
C LEU A 421 -19.85 49.60 -18.28
N ASN A 422 -20.88 49.29 -19.09
CA ASN A 422 -21.20 47.90 -19.39
C ASN A 422 -20.01 47.19 -20.03
N GLN A 423 -19.31 47.87 -20.96
CA GLN A 423 -18.17 47.26 -21.62
C GLN A 423 -17.06 46.95 -20.62
N TYR A 424 -16.87 47.81 -19.63
CA TYR A 424 -15.83 47.55 -18.64
C TYR A 424 -16.18 46.37 -17.71
N ILE A 425 -17.46 46.14 -17.45
CA ILE A 425 -17.83 45.03 -16.59
C ILE A 425 -17.74 43.72 -17.36
N GLN A 426 -18.14 43.74 -18.64
CA GLN A 426 -18.02 42.55 -19.49
C GLN A 426 -16.56 42.17 -19.74
N ASP A 427 -15.69 43.14 -20.02
CA ASP A 427 -14.28 42.83 -20.15
C ASP A 427 -13.76 42.16 -18.88
N THR A 428 -14.09 42.72 -17.71
CA THR A 428 -13.65 42.13 -16.43
C THR A 428 -14.10 40.68 -16.30
N LEU A 429 -15.38 40.44 -16.56
CA LEU A 429 -15.95 39.12 -16.34
C LEU A 429 -15.51 38.11 -17.41
N HIS A 430 -15.24 38.57 -18.64
CA HIS A 430 -14.71 37.64 -19.65
C HIS A 430 -13.32 37.18 -19.31
N CYS A 431 -12.55 37.98 -18.56
CA CYS A 431 -11.22 37.54 -18.15
C CYS A 431 -11.29 36.55 -17.00
N VAL A 432 -12.28 36.72 -16.12
CA VAL A 432 -12.47 35.87 -14.94
C VAL A 432 -12.98 34.50 -15.36
N LYS A 433 -13.81 34.44 -16.41
CA LYS A 433 -14.46 33.20 -16.79
C LYS A 433 -13.51 32.02 -17.00
N PRO A 434 -12.35 32.14 -17.65
CA PRO A 434 -11.46 30.97 -17.74
C PRO A 434 -10.89 30.55 -16.40
N LEU A 435 -10.68 31.47 -15.46
CA LEU A 435 -10.22 31.07 -14.15
C LEU A 435 -11.31 30.33 -13.38
N LEU A 436 -12.56 30.75 -13.52
CA LEU A 436 -13.66 30.02 -12.91
C LEU A 436 -13.84 28.65 -13.53
N GLU A 437 -13.53 28.50 -14.82
CA GLU A 437 -13.66 27.20 -15.48
C GLU A 437 -12.66 26.19 -14.95
N LYS A 438 -11.56 26.66 -14.40
CA LYS A 438 -10.54 25.81 -13.81
C LYS A 438 -10.66 25.73 -12.31
N ASN A 439 -11.73 26.29 -11.74
CA ASN A 439 -11.91 26.35 -10.29
C ASN A 439 -10.68 26.93 -9.59
N ASP A 440 -10.10 27.96 -10.19
CA ASP A 440 -8.95 28.63 -9.57
C ASP A 440 -9.31 29.91 -8.83
N VAL A 441 -10.59 30.26 -8.75
CA VAL A 441 -11.00 31.51 -8.11
C VAL A 441 -11.45 31.20 -6.69
N GLU A 442 -10.78 31.80 -5.71
CA GLU A 442 -11.27 31.71 -4.34
C GLU A 442 -12.31 32.79 -4.02
N LYS A 443 -12.06 34.04 -4.41
CA LYS A 443 -12.95 35.17 -4.13
C LYS A 443 -13.00 36.14 -5.30
N VAL A 444 -14.19 36.62 -5.61
CA VAL A 444 -14.37 37.81 -6.45
C VAL A 444 -14.90 38.91 -5.55
N VAL A 445 -14.24 40.06 -5.55
CA VAL A 445 -14.52 41.17 -4.65
C VAL A 445 -14.81 42.41 -5.50
N VAL A 446 -16.04 42.92 -5.39
CA VAL A 446 -16.38 44.25 -5.90
C VAL A 446 -15.95 45.30 -4.87
N VAL A 447 -14.96 46.14 -5.22
CA VAL A 447 -14.40 47.12 -4.28
C VAL A 447 -14.92 48.52 -4.59
N ILE A 448 -15.49 49.19 -3.58
CA ILE A 448 -15.86 50.61 -3.65
C ILE A 448 -14.73 51.45 -3.08
N LEU A 449 -14.32 52.47 -3.81
CA LEU A 449 -13.20 53.31 -3.44
C LEU A 449 -13.68 54.75 -3.36
N ASP A 450 -13.18 55.50 -2.37
CA ASP A 450 -13.53 56.90 -2.22
C ASP A 450 -12.63 57.76 -3.11
N LYS A 451 -12.77 59.09 -3.02
CA LYS A 451 -12.06 59.98 -3.93
C LYS A 451 -10.54 59.92 -3.74
N GLU A 452 -10.06 59.42 -2.60
CA GLU A 452 -8.64 59.22 -2.36
C GLU A 452 -8.16 57.86 -2.82
N HIS A 453 -9.00 57.10 -3.51
CA HIS A 453 -8.66 55.75 -3.98
C HIS A 453 -8.36 54.81 -2.81
N ARG A 454 -9.05 55.02 -1.68
CA ARG A 454 -9.01 54.11 -0.57
C ARG A 454 -10.29 53.29 -0.51
N PRO A 455 -10.21 52.00 -0.17
CA PRO A 455 -11.42 51.16 -0.14
C PRO A 455 -12.37 51.58 0.98
N VAL A 456 -13.64 51.74 0.63
CA VAL A 456 -14.69 52.07 1.57
C VAL A 456 -15.56 50.86 1.88
N GLU A 457 -15.89 50.09 0.86
CA GLU A 457 -16.67 48.88 0.97
C GLU A 457 -16.03 47.82 0.08
N LYS A 458 -16.10 46.58 0.53
CA LYS A 458 -15.77 45.42 -0.28
C LYS A 458 -16.92 44.44 -0.21
N PHE A 459 -17.44 44.05 -1.38
CA PHE A 459 -18.43 42.99 -1.49
C PHE A 459 -17.68 41.74 -1.89
N VAL A 460 -17.61 40.77 -0.97
CA VAL A 460 -16.75 39.60 -1.11
C VAL A 460 -17.63 38.42 -1.47
N PHE A 461 -17.38 37.84 -2.64
CA PHE A 461 -18.05 36.62 -3.08
C PHE A 461 -17.04 35.50 -2.93
N GLU A 462 -17.22 34.66 -1.92
CA GLU A 462 -16.34 33.52 -1.76
C GLU A 462 -16.98 32.31 -2.43
N ILE A 463 -16.19 31.58 -3.19
CA ILE A 463 -16.66 30.63 -4.18
C ILE A 463 -16.02 29.27 -3.89
N THR A 464 -16.84 28.22 -3.83
CA THR A 464 -16.36 26.84 -3.81
C THR A 464 -17.09 26.09 -4.91
N GLN A 465 -16.36 25.36 -5.74
CA GLN A 465 -17.02 24.57 -6.78
C GLN A 465 -16.76 23.10 -6.45
N PRO A 466 -17.77 22.38 -5.95
CA PRO A 466 -17.53 20.99 -5.51
C PRO A 466 -17.29 20.08 -6.71
N PRO A 467 -16.57 18.98 -6.53
CA PRO A 467 -16.47 17.97 -7.60
C PRO A 467 -17.85 17.47 -7.98
N LEU A 468 -18.04 17.20 -9.26
CA LEU A 468 -19.36 16.89 -9.78
C LEU A 468 -19.32 15.53 -10.46
N LEU A 469 -20.32 14.71 -10.20
CA LEU A 469 -20.42 13.43 -10.88
C LEU A 469 -21.46 13.54 -12.00
N SER A 470 -21.57 12.49 -12.80
CA SER A 470 -22.45 12.56 -13.95
C SER A 470 -23.84 12.99 -13.54
N ILE A 471 -24.29 14.11 -14.12
CA ILE A 471 -25.38 14.90 -13.56
C ILE A 471 -26.63 14.05 -13.36
N SER A 472 -27.34 14.32 -12.27
CA SER A 472 -28.53 13.55 -11.89
C SER A 472 -29.77 14.41 -11.74
N SER A 473 -29.76 15.38 -10.82
CA SER A 473 -30.94 16.21 -10.52
C SER A 473 -31.33 17.06 -11.72
N ASP A 474 -32.52 16.81 -12.27
CA ASP A 474 -32.99 17.51 -13.46
C ASP A 474 -33.49 18.92 -13.16
N SER A 475 -33.51 19.33 -11.90
CA SER A 475 -33.94 20.67 -11.51
C SER A 475 -32.83 21.41 -10.78
N LEU A 476 -31.58 21.01 -11.03
CA LEU A 476 -30.46 21.63 -10.33
C LEU A 476 -30.23 23.06 -10.78
N LEU A 477 -30.31 23.35 -12.09
CA LEU A 477 -30.12 24.72 -12.53
C LEU A 477 -31.25 25.61 -12.06
N SER A 478 -32.47 25.08 -12.00
CA SER A 478 -33.61 25.81 -11.47
C SER A 478 -33.44 26.06 -9.97
N HIS A 479 -32.99 25.06 -9.21
CA HIS A 479 -32.78 25.27 -7.79
C HIS A 479 -31.65 26.25 -7.53
N VAL A 480 -30.60 26.20 -8.35
CA VAL A 480 -29.48 27.13 -8.21
C VAL A 480 -29.94 28.56 -8.48
N GLU A 481 -30.81 28.75 -9.47
CA GLU A 481 -31.23 30.11 -9.79
C GLU A 481 -32.08 30.72 -8.68
N GLN A 482 -32.86 29.89 -7.97
CA GLN A 482 -33.53 30.39 -6.76
C GLN A 482 -32.54 30.76 -5.67
N LEU A 483 -31.40 30.04 -5.57
CA LEU A 483 -30.42 30.44 -4.58
C LEU A 483 -29.72 31.73 -4.97
N LEU A 484 -29.44 31.91 -6.26
CA LEU A 484 -28.84 33.16 -6.71
C LEU A 484 -29.82 34.31 -6.57
N ALA A 485 -31.10 34.07 -6.85
CA ALA A 485 -32.11 35.10 -6.63
C ALA A 485 -32.08 35.63 -5.21
N ALA A 486 -31.83 34.77 -4.24
CA ALA A 486 -31.81 35.28 -2.87
C ALA A 486 -30.60 36.17 -2.65
N PHE A 487 -29.50 35.92 -3.35
CA PHE A 487 -28.36 36.83 -3.24
C PHE A 487 -28.72 38.20 -3.78
N ILE A 488 -29.46 38.24 -4.89
CA ILE A 488 -29.87 39.52 -5.44
C ILE A 488 -30.80 40.26 -4.48
N LEU A 489 -31.71 39.52 -3.82
CA LEU A 489 -32.61 40.18 -2.87
C LEU A 489 -31.83 40.75 -1.70
N LYS A 490 -30.87 40.00 -1.17
CA LYS A 490 -30.01 40.57 -0.12
C LYS A 490 -29.31 41.82 -0.58
N ILE A 491 -28.76 41.83 -1.80
CA ILE A 491 -28.04 43.03 -2.25
C ILE A 491 -28.98 44.21 -2.41
N SER A 492 -30.22 43.94 -2.86
CA SER A 492 -31.05 45.09 -3.19
C SER A 492 -31.71 45.73 -1.97
N VAL A 493 -31.59 45.13 -0.79
CA VAL A 493 -32.07 45.70 0.46
C VAL A 493 -30.91 45.90 1.45
N CYS A 494 -29.67 45.93 0.95
CA CYS A 494 -28.54 45.99 1.85
C CYS A 494 -28.18 47.42 2.27
N ASP A 495 -28.84 48.43 1.71
CA ASP A 495 -28.63 49.79 2.20
C ASP A 495 -29.13 49.94 3.63
N ALA A 496 -30.15 49.17 4.01
CA ALA A 496 -30.70 49.18 5.37
C ALA A 496 -29.76 48.60 6.40
N VAL A 497 -28.52 48.25 6.03
CA VAL A 497 -27.59 47.59 6.94
C VAL A 497 -26.21 48.24 6.81
N LEU A 498 -26.04 49.16 5.86
CA LEU A 498 -24.77 49.80 5.58
C LEU A 498 -24.90 51.31 5.61
N ASP A 499 -23.89 51.97 6.16
CA ASP A 499 -23.85 53.43 6.16
C ASP A 499 -23.64 53.97 4.76
N HIS A 500 -24.19 55.15 4.49
CA HIS A 500 -24.07 55.72 3.16
C HIS A 500 -22.60 56.01 2.85
N ASN A 501 -22.26 55.85 1.58
CA ASN A 501 -20.90 56.08 1.12
C ASN A 501 -20.64 57.57 0.95
N PRO A 502 -19.44 58.03 1.25
CA PRO A 502 -19.09 59.41 0.92
C PRO A 502 -19.21 59.62 -0.57
N PRO A 503 -19.55 60.85 -1.00
CA PRO A 503 -19.78 61.09 -2.43
C PRO A 503 -18.52 60.96 -3.26
N GLY A 504 -18.73 60.75 -4.57
CA GLY A 504 -17.64 60.65 -5.51
C GLY A 504 -16.85 59.35 -5.51
N CYS A 505 -17.49 58.22 -5.21
CA CYS A 505 -16.77 56.95 -5.17
C CYS A 505 -16.63 56.33 -6.55
N THR A 506 -15.59 55.52 -6.71
CA THR A 506 -15.46 54.66 -7.88
C THR A 506 -15.53 53.20 -7.42
N PHE A 507 -15.24 52.28 -8.34
CA PHE A 507 -15.31 50.88 -7.99
C PHE A 507 -14.28 50.12 -8.81
N THR A 508 -13.82 49.01 -8.27
CA THR A 508 -13.00 48.08 -9.03
C THR A 508 -13.36 46.65 -8.64
N VAL A 509 -12.71 45.68 -9.28
CA VAL A 509 -13.00 44.27 -9.07
C VAL A 509 -11.69 43.55 -8.79
N LEU A 510 -11.65 42.77 -7.71
CA LEU A 510 -10.49 41.95 -7.36
C LEU A 510 -10.82 40.47 -7.51
N VAL A 511 -9.85 39.69 -7.99
CA VAL A 511 -9.92 38.24 -8.01
C VAL A 511 -8.84 37.73 -7.06
N HIS A 512 -9.25 36.99 -6.03
CA HIS A 512 -8.31 36.18 -5.27
C HIS A 512 -8.23 34.80 -5.92
N THR A 513 -7.02 34.33 -6.16
CA THR A 513 -6.82 33.02 -6.73
C THR A 513 -6.46 32.01 -5.64
N ARG A 514 -6.66 30.73 -5.96
CA ARG A 514 -6.42 29.66 -4.99
C ARG A 514 -4.93 29.47 -4.73
N GLU A 515 -4.12 29.43 -5.79
CA GLU A 515 -2.68 29.30 -5.70
C GLU A 515 -2.00 30.61 -6.13
N ALA A 516 -0.67 30.57 -6.23
CA ALA A 516 0.10 31.74 -6.65
C ALA A 516 -0.38 32.25 -8.00
N ALA A 517 -0.87 33.49 -8.00
CA ALA A 517 -1.52 34.10 -9.16
C ALA A 517 -0.65 34.13 -10.41
N THR A 518 0.66 33.89 -10.28
CA THR A 518 1.58 33.99 -11.43
C THR A 518 1.28 32.94 -12.50
N ARG A 519 0.78 31.76 -12.13
CA ARG A 519 0.37 30.83 -13.18
C ARG A 519 -0.88 31.33 -13.90
N ASN A 520 -1.78 31.99 -13.17
CA ASN A 520 -2.99 32.55 -13.73
C ASN A 520 -2.76 33.89 -14.43
N MET A 521 -1.54 34.42 -14.37
CA MET A 521 -1.23 35.71 -15.01
C MET A 521 -1.37 35.64 -16.53
N GLU A 522 -1.15 34.48 -17.12
CA GLU A 522 -1.38 34.31 -18.55
C GLU A 522 -2.82 33.95 -18.86
N LYS A 523 -3.41 33.05 -18.07
CA LYS A 523 -4.75 32.59 -18.34
C LYS A 523 -5.79 33.71 -18.23
N ILE A 524 -5.50 34.75 -17.43
CA ILE A 524 -6.50 35.81 -17.26
C ILE A 524 -6.39 36.94 -18.28
N GLN A 525 -5.30 37.00 -19.06
CA GLN A 525 -5.16 38.02 -20.10
C GLN A 525 -5.91 37.56 -21.36
N VAL A 526 -7.24 37.60 -21.30
CA VAL A 526 -8.00 37.13 -22.47
C VAL A 526 -8.38 38.26 -23.42
N ILE A 527 -8.53 39.50 -22.95
CA ILE A 527 -8.97 40.60 -23.81
C ILE A 527 -7.79 41.48 -24.12
N LYS A 528 -7.57 41.74 -25.40
CA LYS A 528 -6.49 42.62 -25.81
C LYS A 528 -6.73 44.01 -25.26
N ASP A 529 -5.68 44.62 -24.71
CA ASP A 529 -5.75 45.99 -24.20
C ASP A 529 -6.59 46.09 -22.94
N PHE A 530 -6.73 44.98 -22.19
CA PHE A 530 -7.38 44.97 -20.87
C PHE A 530 -6.57 44.09 -19.94
N PRO A 531 -5.34 44.48 -19.62
CA PRO A 531 -4.49 43.64 -18.78
C PRO A 531 -4.87 43.67 -17.32
N TRP A 532 -4.45 42.60 -16.63
CA TRP A 532 -4.52 42.50 -15.18
C TRP A 532 -3.10 42.49 -14.60
N ILE A 533 -2.98 42.95 -13.36
CA ILE A 533 -1.69 42.92 -12.69
C ILE A 533 -1.86 42.36 -11.30
N LEU A 534 -0.73 41.99 -10.69
CA LEU A 534 -0.79 41.62 -9.28
C LEU A 534 -1.15 42.86 -8.47
N ALA A 535 -2.00 42.68 -7.47
CA ALA A 535 -2.53 43.83 -6.75
C ALA A 535 -1.53 44.32 -5.70
N ASP A 536 -1.47 45.65 -5.56
CA ASP A 536 -0.70 46.31 -4.52
C ASP A 536 -1.52 46.40 -3.24
N GLU A 537 -0.83 46.38 -2.10
CA GLU A 537 -1.56 46.40 -0.84
C GLU A 537 -2.43 47.64 -0.70
N GLN A 538 -2.02 48.76 -1.28
CA GLN A 538 -2.88 49.94 -1.27
C GLN A 538 -4.20 49.67 -1.99
N ASP A 539 -4.18 48.83 -3.02
CA ASP A 539 -5.39 48.55 -3.79
C ASP A 539 -6.38 47.71 -3.01
N VAL A 540 -5.94 47.00 -1.99
CA VAL A 540 -6.77 46.00 -1.34
C VAL A 540 -6.92 46.28 0.15
N HIS A 541 -5.91 46.89 0.78
CA HIS A 541 -5.90 46.98 2.25
C HIS A 541 -7.02 47.88 2.76
N MET A 542 -7.81 47.35 3.66
CA MET A 542 -8.94 48.04 4.26
C MET A 542 -8.56 48.47 5.66
N HIS A 543 -8.77 49.75 5.97
CA HIS A 543 -8.47 50.26 7.29
C HIS A 543 -9.65 49.95 8.22
N ASP A 544 -9.40 49.10 9.24
CA ASP A 544 -10.36 48.68 10.27
C ASP A 544 -11.69 48.21 9.69
N PRO A 545 -11.77 46.98 9.17
CA PRO A 545 -12.99 46.53 8.50
C PRO A 545 -14.01 45.90 9.44
N ARG A 546 -15.28 46.21 9.19
CA ARG A 546 -16.40 45.53 9.84
C ARG A 546 -17.04 44.58 8.85
N LEU A 547 -17.25 43.33 9.27
CA LEU A 547 -17.73 42.25 8.38
C LEU A 547 -19.21 42.02 8.62
N ILE A 548 -20.05 42.52 7.70
CA ILE A 548 -21.50 42.31 7.75
C ILE A 548 -21.81 41.12 6.84
N PRO A 549 -22.21 39.97 7.37
CA PRO A 549 -22.56 38.85 6.49
C PRO A 549 -23.86 39.15 5.75
N LEU A 550 -24.04 38.50 4.60
CA LEU A 550 -25.22 38.77 3.80
C LEU A 550 -25.96 37.51 3.36
N LYS A 551 -25.25 36.51 2.85
CA LYS A 551 -25.94 35.32 2.36
C LYS A 551 -24.94 34.19 2.19
N THR A 552 -25.43 32.98 2.39
CA THR A 552 -24.65 31.77 2.14
C THR A 552 -25.57 30.76 1.49
N MET A 553 -25.09 30.12 0.42
CA MET A 553 -25.82 29.04 -0.23
C MET A 553 -24.92 27.82 -0.37
N THR A 554 -25.55 26.64 -0.41
CA THR A 554 -24.88 25.38 -0.73
C THR A 554 -25.72 24.66 -1.77
N SER A 555 -25.06 24.10 -2.78
CA SER A 555 -25.75 23.28 -3.77
C SER A 555 -24.71 22.39 -4.42
N ASP A 556 -25.18 21.46 -5.25
CA ASP A 556 -24.28 20.48 -5.85
C ASP A 556 -23.19 21.13 -6.69
N ILE A 557 -23.50 22.20 -7.44
CA ILE A 557 -22.48 22.77 -8.31
C ILE A 557 -21.74 23.94 -7.69
N LEU A 558 -22.23 24.51 -6.58
CA LEU A 558 -21.68 25.79 -6.14
C LEU A 558 -22.03 26.05 -4.67
N LYS A 559 -21.00 26.33 -3.87
CA LYS A 559 -21.12 26.86 -2.53
C LYS A 559 -20.56 28.27 -2.53
N MET A 560 -21.31 29.23 -1.99
CA MET A 560 -20.92 30.64 -2.09
C MET A 560 -21.34 31.43 -0.85
N GLN A 561 -20.43 32.27 -0.35
CA GLN A 561 -20.74 33.20 0.71
C GLN A 561 -20.54 34.63 0.21
N LEU A 562 -21.53 35.49 0.45
CA LEU A 562 -21.43 36.92 0.17
C LEU A 562 -21.42 37.68 1.50
N TYR A 563 -20.34 38.40 1.77
CA TYR A 563 -20.32 39.30 2.91
C TYR A 563 -19.71 40.62 2.49
N VAL A 564 -19.91 41.65 3.31
CA VAL A 564 -19.45 43.01 3.01
C VAL A 564 -18.44 43.45 4.07
N GLU A 565 -17.28 43.94 3.62
CA GLU A 565 -16.33 44.61 4.51
C GLU A 565 -16.56 46.11 4.41
N GLU A 566 -16.93 46.73 5.53
CA GLU A 566 -17.16 48.16 5.59
C GLU A 566 -16.24 48.78 6.63
N ARG A 567 -15.63 49.92 6.29
CA ARG A 567 -14.73 50.56 7.24
C ARG A 567 -15.55 51.35 8.25
N ALA A 568 -15.07 51.37 9.49
CA ALA A 568 -15.86 51.84 10.63
C ALA A 568 -16.51 53.20 10.36
N HIS A 569 -15.70 54.20 10.02
CA HIS A 569 -16.18 55.56 9.81
C HIS A 569 -15.91 55.97 8.37
N LYS A 570 -16.97 56.11 7.57
CA LYS A 570 -16.82 56.35 6.15
C LYS A 570 -16.78 57.84 5.79
N GLY A 571 -17.27 58.71 6.67
CA GLY A 571 -17.29 60.13 6.39
C GLY A 571 -18.45 60.81 7.08
N SER A 607 -0.27 38.56 -3.36
CA SER A 607 0.32 37.45 -4.11
C SER A 607 -0.74 36.63 -4.81
N ASN A 608 -1.88 36.42 -4.14
CA ASN A 608 -2.98 35.70 -4.75
C ASN A 608 -4.10 36.63 -5.23
N ILE A 609 -3.80 37.90 -5.47
CA ILE A 609 -4.80 38.93 -5.75
C ILE A 609 -4.50 39.58 -7.09
N LEU A 610 -5.48 39.53 -7.98
CA LEU A 610 -5.39 40.10 -9.32
C LEU A 610 -6.40 41.24 -9.42
N ILE A 611 -6.00 42.32 -10.09
CA ILE A 611 -6.87 43.49 -10.29
C ILE A 611 -6.66 43.98 -11.72
N PRO A 612 -7.70 44.45 -12.42
CA PRO A 612 -7.46 45.05 -13.74
C PRO A 612 -6.58 46.30 -13.63
N GLU A 613 -5.72 46.49 -14.63
CA GLU A 613 -4.91 47.70 -14.68
C GLU A 613 -5.80 48.91 -14.92
N LEU A 614 -6.78 48.77 -15.80
CA LEU A 614 -7.62 49.91 -16.17
C LEU A 614 -8.66 50.20 -15.09
N LYS A 615 -9.02 51.49 -15.01
CA LYS A 615 -10.05 51.99 -14.11
C LYS A 615 -11.37 52.14 -14.83
N ALA A 616 -12.44 51.94 -14.06
CA ALA A 616 -13.80 52.10 -14.56
C ALA A 616 -14.06 53.55 -14.94
N PRO A 617 -14.98 53.81 -15.87
CA PRO A 617 -15.27 55.20 -16.24
C PRO A 617 -15.91 55.92 -15.07
N LYS A 618 -15.32 57.06 -14.67
CA LYS A 618 -15.68 57.77 -13.45
C LYS A 618 -17.08 58.37 -13.54
N SER A 619 -17.68 58.57 -12.38
CA SER A 619 -19.02 59.19 -12.28
C SER A 619 -18.91 60.68 -11.96
N ILE B 3 -38.87 16.71 2.21
CA ILE B 3 -39.42 16.72 0.86
C ILE B 3 -38.83 17.88 0.05
N GLU B 4 -38.65 19.05 0.68
CA GLU B 4 -38.17 20.24 -0.03
C GLU B 4 -36.66 20.22 -0.22
N GLU B 5 -36.22 20.47 -1.45
CA GLU B 5 -34.80 20.51 -1.76
C GLU B 5 -34.14 21.72 -1.10
N GLY B 6 -32.95 21.51 -0.55
CA GLY B 6 -32.18 22.61 0.03
C GLY B 6 -32.42 22.89 1.50
N LYS B 7 -33.24 22.09 2.19
CA LYS B 7 -33.48 22.19 3.62
C LYS B 7 -33.47 20.79 4.22
N LEU B 8 -33.17 20.69 5.52
CA LEU B 8 -33.15 19.42 6.21
C LEU B 8 -34.25 19.37 7.25
N VAL B 9 -35.01 18.28 7.26
CA VAL B 9 -36.03 18.01 8.26
C VAL B 9 -35.61 16.78 9.04
N ILE B 10 -35.50 16.90 10.36
CA ILE B 10 -35.01 15.83 11.22
C ILE B 10 -36.10 15.43 12.22
N TRP B 11 -36.35 14.12 12.33
CA TRP B 11 -37.27 13.55 13.31
C TRP B 11 -36.52 12.77 14.38
N ILE B 12 -36.81 13.08 15.64
CA ILE B 12 -36.21 12.40 16.77
C ILE B 12 -37.26 12.35 17.86
N ASN B 13 -37.13 11.41 18.76
CA ASN B 13 -38.15 11.25 19.79
C ASN B 13 -38.08 12.36 20.83
N GLY B 14 -39.24 12.69 21.39
CA GLY B 14 -39.38 13.75 22.38
C GLY B 14 -38.57 13.56 23.65
N ASP B 15 -38.26 12.32 24.02
CA ASP B 15 -37.44 12.10 25.19
C ASP B 15 -35.94 12.25 24.94
N LYS B 16 -35.53 12.59 23.71
CA LYS B 16 -34.12 12.83 23.36
C LYS B 16 -33.83 14.33 23.34
N GLY B 17 -32.54 14.68 23.30
CA GLY B 17 -32.14 16.07 23.36
C GLY B 17 -32.37 16.89 22.10
N TYR B 18 -33.63 17.10 21.70
CA TYR B 18 -33.91 17.71 20.40
C TYR B 18 -33.52 19.18 20.34
N ASN B 19 -33.47 19.90 21.46
CA ASN B 19 -32.98 21.28 21.43
C ASN B 19 -31.47 21.32 21.21
N GLY B 20 -30.75 20.36 21.80
CA GLY B 20 -29.34 20.24 21.49
C GLY B 20 -29.14 20.00 20.00
N LEU B 21 -29.97 19.14 19.42
CA LEU B 21 -29.82 18.81 18.00
C LEU B 21 -30.19 19.99 17.11
N ALA B 22 -31.13 20.83 17.58
CA ALA B 22 -31.44 22.06 16.87
C ALA B 22 -30.27 23.03 16.89
N GLU B 23 -29.50 23.05 17.99
CA GLU B 23 -28.32 23.91 18.04
C GLU B 23 -27.25 23.42 17.07
N VAL B 24 -27.09 22.10 16.93
CA VAL B 24 -26.21 21.58 15.89
C VAL B 24 -26.70 22.04 14.52
N GLY B 25 -28.02 21.93 14.29
CA GLY B 25 -28.58 22.39 13.02
C GLY B 25 -28.43 23.88 12.79
N LYS B 26 -28.52 24.68 13.84
CA LYS B 26 -28.30 26.12 13.67
C LYS B 26 -26.86 26.41 13.26
N LYS B 27 -25.90 25.66 13.81
CA LYS B 27 -24.52 25.86 13.38
C LYS B 27 -24.36 25.51 11.91
N PHE B 28 -24.99 24.42 11.48
CA PHE B 28 -24.95 23.99 10.08
C PHE B 28 -25.52 25.08 9.17
N GLU B 29 -26.64 25.68 9.58
CA GLU B 29 -27.23 26.75 8.79
C GLU B 29 -26.30 27.96 8.70
N LYS B 30 -25.56 28.25 9.78
CA LYS B 30 -24.63 29.39 9.73
C LYS B 30 -23.50 29.15 8.74
N ASP B 31 -23.08 27.90 8.57
CA ASP B 31 -21.91 27.56 7.77
C ASP B 31 -22.25 27.25 6.33
N THR B 32 -23.49 26.91 6.06
CA THR B 32 -23.89 26.38 4.76
C THR B 32 -25.08 27.09 4.16
N GLY B 33 -25.90 27.77 4.95
CA GLY B 33 -27.15 28.33 4.48
C GLY B 33 -28.31 27.36 4.44
N ILE B 34 -28.10 26.11 4.83
CA ILE B 34 -29.14 25.09 4.79
C ILE B 34 -29.96 25.16 6.08
N LYS B 35 -31.26 25.39 5.96
CA LYS B 35 -32.11 25.41 7.14
C LYS B 35 -32.34 23.99 7.65
N VAL B 36 -32.14 23.79 8.95
CA VAL B 36 -32.29 22.49 9.61
C VAL B 36 -33.43 22.62 10.61
N THR B 37 -34.51 21.87 10.38
CA THR B 37 -35.67 21.88 11.27
C THR B 37 -35.81 20.52 11.95
N VAL B 38 -35.72 20.52 13.27
CA VAL B 38 -35.83 19.31 14.07
C VAL B 38 -37.25 19.24 14.64
N GLU B 39 -37.94 18.14 14.36
CA GLU B 39 -39.27 17.92 14.89
C GLU B 39 -39.29 16.64 15.72
N HIS B 40 -40.17 16.60 16.71
CA HIS B 40 -40.35 15.43 17.54
C HIS B 40 -41.82 15.11 17.60
N PRO B 41 -42.41 14.68 16.49
CA PRO B 41 -43.83 14.34 16.47
C PRO B 41 -44.14 13.11 17.30
N ASP B 42 -45.42 12.95 17.61
CA ASP B 42 -45.90 11.79 18.35
C ASP B 42 -45.81 10.54 17.47
N LYS B 43 -45.36 9.44 18.06
CA LYS B 43 -45.36 8.12 17.43
C LYS B 43 -44.68 8.15 16.06
N LEU B 44 -43.51 8.77 16.02
CA LEU B 44 -42.81 8.99 14.75
C LEU B 44 -42.29 7.70 14.15
N GLU B 45 -42.10 6.66 14.97
CA GLU B 45 -41.54 5.41 14.46
C GLU B 45 -42.57 4.62 13.66
N GLU B 46 -43.86 4.83 13.94
CA GLU B 46 -44.91 4.26 13.10
C GLU B 46 -45.48 5.25 12.10
N LYS B 47 -45.23 6.55 12.28
CA LYS B 47 -45.58 7.57 11.29
C LYS B 47 -44.59 7.58 10.11
N PHE B 48 -43.33 7.20 10.34
CA PHE B 48 -42.35 7.19 9.25
C PHE B 48 -42.69 6.19 8.15
N PRO B 49 -43.06 4.94 8.43
CA PRO B 49 -43.36 4.02 7.32
C PRO B 49 -44.60 4.42 6.54
N GLN B 50 -45.55 5.13 7.17
CA GLN B 50 -46.81 5.48 6.53
C GLN B 50 -46.74 6.78 5.74
N VAL B 51 -45.82 7.68 6.09
CA VAL B 51 -45.69 8.95 5.38
C VAL B 51 -44.51 8.98 4.41
N ALA B 52 -43.54 8.08 4.58
CA ALA B 52 -42.51 7.92 3.56
C ALA B 52 -42.90 6.90 2.50
N ALA B 53 -43.90 6.05 2.79
CA ALA B 53 -44.53 5.27 1.75
C ALA B 53 -45.27 6.17 0.76
N THR B 54 -45.82 7.29 1.24
CA THR B 54 -46.38 8.29 0.35
C THR B 54 -45.31 9.16 -0.29
N GLY B 55 -44.10 9.19 0.29
CA GLY B 55 -42.99 9.95 -0.26
C GLY B 55 -42.65 11.25 0.47
N ASP B 56 -43.22 11.51 1.63
CA ASP B 56 -42.89 12.67 2.43
C ASP B 56 -41.95 12.24 3.58
N GLY B 57 -42.19 12.65 4.81
CA GLY B 57 -41.33 12.26 5.90
C GLY B 57 -40.17 13.21 6.01
N PRO B 58 -39.27 12.97 6.97
CA PRO B 58 -38.15 13.87 7.17
C PRO B 58 -36.97 13.45 6.29
N ASP B 59 -35.94 14.27 6.32
CA ASP B 59 -34.69 13.89 5.68
C ASP B 59 -33.95 12.88 6.54
N ILE B 60 -33.95 13.08 7.86
CA ILE B 60 -33.19 12.28 8.81
C ILE B 60 -34.14 11.80 9.90
N ILE B 61 -34.12 10.50 10.20
CA ILE B 61 -34.90 9.92 11.27
C ILE B 61 -33.94 9.33 12.30
N PHE B 62 -34.15 9.68 13.56
CA PHE B 62 -33.44 9.06 14.68
C PHE B 62 -34.36 8.07 15.36
N TRP B 63 -33.90 6.84 15.52
CA TRP B 63 -34.62 5.84 16.29
C TRP B 63 -33.67 4.71 16.66
N ALA B 64 -34.14 3.84 17.57
CA ALA B 64 -33.40 2.62 17.90
C ALA B 64 -33.21 1.79 16.63
N HIS B 65 -32.02 1.22 16.48
CA HIS B 65 -31.63 0.63 15.19
C HIS B 65 -32.55 -0.50 14.75
N ASP B 66 -33.14 -1.25 15.69
CA ASP B 66 -33.87 -2.47 15.34
C ASP B 66 -35.15 -2.20 14.55
N ARG B 67 -35.71 -0.99 14.62
CA ARG B 67 -36.85 -0.64 13.77
C ARG B 67 -36.46 -0.32 12.33
N PHE B 68 -35.16 -0.18 12.04
CA PHE B 68 -34.70 0.21 10.71
C PHE B 68 -34.57 -0.98 9.75
N GLY B 69 -34.54 -2.22 10.27
CA GLY B 69 -34.60 -3.36 9.37
C GLY B 69 -35.86 -3.38 8.53
N GLY B 70 -37.01 -3.12 9.15
CA GLY B 70 -38.25 -3.07 8.41
C GLY B 70 -38.33 -1.90 7.45
N TYR B 71 -37.71 -0.76 7.82
CA TYR B 71 -37.67 0.37 6.90
C TYR B 71 -36.88 0.03 5.65
N ALA B 72 -35.71 -0.59 5.82
CA ALA B 72 -34.87 -0.93 4.67
C ALA B 72 -35.59 -1.91 3.75
N GLN B 73 -36.09 -3.02 4.30
CA GLN B 73 -36.84 -4.01 3.52
C GLN B 73 -38.08 -3.40 2.87
N SER B 74 -38.59 -2.29 3.42
CA SER B 74 -39.69 -1.54 2.83
C SER B 74 -39.21 -0.49 1.84
N GLY B 75 -37.90 -0.43 1.60
CA GLY B 75 -37.32 0.53 0.66
C GLY B 75 -37.40 1.99 1.07
N LEU B 76 -37.59 2.28 2.36
CA LEU B 76 -37.75 3.63 2.87
C LEU B 76 -36.43 4.31 3.28
N LEU B 77 -35.33 3.60 3.33
CA LEU B 77 -34.05 4.15 3.75
C LEU B 77 -33.06 4.13 2.60
N ALA B 78 -32.21 5.13 2.56
CA ALA B 78 -31.13 5.19 1.60
C ALA B 78 -29.90 4.49 2.18
N GLU B 79 -29.10 3.91 1.29
CA GLU B 79 -27.81 3.37 1.69
C GLU B 79 -26.86 4.53 1.99
N ILE B 80 -26.27 4.52 3.14
CA ILE B 80 -25.29 5.56 3.49
C ILE B 80 -23.92 5.10 3.05
N THR B 81 -23.07 6.06 2.67
CA THR B 81 -21.75 5.79 2.08
C THR B 81 -20.61 6.43 2.86
N PRO B 82 -20.46 6.11 4.15
CA PRO B 82 -19.32 6.66 4.89
C PRO B 82 -18.01 6.07 4.38
N ALA B 83 -17.05 6.95 4.12
CA ALA B 83 -15.71 6.53 3.75
C ALA B 83 -15.04 5.86 4.94
N ALA B 84 -14.10 4.95 4.63
CA ALA B 84 -13.44 4.17 5.66
C ALA B 84 -12.85 5.05 6.75
N ALA B 85 -12.35 6.24 6.40
CA ALA B 85 -11.79 7.15 7.39
C ALA B 85 -12.83 7.54 8.42
N PHE B 86 -14.09 7.69 8.00
CA PHE B 86 -15.09 8.08 8.97
C PHE B 86 -15.52 6.89 9.82
N GLN B 87 -15.69 5.72 9.18
CA GLN B 87 -16.09 4.52 9.90
C GLN B 87 -15.10 4.19 11.01
N ASP B 88 -13.82 4.47 10.77
CA ASP B 88 -12.83 4.21 11.80
C ASP B 88 -12.99 5.13 13.01
N LYS B 89 -13.80 6.20 12.90
CA LYS B 89 -14.01 7.10 14.03
C LYS B 89 -15.06 6.59 15.02
N LEU B 90 -15.85 5.58 14.66
CA LEU B 90 -16.86 4.97 15.52
C LEU B 90 -16.39 3.58 15.96
N TYR B 91 -16.90 3.12 17.11
CA TYR B 91 -16.52 1.80 17.60
C TYR B 91 -16.96 0.74 16.61
N PRO B 92 -16.07 -0.16 16.17
CA PRO B 92 -16.40 -1.02 15.01
C PRO B 92 -17.65 -1.85 15.20
N PHE B 93 -17.90 -2.35 16.41
CA PHE B 93 -19.09 -3.15 16.63
C PHE B 93 -20.38 -2.39 16.38
N THR B 94 -20.36 -1.04 16.40
CA THR B 94 -21.60 -0.31 16.20
C THR B 94 -22.05 -0.29 14.75
N TRP B 95 -21.15 -0.53 13.78
CA TRP B 95 -21.58 -0.56 12.39
C TRP B 95 -22.35 -1.82 12.06
N ASP B 96 -22.14 -2.90 12.83
CA ASP B 96 -22.92 -4.12 12.66
C ASP B 96 -24.38 -3.96 13.06
N ALA B 97 -24.73 -2.90 13.82
CA ALA B 97 -26.13 -2.68 14.19
C ALA B 97 -26.93 -1.98 13.10
N VAL B 98 -26.28 -1.42 12.09
CA VAL B 98 -26.98 -0.61 11.10
C VAL B 98 -26.84 -1.20 9.69
N ARG B 99 -26.60 -2.50 9.58
CA ARG B 99 -26.56 -3.17 8.28
C ARG B 99 -27.86 -3.92 8.03
N TYR B 100 -28.34 -3.84 6.81
CA TYR B 100 -29.41 -4.69 6.30
C TYR B 100 -28.91 -5.29 5.01
N ASN B 101 -28.86 -6.63 4.95
CA ASN B 101 -28.44 -7.30 3.73
C ASN B 101 -27.02 -6.86 3.34
N GLY B 102 -26.16 -6.70 4.35
CA GLY B 102 -24.78 -6.37 4.13
C GLY B 102 -24.46 -4.88 4.02
N LYS B 103 -25.44 -4.06 3.64
CA LYS B 103 -25.19 -2.65 3.31
C LYS B 103 -25.59 -1.69 4.44
N LEU B 104 -24.73 -0.70 4.69
CA LEU B 104 -24.98 0.31 5.71
C LEU B 104 -26.25 1.11 5.42
N ILE B 105 -27.11 1.28 6.44
CA ILE B 105 -28.35 2.00 6.24
C ILE B 105 -28.60 3.07 7.31
N ALA B 106 -27.63 3.28 8.21
CA ALA B 106 -27.82 4.32 9.23
C ALA B 106 -26.49 4.62 9.90
N TYR B 107 -26.44 5.79 10.60
CA TYR B 107 -25.26 6.17 11.37
C TYR B 107 -25.49 5.82 12.83
N PRO B 108 -24.57 5.11 13.48
CA PRO B 108 -24.72 4.86 14.92
C PRO B 108 -24.43 6.11 15.70
N ILE B 109 -25.21 6.35 16.76
CA ILE B 109 -25.05 7.54 17.59
C ILE B 109 -24.72 7.18 19.02
N ALA B 110 -25.60 6.43 19.68
CA ALA B 110 -25.44 6.08 21.09
C ALA B 110 -25.73 4.60 21.28
N VAL B 111 -25.16 4.07 22.36
CA VAL B 111 -25.16 2.64 22.62
C VAL B 111 -25.71 2.39 24.02
N GLU B 112 -26.50 1.32 24.16
CA GLU B 112 -27.12 0.99 25.43
C GLU B 112 -27.09 -0.52 25.70
N ALA B 113 -26.68 -0.89 26.90
CA ALA B 113 -26.74 -2.28 27.37
C ALA B 113 -26.89 -2.30 28.89
N LEU B 114 -27.17 -3.48 29.42
CA LEU B 114 -27.29 -3.68 30.86
C LEU B 114 -25.91 -3.75 31.51
N SER B 115 -25.89 -3.52 32.83
CA SER B 115 -24.66 -3.60 33.60
C SER B 115 -24.94 -4.24 34.93
N LEU B 116 -23.88 -4.61 35.64
CA LEU B 116 -24.02 -5.06 37.01
C LEU B 116 -24.03 -3.86 37.96
N ILE B 117 -25.06 -3.76 38.79
CA ILE B 117 -25.24 -2.66 39.72
C ILE B 117 -25.16 -3.22 41.13
N TYR B 118 -24.21 -2.71 41.91
CA TYR B 118 -23.96 -3.25 43.24
C TYR B 118 -24.01 -2.17 44.30
N ASN B 119 -24.23 -2.62 45.53
CA ASN B 119 -24.21 -1.78 46.72
C ASN B 119 -22.78 -1.79 47.27
N LYS B 120 -22.15 -0.62 47.28
CA LYS B 120 -20.75 -0.54 47.71
C LYS B 120 -20.60 -0.77 49.21
N ASP B 121 -21.64 -0.49 50.00
CA ASP B 121 -21.57 -0.72 51.44
C ASP B 121 -21.64 -2.21 51.76
N LEU B 122 -22.57 -2.93 51.12
CA LEU B 122 -22.72 -4.36 51.39
C LEU B 122 -21.71 -5.20 50.63
N LEU B 123 -21.15 -4.68 49.54
CA LEU B 123 -20.25 -5.46 48.70
C LEU B 123 -19.24 -4.51 48.06
N PRO B 124 -18.14 -4.21 48.77
CA PRO B 124 -17.15 -3.31 48.19
C PRO B 124 -16.50 -3.88 46.94
N ASN B 125 -16.36 -5.20 46.87
CA ASN B 125 -15.69 -5.87 45.76
C ASN B 125 -16.69 -6.78 45.04
N PRO B 126 -17.19 -6.38 43.87
CA PRO B 126 -18.21 -7.18 43.18
C PRO B 126 -17.59 -8.43 42.56
N PRO B 127 -18.35 -9.53 42.52
CA PRO B 127 -17.82 -10.77 41.97
C PRO B 127 -17.63 -10.67 40.46
N LYS B 128 -16.59 -11.34 39.97
CA LYS B 128 -16.28 -11.32 38.55
C LYS B 128 -16.85 -12.50 37.79
N THR B 129 -17.19 -13.57 38.49
CA THR B 129 -17.81 -14.74 37.88
C THR B 129 -19.21 -14.90 38.45
N TRP B 130 -20.11 -15.43 37.63
CA TRP B 130 -21.40 -15.85 38.18
C TRP B 130 -21.21 -16.95 39.21
N GLU B 131 -20.19 -17.80 39.04
CA GLU B 131 -20.05 -19.02 39.83
C GLU B 131 -19.86 -18.75 41.32
N GLU B 132 -19.34 -17.58 41.69
CA GLU B 132 -19.12 -17.27 43.10
C GLU B 132 -20.33 -16.65 43.79
N ILE B 133 -21.42 -16.43 43.06
CA ILE B 133 -22.60 -15.79 43.64
C ILE B 133 -23.32 -16.73 44.62
N PRO B 134 -23.40 -18.05 44.38
CA PRO B 134 -23.93 -18.93 45.45
C PRO B 134 -23.21 -18.78 46.79
N ALA B 135 -21.88 -18.91 46.79
CA ALA B 135 -21.12 -18.61 48.00
C ALA B 135 -21.48 -17.24 48.56
N LEU B 136 -21.37 -16.21 47.71
CA LEU B 136 -21.64 -14.83 48.13
C LEU B 136 -23.00 -14.73 48.79
N ASP B 137 -24.01 -15.36 48.20
CA ASP B 137 -25.35 -15.23 48.74
C ASP B 137 -25.49 -15.96 50.07
N LYS B 138 -24.81 -17.11 50.21
CA LYS B 138 -24.75 -17.77 51.51
C LYS B 138 -24.27 -16.80 52.59
N GLU B 139 -23.11 -16.18 52.36
CA GLU B 139 -22.56 -15.22 53.33
C GLU B 139 -23.53 -14.09 53.64
N LEU B 140 -24.18 -13.52 52.62
CA LEU B 140 -25.11 -12.43 52.88
C LEU B 140 -26.41 -12.90 53.50
N LYS B 141 -26.76 -14.19 53.37
CA LYS B 141 -27.95 -14.71 54.05
C LYS B 141 -27.77 -14.68 55.56
N ALA B 142 -26.56 -14.99 56.04
CA ALA B 142 -26.31 -14.90 57.47
C ALA B 142 -26.54 -13.49 57.97
N LYS B 143 -26.31 -12.50 57.11
CA LYS B 143 -26.33 -11.09 57.47
C LYS B 143 -27.69 -10.43 57.30
N GLY B 144 -28.72 -11.21 56.96
CA GLY B 144 -30.04 -10.66 56.67
C GLY B 144 -30.27 -10.15 55.25
N LYS B 145 -29.29 -10.28 54.35
CA LYS B 145 -29.37 -9.72 52.99
C LYS B 145 -29.38 -10.86 51.97
N SER B 146 -29.15 -10.50 50.70
CA SER B 146 -28.96 -11.45 49.61
C SER B 146 -27.97 -10.89 48.61
N ALA B 147 -27.47 -11.77 47.75
CA ALA B 147 -26.45 -11.35 46.79
C ALA B 147 -27.02 -10.56 45.62
N LEU B 148 -28.12 -11.04 45.03
CA LEU B 148 -28.51 -10.57 43.70
C LEU B 148 -30.00 -10.76 43.47
N MET B 149 -30.69 -9.66 43.15
CA MET B 149 -32.08 -9.70 42.68
C MET B 149 -32.19 -8.91 41.39
N PHE B 150 -32.80 -9.51 40.36
CA PHE B 150 -33.05 -8.81 39.11
C PHE B 150 -34.27 -9.40 38.43
N ASN B 151 -34.79 -8.69 37.43
CA ASN B 151 -36.02 -9.08 36.75
C ASN B 151 -35.86 -10.43 36.04
N LEU B 152 -36.56 -11.45 36.51
CA LEU B 152 -36.55 -12.76 35.87
C LEU B 152 -37.75 -12.99 34.99
N GLN B 153 -38.69 -12.03 34.96
CA GLN B 153 -39.92 -12.16 34.17
C GLN B 153 -39.73 -11.84 32.70
N GLU B 154 -38.68 -11.11 32.34
CA GLU B 154 -38.51 -10.65 30.99
C GLU B 154 -37.19 -11.15 30.44
N PRO B 155 -37.18 -11.72 29.24
CA PRO B 155 -35.95 -12.34 28.76
C PRO B 155 -34.85 -11.34 28.42
N TYR B 156 -35.17 -10.06 28.23
CA TYR B 156 -34.11 -9.06 28.08
C TYR B 156 -33.10 -9.14 29.20
N PHE B 157 -33.58 -9.30 30.44
CA PHE B 157 -32.74 -9.26 31.64
C PHE B 157 -32.01 -10.56 31.92
N THR B 158 -32.57 -11.73 31.52
CA THR B 158 -31.93 -13.02 31.75
C THR B 158 -31.00 -13.44 30.63
N TRP B 159 -31.24 -12.91 29.43
CA TRP B 159 -30.39 -13.23 28.28
C TRP B 159 -28.90 -13.06 28.52
N PRO B 160 -28.40 -12.06 29.25
CA PRO B 160 -26.93 -11.92 29.36
C PRO B 160 -26.26 -13.19 29.81
N LEU B 161 -26.89 -13.89 30.76
CA LEU B 161 -26.39 -15.12 31.34
C LEU B 161 -26.60 -16.32 30.42
N ILE B 162 -27.80 -16.44 29.84
CA ILE B 162 -28.15 -17.53 28.92
C ILE B 162 -27.30 -17.53 27.67
N ALA B 163 -26.89 -16.36 27.20
CA ALA B 163 -26.09 -16.23 25.99
C ALA B 163 -24.60 -16.33 26.26
N ALA B 164 -24.19 -16.22 27.52
CA ALA B 164 -22.78 -16.07 27.86
C ALA B 164 -21.91 -17.17 27.26
N ASP B 165 -22.40 -18.41 27.26
CA ASP B 165 -21.60 -19.57 26.88
C ASP B 165 -21.94 -20.09 25.50
N GLY B 166 -22.67 -19.31 24.71
CA GLY B 166 -22.86 -19.68 23.32
C GLY B 166 -24.24 -19.43 22.77
N GLY B 167 -25.21 -19.07 23.60
CA GLY B 167 -26.52 -18.75 23.08
C GLY B 167 -26.50 -17.48 22.26
N TYR B 168 -27.44 -17.38 21.33
CA TYR B 168 -27.62 -16.19 20.51
C TYR B 168 -29.02 -16.24 19.94
N ALA B 169 -29.50 -15.09 19.47
CA ALA B 169 -30.83 -14.99 18.89
C ALA B 169 -30.78 -15.49 17.44
N PHE B 170 -30.30 -14.65 16.51
CA PHE B 170 -30.08 -15.07 15.14
C PHE B 170 -28.63 -14.85 14.76
N LYS B 171 -28.08 -15.81 14.01
CA LYS B 171 -26.67 -15.76 13.64
C LYS B 171 -26.37 -14.62 12.68
N TYR B 172 -25.38 -13.81 13.03
CA TYR B 172 -24.92 -12.70 12.21
C TYR B 172 -23.62 -13.12 11.53
N ALA B 173 -23.57 -13.05 10.21
CA ALA B 173 -22.33 -13.30 9.48
C ALA B 173 -22.31 -12.49 8.19
N ALA B 174 -21.12 -11.96 7.86
CA ALA B 174 -20.92 -11.16 6.66
C ALA B 174 -21.96 -10.03 6.57
N GLY B 175 -22.24 -9.41 7.71
CA GLY B 175 -23.17 -8.30 7.73
C GLY B 175 -24.64 -8.62 7.51
N LYS B 176 -25.02 -9.90 7.59
CA LYS B 176 -26.40 -10.35 7.36
C LYS B 176 -26.86 -11.26 8.50
N TYR B 177 -28.17 -11.34 8.69
CA TYR B 177 -28.75 -12.30 9.61
C TYR B 177 -29.25 -13.51 8.82
N ASP B 178 -29.04 -14.70 9.38
CA ASP B 178 -29.64 -15.93 8.87
C ASP B 178 -30.95 -16.18 9.65
N ILE B 179 -32.11 -15.95 9.01
CA ILE B 179 -33.40 -16.04 9.71
C ILE B 179 -33.77 -17.48 10.03
N LYS B 180 -32.89 -18.41 9.65
CA LYS B 180 -33.05 -19.85 9.84
C LYS B 180 -32.32 -20.37 11.07
N ASP B 181 -31.26 -19.68 11.50
CA ASP B 181 -30.30 -20.18 12.49
C ASP B 181 -30.50 -19.43 13.81
N VAL B 182 -31.19 -20.08 14.74
CA VAL B 182 -31.47 -19.51 16.04
C VAL B 182 -30.64 -20.27 17.07
N GLY B 183 -30.20 -19.57 18.11
CA GLY B 183 -29.28 -20.18 19.05
C GLY B 183 -29.81 -20.32 20.46
N VAL B 184 -31.07 -20.69 20.61
CA VAL B 184 -31.65 -20.70 21.95
C VAL B 184 -31.62 -22.06 22.63
N ASP B 185 -31.39 -23.14 21.89
CA ASP B 185 -31.33 -24.44 22.56
C ASP B 185 -30.04 -25.21 22.25
N ASN B 186 -28.96 -24.50 21.95
CA ASN B 186 -27.64 -25.10 21.90
C ASN B 186 -27.09 -25.26 23.31
N ALA B 187 -25.87 -25.82 23.38
CA ALA B 187 -25.35 -26.22 24.68
C ALA B 187 -25.10 -25.01 25.58
N GLY B 188 -24.63 -23.91 25.00
CA GLY B 188 -24.36 -22.73 25.82
C GLY B 188 -25.61 -22.14 26.42
N ALA B 189 -26.67 -22.01 25.62
CA ALA B 189 -27.95 -21.55 26.16
C ALA B 189 -28.44 -22.47 27.27
N LYS B 190 -28.30 -23.79 27.10
CA LYS B 190 -28.72 -24.73 28.14
C LYS B 190 -27.86 -24.59 29.39
N ALA B 191 -26.54 -24.51 29.23
CA ALA B 191 -25.68 -24.33 30.41
C ALA B 191 -26.05 -23.05 31.17
N GLY B 192 -26.34 -21.98 30.44
CA GLY B 192 -26.71 -20.73 31.09
C GLY B 192 -28.06 -20.77 31.75
N LEU B 193 -29.07 -21.25 31.01
CA LEU B 193 -30.39 -21.37 31.62
C LEU B 193 -30.39 -22.38 32.76
N THR B 194 -29.56 -23.42 32.67
CA THR B 194 -29.46 -24.36 33.79
C THR B 194 -28.94 -23.67 35.04
N PHE B 195 -27.84 -22.92 34.89
CA PHE B 195 -27.25 -22.24 36.05
C PHE B 195 -28.24 -21.28 36.68
N LEU B 196 -29.09 -20.66 35.87
CA LEU B 196 -30.08 -19.74 36.41
C LEU B 196 -31.13 -20.50 37.21
N VAL B 197 -31.61 -21.62 36.67
CA VAL B 197 -32.59 -22.43 37.38
C VAL B 197 -31.99 -22.96 38.68
N ASP B 198 -30.71 -23.37 38.63
CA ASP B 198 -30.10 -23.94 39.84
C ASP B 198 -29.92 -22.89 40.94
N LEU B 199 -29.67 -21.63 40.57
CA LEU B 199 -29.74 -20.55 41.56
C LEU B 199 -31.11 -20.49 42.21
N ILE B 200 -32.18 -20.68 41.42
CA ILE B 200 -33.51 -20.65 42.01
C ILE B 200 -33.77 -21.88 42.87
N LYS B 201 -33.23 -23.04 42.48
CA LYS B 201 -33.43 -24.25 43.27
C LYS B 201 -32.73 -24.15 44.61
N ASN B 202 -31.52 -23.61 44.64
CA ASN B 202 -30.83 -23.43 45.91
C ASN B 202 -31.27 -22.16 46.63
N LYS B 203 -32.40 -21.59 46.23
CA LYS B 203 -33.01 -20.42 46.88
C LYS B 203 -32.04 -19.24 46.99
N HIS B 204 -31.05 -19.17 46.10
CA HIS B 204 -30.28 -17.95 45.97
C HIS B 204 -31.07 -16.84 45.28
N MET B 205 -32.06 -17.19 44.46
CA MET B 205 -33.00 -16.25 43.89
C MET B 205 -34.40 -16.83 43.99
N ASN B 206 -35.37 -15.95 43.89
CA ASN B 206 -36.78 -16.32 43.89
C ASN B 206 -37.31 -16.12 42.48
N ALA B 207 -37.99 -17.13 41.96
CA ALA B 207 -38.42 -17.10 40.56
C ALA B 207 -39.48 -16.05 40.29
N ASP B 208 -40.15 -15.57 41.33
CA ASP B 208 -41.19 -14.57 41.15
C ASP B 208 -40.65 -13.15 41.01
N THR B 209 -39.37 -12.93 41.29
CA THR B 209 -38.83 -11.57 41.30
C THR B 209 -39.02 -10.90 39.95
N ASP B 210 -39.64 -9.73 39.98
CA ASP B 210 -39.81 -8.92 38.78
C ASP B 210 -39.04 -7.61 38.91
N TYR B 211 -39.26 -6.72 37.93
CA TYR B 211 -38.51 -5.47 37.87
C TYR B 211 -38.76 -4.63 39.10
N SER B 212 -40.03 -4.42 39.44
CA SER B 212 -40.38 -3.60 40.58
C SER B 212 -39.86 -4.18 41.89
N ILE B 213 -39.97 -5.51 42.08
CA ILE B 213 -39.53 -6.11 43.33
C ILE B 213 -38.03 -5.96 43.49
N ALA B 214 -37.28 -6.24 42.41
CA ALA B 214 -35.82 -6.21 42.46
C ALA B 214 -35.31 -4.77 42.66
N GLU B 215 -35.90 -3.81 41.97
CA GLU B 215 -35.55 -2.42 42.18
C GLU B 215 -35.83 -1.99 43.61
N ALA B 216 -37.01 -2.33 44.12
CA ALA B 216 -37.40 -1.94 45.47
C ALA B 216 -36.48 -2.56 46.52
N ALA B 217 -36.10 -3.83 46.33
CA ALA B 217 -35.20 -4.47 47.27
C ALA B 217 -33.81 -3.83 47.23
N PHE B 218 -33.31 -3.48 46.04
CA PHE B 218 -31.99 -2.86 45.99
C PHE B 218 -31.99 -1.48 46.62
N ASN B 219 -33.04 -0.69 46.35
CA ASN B 219 -33.13 0.66 46.90
C ASN B 219 -33.45 0.67 48.40
N LYS B 220 -33.78 -0.49 48.98
CA LYS B 220 -33.91 -0.61 50.43
C LYS B 220 -32.65 -1.12 51.11
N GLY B 221 -31.59 -1.41 50.35
CA GLY B 221 -30.42 -2.08 50.90
C GLY B 221 -30.58 -3.55 51.26
N GLU B 222 -31.65 -4.20 50.78
CA GLU B 222 -31.92 -5.59 51.11
C GLU B 222 -31.11 -6.57 50.26
N THR B 223 -30.73 -6.19 49.04
CA THR B 223 -29.87 -7.02 48.21
C THR B 223 -28.62 -6.24 47.84
N ALA B 224 -27.55 -6.97 47.55
CA ALA B 224 -26.28 -6.31 47.30
C ALA B 224 -26.01 -6.05 45.83
N MET B 225 -26.73 -6.70 44.91
CA MET B 225 -26.50 -6.53 43.48
C MET B 225 -27.81 -6.58 42.73
N THR B 226 -27.83 -5.91 41.58
CA THR B 226 -28.94 -6.01 40.65
C THR B 226 -28.38 -5.90 39.24
N ILE B 227 -29.24 -6.14 38.25
CA ILE B 227 -28.86 -6.00 36.86
C ILE B 227 -29.89 -5.09 36.22
N ASN B 228 -29.43 -3.96 35.70
CA ASN B 228 -30.34 -2.99 35.12
C ASN B 228 -29.56 -2.05 34.21
N GLY B 229 -30.32 -1.23 33.49
CA GLY B 229 -29.75 -0.35 32.50
C GLY B 229 -29.62 1.08 32.99
N PRO B 230 -29.08 1.94 32.13
CA PRO B 230 -28.78 3.32 32.53
C PRO B 230 -29.99 4.14 32.91
N TRP B 231 -31.18 3.81 32.39
CA TRP B 231 -32.43 4.47 32.80
C TRP B 231 -32.74 4.32 34.28
N ALA B 232 -32.05 3.44 35.02
CA ALA B 232 -32.39 3.15 36.41
C ALA B 232 -31.46 3.85 37.39
N TRP B 233 -30.31 4.35 36.93
CA TRP B 233 -29.31 4.94 37.83
C TRP B 233 -29.92 6.02 38.71
N SER B 234 -30.63 6.99 38.12
CA SER B 234 -31.16 8.06 38.92
C SER B 234 -32.23 7.55 39.87
N ASN B 235 -33.08 6.62 39.40
CA ASN B 235 -34.16 6.07 40.22
C ASN B 235 -33.66 5.40 41.47
N ILE B 236 -32.35 5.25 41.64
CA ILE B 236 -31.81 4.64 42.83
C ILE B 236 -31.99 5.59 44.00
N ASP B 237 -32.47 5.06 45.13
CA ASP B 237 -32.61 5.88 46.35
C ASP B 237 -31.22 6.18 46.89
N THR B 238 -30.70 7.37 46.57
CA THR B 238 -29.32 7.70 46.91
C THR B 238 -29.14 8.06 48.38
N SER B 239 -30.23 8.21 49.15
CA SER B 239 -30.11 8.36 50.60
C SER B 239 -29.75 7.02 51.24
N ALA B 240 -30.37 5.95 50.76
CA ALA B 240 -30.28 4.64 51.38
C ALA B 240 -29.12 3.81 50.87
N VAL B 241 -28.60 4.12 49.68
CA VAL B 241 -27.64 3.26 49.00
C VAL B 241 -26.54 4.12 48.44
N ASN B 242 -25.30 3.66 48.58
CA ASN B 242 -24.15 4.15 47.83
C ASN B 242 -23.76 3.06 46.85
N TYR B 243 -24.06 3.26 45.57
CA TYR B 243 -23.98 2.19 44.59
C TYR B 243 -22.88 2.41 43.58
N GLY B 244 -22.52 1.33 42.87
CA GLY B 244 -21.61 1.39 41.75
C GLY B 244 -22.20 0.68 40.55
N VAL B 245 -21.48 0.74 39.43
CA VAL B 245 -21.88 0.14 38.16
C VAL B 245 -20.63 -0.43 37.54
N THR B 246 -20.71 -1.68 37.05
CA THR B 246 -19.52 -2.42 36.65
C THR B 246 -19.88 -3.43 35.55
N VAL B 247 -18.84 -4.08 35.02
CA VAL B 247 -18.99 -5.15 34.03
C VAL B 247 -19.77 -6.33 34.62
N LEU B 248 -20.56 -7.00 33.78
CA LEU B 248 -21.33 -8.17 34.21
C LEU B 248 -20.40 -9.35 34.47
N PRO B 249 -20.72 -10.19 35.46
CA PRO B 249 -19.87 -11.34 35.75
C PRO B 249 -19.77 -12.23 34.52
N THR B 250 -18.67 -12.98 34.46
CA THR B 250 -18.52 -13.99 33.42
C THR B 250 -19.24 -15.28 33.83
N PHE B 251 -19.40 -16.17 32.86
CA PHE B 251 -19.95 -17.51 33.08
C PHE B 251 -19.11 -18.49 32.29
N LYS B 252 -18.46 -19.42 32.99
CA LYS B 252 -17.52 -20.35 32.36
C LYS B 252 -16.45 -19.57 31.57
N GLY B 253 -15.89 -18.55 32.21
CA GLY B 253 -14.85 -17.73 31.62
C GLY B 253 -15.28 -16.80 30.51
N GLN B 254 -16.54 -16.84 30.07
CA GLN B 254 -17.05 -16.03 28.96
C GLN B 254 -17.85 -14.86 29.50
N PRO B 255 -17.73 -13.67 28.88
CA PRO B 255 -18.49 -12.53 29.38
C PRO B 255 -19.98 -12.70 29.13
N SER B 256 -20.79 -12.15 30.04
CA SER B 256 -22.22 -12.07 29.76
C SER B 256 -22.47 -11.24 28.49
N LYS B 257 -23.53 -11.56 27.77
CA LYS B 257 -23.81 -10.95 26.48
C LYS B 257 -25.19 -10.30 26.50
N PRO B 258 -25.30 -9.12 27.14
CA PRO B 258 -26.57 -8.39 27.12
C PRO B 258 -26.89 -7.91 25.72
N PHE B 259 -28.17 -7.83 25.41
CA PHE B 259 -28.59 -7.23 24.15
C PHE B 259 -28.20 -5.76 24.12
N VAL B 260 -27.82 -5.29 22.93
CA VAL B 260 -27.30 -3.95 22.71
C VAL B 260 -28.25 -3.22 21.75
N GLY B 261 -28.81 -2.10 22.23
CA GLY B 261 -29.54 -1.17 21.38
C GLY B 261 -28.66 0.00 20.94
N VAL B 262 -28.89 0.47 19.74
CA VAL B 262 -28.05 1.52 19.20
C VAL B 262 -28.98 2.57 18.63
N LEU B 263 -28.94 3.78 19.21
CA LEU B 263 -29.65 4.90 18.61
C LEU B 263 -28.95 5.30 17.33
N SER B 264 -29.70 5.41 16.25
CA SER B 264 -29.14 5.54 14.91
C SER B 264 -29.90 6.59 14.11
N ALA B 265 -29.24 7.06 13.05
CA ALA B 265 -29.79 8.11 12.20
C ALA B 265 -29.75 7.57 10.78
N GLY B 266 -30.93 7.39 10.21
CA GLY B 266 -31.05 6.98 8.83
C GLY B 266 -31.56 8.11 7.97
N ILE B 267 -31.24 8.02 6.69
CA ILE B 267 -31.60 9.02 5.70
C ILE B 267 -32.76 8.50 4.87
N ASN B 268 -33.74 9.35 4.62
CA ASN B 268 -34.91 8.96 3.83
C ASN B 268 -34.48 8.69 2.41
N ALA B 269 -34.91 7.55 1.87
CA ALA B 269 -34.57 7.21 0.49
C ALA B 269 -35.27 8.12 -0.51
N ALA B 270 -36.37 8.77 -0.10
CA ALA B 270 -37.07 9.74 -0.94
C ALA B 270 -36.55 11.17 -0.77
N SER B 271 -35.42 11.36 -0.09
CA SER B 271 -34.91 12.70 0.18
C SER B 271 -34.11 13.23 -1.02
N PRO B 272 -34.36 14.47 -1.44
CA PRO B 272 -33.45 15.09 -2.42
C PRO B 272 -32.20 15.68 -1.81
N ASN B 273 -32.00 15.51 -0.50
CA ASN B 273 -30.92 16.15 0.24
C ASN B 273 -29.98 15.14 0.89
N LYS B 274 -29.75 14.02 0.21
CA LYS B 274 -28.97 12.95 0.83
C LYS B 274 -27.54 13.40 1.14
N GLU B 275 -26.95 14.19 0.24
CA GLU B 275 -25.57 14.64 0.44
C GLU B 275 -25.48 15.67 1.58
N LEU B 276 -26.43 16.60 1.67
CA LEU B 276 -26.45 17.52 2.81
C LEU B 276 -26.67 16.77 4.12
N ALA B 277 -27.58 15.80 4.13
CA ALA B 277 -27.78 14.97 5.31
C ALA B 277 -26.50 14.27 5.72
N LYS B 278 -25.77 13.70 4.76
CA LYS B 278 -24.52 13.02 5.08
C LYS B 278 -23.50 14.00 5.64
N GLU B 279 -23.50 15.25 5.14
CA GLU B 279 -22.61 16.28 5.70
C GLU B 279 -23.00 16.64 7.12
N PHE B 280 -24.28 16.95 7.33
CA PHE B 280 -24.75 17.24 8.68
C PHE B 280 -24.40 16.12 9.65
N LEU B 281 -24.73 14.86 9.31
CA LEU B 281 -24.52 13.75 10.23
C LEU B 281 -23.04 13.54 10.52
N GLU B 282 -22.20 13.60 9.48
CA GLU B 282 -20.78 13.23 9.57
C GLU B 282 -19.89 14.36 10.05
N ASN B 283 -20.14 15.59 9.64
CA ASN B 283 -19.21 16.66 9.94
C ASN B 283 -19.70 17.61 11.02
N TYR B 284 -20.96 17.54 11.43
CA TYR B 284 -21.52 18.38 12.49
C TYR B 284 -22.00 17.57 13.67
N LEU B 285 -23.04 16.72 13.50
CA LEU B 285 -23.54 15.91 14.60
C LEU B 285 -22.46 15.00 15.18
N LEU B 286 -21.82 14.19 14.33
CA LEU B 286 -20.94 13.15 14.84
C LEU B 286 -19.54 13.67 15.11
N THR B 287 -19.47 14.79 15.84
CA THR B 287 -18.24 15.39 16.29
C THR B 287 -18.36 15.61 17.79
N ASP B 288 -17.22 15.81 18.46
CA ASP B 288 -17.24 16.10 19.88
C ASP B 288 -18.14 17.28 20.20
N GLU B 289 -18.23 18.27 19.29
CA GLU B 289 -19.05 19.46 19.54
C GLU B 289 -20.54 19.16 19.33
N GLY B 290 -20.88 18.40 18.29
CA GLY B 290 -22.28 18.06 18.05
C GLY B 290 -22.87 17.15 19.12
N LEU B 291 -22.11 16.11 19.53
CA LEU B 291 -22.65 15.21 20.53
C LEU B 291 -22.77 15.90 21.87
N GLU B 292 -21.79 16.71 22.24
CA GLU B 292 -21.85 17.44 23.50
C GLU B 292 -23.08 18.33 23.56
N ALA B 293 -23.42 18.98 22.45
CA ALA B 293 -24.59 19.84 22.40
C ALA B 293 -25.87 19.06 22.62
N VAL B 294 -25.97 17.87 22.01
CA VAL B 294 -27.12 17.01 22.26
C VAL B 294 -27.05 16.44 23.67
N ASN B 295 -25.86 16.00 24.11
CA ASN B 295 -25.72 15.40 25.43
C ASN B 295 -26.09 16.39 26.53
N LYS B 296 -25.70 17.66 26.36
CA LYS B 296 -26.00 18.69 27.34
C LYS B 296 -27.50 18.87 27.50
N ASP B 297 -28.26 18.71 26.42
CA ASP B 297 -29.71 18.88 26.53
C ASP B 297 -30.38 17.65 27.18
N LYS B 298 -30.00 16.43 26.78
CA LYS B 298 -30.49 15.20 27.41
C LYS B 298 -29.37 14.17 27.24
N PRO B 299 -28.87 13.60 28.33
CA PRO B 299 -27.71 12.70 28.23
C PRO B 299 -27.98 11.56 27.25
N LEU B 300 -26.95 11.23 26.47
CA LEU B 300 -27.04 10.19 25.47
C LEU B 300 -26.68 8.81 26.01
N GLY B 301 -25.93 8.75 27.11
CA GLY B 301 -25.35 7.51 27.60
C GLY B 301 -23.98 7.28 26.98
N ALA B 302 -23.65 6.04 26.63
CA ALA B 302 -22.44 5.80 25.86
C ALA B 302 -22.68 6.15 24.41
N VAL B 303 -21.66 6.67 23.74
CA VAL B 303 -21.86 7.05 22.35
C VAL B 303 -20.96 6.23 21.46
N ALA B 304 -21.38 6.11 20.19
CA ALA B 304 -20.61 5.33 19.23
C ALA B 304 -19.33 6.04 18.82
N LEU B 305 -19.31 7.38 18.84
CA LEU B 305 -18.12 8.12 18.41
C LEU B 305 -17.04 7.98 19.48
N LYS B 306 -15.88 7.42 19.08
CA LYS B 306 -14.83 7.06 20.02
C LYS B 306 -14.29 8.27 20.77
N SER B 307 -14.05 9.37 20.05
CA SER B 307 -13.42 10.53 20.69
C SER B 307 -14.29 11.09 21.82
N TYR B 308 -15.60 11.20 21.61
CA TYR B 308 -16.44 11.74 22.67
C TYR B 308 -16.78 10.70 23.73
N GLU B 309 -16.80 9.41 23.36
CA GLU B 309 -17.04 8.37 24.36
C GLU B 309 -15.94 8.36 25.43
N GLU B 310 -14.68 8.53 25.02
CA GLU B 310 -13.59 8.62 25.98
C GLU B 310 -13.76 9.83 26.89
N GLU B 311 -14.44 10.87 26.41
CA GLU B 311 -14.78 11.98 27.29
C GLU B 311 -15.89 11.59 28.26
N LEU B 312 -16.99 11.03 27.73
CA LEU B 312 -18.08 10.62 28.61
C LEU B 312 -17.63 9.53 29.59
N ALA B 313 -16.76 8.62 29.15
CA ALA B 313 -16.31 7.48 29.99
C ALA B 313 -15.51 7.91 31.14
N LYS B 314 -15.40 9.20 31.44
CA LYS B 314 -14.87 9.62 32.72
C LYS B 314 -15.88 9.32 33.82
N ASP B 315 -17.16 9.29 33.47
CA ASP B 315 -18.18 8.74 34.34
C ASP B 315 -18.01 7.22 34.37
N PRO B 316 -17.69 6.62 35.51
CA PRO B 316 -17.46 5.17 35.55
C PRO B 316 -18.70 4.35 35.20
N ARG B 317 -19.89 4.89 35.46
CA ARG B 317 -21.12 4.22 35.05
C ARG B 317 -21.24 4.14 33.53
N ILE B 318 -20.90 5.22 32.82
CA ILE B 318 -20.97 5.14 31.35
C ILE B 318 -19.88 4.22 30.81
N ALA B 319 -18.74 4.14 31.50
CA ALA B 319 -17.69 3.22 31.06
C ALA B 319 -18.16 1.77 31.16
N ALA B 320 -18.84 1.42 32.24
CA ALA B 320 -19.34 0.05 32.39
C ALA B 320 -20.36 -0.28 31.31
N THR B 321 -21.18 0.68 30.91
CA THR B 321 -22.16 0.47 29.85
C THR B 321 -21.46 0.10 28.54
N MET B 322 -20.51 0.93 28.09
CA MET B 322 -19.81 0.64 26.85
C MET B 322 -19.09 -0.69 26.89
N GLU B 323 -18.42 -1.01 28.01
CA GLU B 323 -17.68 -2.26 28.11
C GLU B 323 -18.60 -3.47 27.98
N ASN B 324 -19.75 -3.45 28.67
CA ASN B 324 -20.74 -4.51 28.51
C ASN B 324 -21.32 -4.56 27.10
N ALA B 325 -21.53 -3.39 26.47
CA ALA B 325 -22.06 -3.39 25.11
C ALA B 325 -21.06 -3.97 24.12
N GLN B 326 -19.76 -3.71 24.32
CA GLN B 326 -18.77 -4.23 23.37
C GLN B 326 -18.74 -5.74 23.40
N LYS B 327 -18.99 -6.29 24.57
CA LYS B 327 -19.10 -7.72 24.83
C LYS B 327 -20.51 -8.24 24.58
N GLY B 328 -21.47 -7.38 24.25
CA GLY B 328 -22.86 -7.77 24.17
C GLY B 328 -23.22 -8.37 22.83
N GLU B 329 -24.53 -8.53 22.64
CA GLU B 329 -25.10 -9.06 21.41
C GLU B 329 -26.01 -8.00 20.84
N ILE B 330 -25.69 -7.51 19.64
CA ILE B 330 -26.54 -6.51 19.01
C ILE B 330 -27.92 -7.08 18.76
N MET B 331 -28.93 -6.37 19.17
CA MET B 331 -30.30 -6.80 18.94
C MET B 331 -30.53 -6.93 17.44
N PRO B 332 -30.90 -8.09 16.92
CA PRO B 332 -31.17 -8.18 15.48
C PRO B 332 -32.27 -7.22 15.07
N ASN B 333 -32.15 -6.70 13.84
CA ASN B 333 -33.04 -5.69 13.32
C ASN B 333 -34.09 -6.27 12.38
N ILE B 334 -34.38 -7.56 12.51
CA ILE B 334 -35.27 -8.23 11.57
C ILE B 334 -36.61 -8.47 12.26
N PRO B 335 -37.72 -8.57 11.51
CA PRO B 335 -39.02 -8.77 12.18
C PRO B 335 -39.14 -10.12 12.86
N GLN B 336 -38.31 -11.10 12.50
CA GLN B 336 -38.35 -12.39 13.17
C GLN B 336 -38.10 -12.28 14.67
N MET B 337 -37.53 -11.19 15.16
CA MET B 337 -37.27 -11.05 16.59
C MET B 337 -38.55 -11.08 17.41
N SER B 338 -39.66 -10.69 16.81
CA SER B 338 -40.93 -10.79 17.49
C SER B 338 -41.22 -12.23 17.94
N ALA B 339 -40.99 -13.21 17.06
CA ALA B 339 -41.23 -14.59 17.51
C ALA B 339 -40.18 -15.03 18.52
N PHE B 340 -38.93 -14.57 18.37
CA PHE B 340 -37.91 -14.91 19.36
C PHE B 340 -38.30 -14.45 20.76
N TRP B 341 -38.77 -13.19 20.90
CA TRP B 341 -39.08 -12.66 22.23
C TRP B 341 -40.20 -13.44 22.89
N TYR B 342 -41.26 -13.79 22.16
CA TYR B 342 -42.37 -14.54 22.75
C TYR B 342 -41.90 -15.92 23.18
N ALA B 343 -41.20 -16.61 22.31
CA ALA B 343 -40.78 -17.98 22.59
C ALA B 343 -39.87 -18.05 23.80
N VAL B 344 -38.93 -17.11 23.92
CA VAL B 344 -37.90 -17.17 24.96
C VAL B 344 -38.46 -16.67 26.28
N ARG B 345 -39.39 -15.70 26.24
CA ARG B 345 -40.05 -15.30 27.49
C ARG B 345 -40.77 -16.50 28.10
N THR B 346 -41.43 -17.31 27.26
CA THR B 346 -42.16 -18.46 27.78
C THR B 346 -41.21 -19.50 28.34
N ALA B 347 -40.06 -19.69 27.68
CA ALA B 347 -39.08 -20.69 28.08
C ALA B 347 -38.46 -20.38 29.43
N VAL B 348 -37.99 -19.16 29.61
CA VAL B 348 -37.33 -18.80 30.86
C VAL B 348 -38.31 -18.84 32.02
N ILE B 349 -39.52 -18.33 31.79
CA ILE B 349 -40.55 -18.40 32.83
C ILE B 349 -40.89 -19.85 33.13
N ASN B 350 -40.97 -20.69 32.11
CA ASN B 350 -41.32 -22.09 32.33
C ASN B 350 -40.19 -22.84 33.03
N ALA B 351 -38.94 -22.53 32.69
CA ALA B 351 -37.83 -23.22 33.35
C ALA B 351 -37.68 -22.73 34.79
N ALA B 352 -37.79 -21.41 35.01
CA ALA B 352 -37.56 -20.88 36.34
C ALA B 352 -38.62 -21.31 37.33
N SER B 353 -39.87 -21.41 36.88
CA SER B 353 -40.94 -21.81 37.76
C SER B 353 -41.06 -23.34 37.89
N GLY B 354 -40.31 -24.08 37.09
CA GLY B 354 -40.33 -25.52 37.16
C GLY B 354 -41.45 -26.19 36.37
N ARG B 355 -42.10 -25.42 35.50
CA ARG B 355 -43.19 -25.95 34.68
C ARG B 355 -42.65 -26.91 33.62
N GLN B 356 -41.44 -26.64 33.16
CA GLN B 356 -40.79 -27.45 32.15
C GLN B 356 -39.33 -27.63 32.53
N THR B 357 -38.78 -28.73 32.09
CA THR B 357 -37.36 -28.96 32.04
C THR B 357 -36.66 -27.91 31.16
N VAL B 358 -35.44 -27.54 31.56
CA VAL B 358 -34.64 -26.56 30.82
C VAL B 358 -34.45 -26.98 29.37
N ASP B 359 -34.19 -28.28 29.15
CA ASP B 359 -34.01 -28.79 27.78
C ASP B 359 -35.30 -28.72 26.98
N ALA B 360 -36.43 -29.00 27.62
CA ALA B 360 -37.72 -28.97 26.93
C ALA B 360 -38.20 -27.54 26.72
N ALA B 361 -37.98 -26.69 27.72
CA ALA B 361 -38.34 -25.28 27.58
C ALA B 361 -37.58 -24.64 26.43
N LEU B 362 -36.26 -24.85 26.36
CA LEU B 362 -35.48 -24.28 25.29
C LEU B 362 -35.79 -24.94 23.97
N ALA B 363 -36.12 -26.23 23.98
CA ALA B 363 -36.39 -26.90 22.71
C ALA B 363 -37.64 -26.34 22.05
N ALA B 364 -38.69 -26.10 22.84
CA ALA B 364 -39.91 -25.52 22.28
C ALA B 364 -39.73 -24.05 21.89
N ALA B 365 -38.88 -23.31 22.60
CA ALA B 365 -38.61 -21.92 22.21
C ALA B 365 -37.93 -21.87 20.85
N GLN B 366 -36.94 -22.74 20.65
CA GLN B 366 -36.20 -22.80 19.39
C GLN B 366 -37.13 -23.01 18.21
N THR B 367 -38.10 -23.92 18.34
CA THR B 367 -38.92 -24.21 17.17
C THR B 367 -39.96 -23.16 16.93
N ASN B 368 -40.36 -22.40 17.96
CA ASN B 368 -41.23 -21.25 17.76
C ASN B 368 -40.44 -20.04 17.24
N ALA B 369 -39.23 -19.83 17.75
CA ALA B 369 -38.41 -18.70 17.29
C ALA B 369 -37.89 -18.88 15.86
N ALA B 370 -37.62 -20.11 15.42
CA ALA B 370 -36.94 -20.34 14.13
C ALA B 370 -37.93 -20.81 13.08
N ALA B 371 -38.84 -19.93 12.71
CA ALA B 371 -39.90 -20.32 11.78
C ALA B 371 -39.35 -20.77 10.43
N ALA B 372 -38.37 -20.04 9.89
CA ALA B 372 -37.84 -20.40 8.58
C ALA B 372 -37.18 -21.77 8.61
N ALA B 373 -36.63 -22.19 9.76
CA ALA B 373 -35.91 -23.45 9.81
C ALA B 373 -36.85 -24.63 9.67
N GLN B 374 -38.08 -24.49 10.18
CA GLN B 374 -39.07 -25.53 9.97
C GLN B 374 -39.58 -25.56 8.55
N VAL B 375 -39.62 -24.41 7.85
CA VAL B 375 -40.05 -24.46 6.46
C VAL B 375 -39.14 -25.39 5.67
N VAL B 376 -37.83 -25.14 5.73
CA VAL B 376 -36.84 -25.92 5.00
C VAL B 376 -36.87 -27.39 5.43
N ALA B 377 -36.94 -27.64 6.74
CA ALA B 377 -36.90 -29.02 7.22
C ALA B 377 -38.14 -29.79 6.82
N ASP B 378 -39.29 -29.11 6.75
CA ASP B 378 -40.51 -29.77 6.30
C ASP B 378 -40.44 -30.17 4.84
N VAL B 379 -40.01 -29.23 3.98
CA VAL B 379 -39.85 -29.53 2.55
C VAL B 379 -38.95 -30.75 2.36
N LEU B 380 -37.79 -30.74 3.01
CA LEU B 380 -36.85 -31.84 2.89
C LEU B 380 -37.42 -33.13 3.44
N CYS B 381 -38.08 -33.07 4.60
CA CYS B 381 -38.61 -34.30 5.18
C CYS B 381 -39.71 -34.92 4.32
N GLU B 382 -40.65 -34.11 3.83
CA GLU B 382 -41.62 -34.65 2.88
C GLU B 382 -40.90 -35.27 1.69
N PHE B 383 -39.89 -34.57 1.16
CA PHE B 383 -39.21 -35.07 -0.03
C PHE B 383 -38.49 -36.38 0.25
N LEU B 384 -37.75 -36.46 1.37
CA LEU B 384 -37.04 -37.69 1.70
C LEU B 384 -38.00 -38.86 1.83
N GLU B 385 -39.18 -38.62 2.43
CA GLU B 385 -40.16 -39.69 2.59
C GLU B 385 -40.63 -40.23 1.25
N VAL B 386 -40.95 -39.33 0.31
CA VAL B 386 -41.38 -39.72 -1.02
C VAL B 386 -40.24 -40.38 -1.80
N ALA B 387 -39.00 -39.86 -1.67
CA ALA B 387 -37.85 -40.45 -2.34
C ALA B 387 -37.51 -41.84 -1.81
N VAL B 388 -37.70 -42.06 -0.50
CA VAL B 388 -37.44 -43.38 0.08
C VAL B 388 -38.42 -44.40 -0.48
N HIS B 389 -39.71 -44.04 -0.57
CA HIS B 389 -40.67 -44.97 -1.16
C HIS B 389 -40.30 -45.29 -2.61
N LEU B 390 -39.93 -44.27 -3.37
CA LEU B 390 -39.62 -44.46 -4.79
C LEU B 390 -38.43 -45.39 -4.98
N ILE B 391 -37.42 -45.26 -4.12
CA ILE B 391 -36.25 -46.11 -4.23
C ILE B 391 -36.62 -47.56 -3.90
N LEU B 392 -37.44 -47.76 -2.85
CA LEU B 392 -37.90 -49.11 -2.55
C LEU B 392 -38.70 -49.68 -3.69
N TYR B 393 -39.45 -48.84 -4.41
CA TYR B 393 -40.20 -49.32 -5.56
C TYR B 393 -39.30 -49.61 -6.74
N VAL B 394 -38.49 -48.64 -7.17
CA VAL B 394 -37.78 -48.84 -8.44
C VAL B 394 -36.70 -49.90 -8.28
N ARG B 395 -36.19 -50.09 -7.06
CA ARG B 395 -35.19 -51.12 -6.82
C ARG B 395 -35.79 -52.45 -6.35
N GLU B 396 -37.13 -52.57 -6.36
CA GLU B 396 -37.86 -53.79 -6.02
C GLU B 396 -37.39 -54.40 -4.70
N VAL B 397 -37.18 -53.55 -3.69
CA VAL B 397 -36.96 -54.07 -2.34
C VAL B 397 -38.26 -54.67 -1.78
N TYR B 398 -39.39 -54.17 -2.22
CA TYR B 398 -40.71 -54.67 -1.89
C TYR B 398 -41.51 -54.84 -3.17
N PRO B 399 -42.50 -55.71 -3.19
CA PRO B 399 -43.24 -55.97 -4.43
C PRO B 399 -44.06 -54.76 -4.86
N VAL B 400 -44.21 -54.60 -6.18
CA VAL B 400 -45.01 -53.51 -6.74
C VAL B 400 -46.47 -53.58 -6.28
N GLY B 401 -46.93 -54.72 -5.79
CA GLY B 401 -48.30 -54.81 -5.34
C GLY B 401 -48.62 -53.98 -4.11
N ILE B 402 -47.60 -53.59 -3.34
CA ILE B 402 -47.89 -52.80 -2.15
C ILE B 402 -47.91 -51.30 -2.42
N PHE B 403 -47.59 -50.88 -3.66
CA PHE B 403 -47.47 -49.47 -4.00
C PHE B 403 -48.70 -48.95 -4.74
N GLN B 404 -48.95 -47.64 -4.59
CA GLN B 404 -49.95 -46.92 -5.37
C GLN B 404 -49.26 -45.79 -6.10
N LYS B 405 -49.67 -45.55 -7.34
CA LYS B 405 -49.11 -44.44 -8.11
C LYS B 405 -49.82 -43.16 -7.71
N ARG B 406 -49.06 -42.17 -7.24
CA ARG B 406 -49.65 -40.88 -6.85
C ARG B 406 -48.85 -39.76 -7.48
N LYS B 407 -49.15 -38.52 -7.11
CA LYS B 407 -48.49 -37.39 -7.71
C LYS B 407 -47.98 -36.46 -6.61
N LYS B 408 -46.75 -36.01 -6.78
CA LYS B 408 -46.10 -35.05 -5.88
C LYS B 408 -45.16 -34.19 -6.71
N TYR B 409 -45.19 -32.88 -6.45
CA TYR B 409 -44.49 -31.90 -7.28
C TYR B 409 -44.83 -32.08 -8.75
N ASN B 410 -46.08 -32.43 -9.03
CA ASN B 410 -46.61 -32.60 -10.38
C ASN B 410 -45.91 -33.72 -11.16
N VAL B 411 -45.26 -34.68 -10.50
CA VAL B 411 -44.72 -35.83 -11.21
C VAL B 411 -45.19 -37.11 -10.52
N PRO B 412 -45.17 -38.23 -11.24
CA PRO B 412 -45.55 -39.51 -10.62
C PRO B 412 -44.63 -39.91 -9.47
N VAL B 413 -45.23 -40.47 -8.43
CA VAL B 413 -44.50 -41.13 -7.35
C VAL B 413 -45.16 -42.48 -7.09
N GLN B 414 -44.53 -43.28 -6.22
CA GLN B 414 -45.04 -44.59 -5.86
C GLN B 414 -45.00 -44.72 -4.34
N MET B 415 -46.17 -44.83 -3.72
CA MET B 415 -46.27 -44.80 -2.26
C MET B 415 -46.72 -46.16 -1.77
N SER B 416 -45.95 -46.72 -0.86
CA SER B 416 -46.32 -47.98 -0.24
C SER B 416 -47.64 -47.84 0.54
N CYS B 417 -48.41 -48.92 0.56
CA CYS B 417 -49.62 -48.99 1.37
C CYS B 417 -49.50 -50.00 2.50
N HIS B 418 -48.30 -50.48 2.76
CA HIS B 418 -47.98 -51.42 3.82
C HIS B 418 -47.86 -50.62 5.11
N PRO B 419 -48.78 -50.79 6.08
CA PRO B 419 -48.82 -49.88 7.24
C PRO B 419 -47.53 -49.89 8.05
N GLU B 420 -46.95 -51.07 8.26
CA GLU B 420 -45.79 -51.20 9.12
C GLU B 420 -44.53 -50.63 8.46
N LEU B 421 -44.42 -50.72 7.13
CA LEU B 421 -43.33 -50.05 6.42
C LEU B 421 -43.50 -48.55 6.44
N ASN B 422 -44.70 -48.07 6.09
CA ASN B 422 -45.03 -46.65 6.19
C ASN B 422 -44.70 -46.09 7.56
N GLN B 423 -45.03 -46.81 8.63
CA GLN B 423 -44.72 -46.32 9.96
C GLN B 423 -43.22 -46.34 10.23
N TYR B 424 -42.51 -47.35 9.72
CA TYR B 424 -41.05 -47.40 9.90
C TYR B 424 -40.36 -46.25 9.18
N ILE B 425 -40.83 -45.89 7.98
CA ILE B 425 -40.22 -44.78 7.24
C ILE B 425 -40.52 -43.44 7.93
N GLN B 426 -41.78 -43.23 8.29
CA GLN B 426 -42.15 -42.01 8.99
C GLN B 426 -41.41 -41.87 10.33
N ASP B 427 -41.30 -42.94 11.12
CA ASP B 427 -40.55 -42.84 12.38
C ASP B 427 -39.11 -42.40 12.12
N THR B 428 -38.47 -43.02 11.13
CA THR B 428 -37.10 -42.68 10.78
C THR B 428 -36.97 -41.18 10.46
N LEU B 429 -37.89 -40.65 9.65
CA LEU B 429 -37.79 -39.27 9.21
C LEU B 429 -38.18 -38.25 10.27
N HIS B 430 -39.13 -38.61 11.15
CA HIS B 430 -39.45 -37.76 12.29
C HIS B 430 -38.28 -37.67 13.26
N CYS B 431 -37.38 -38.65 13.25
CA CYS B 431 -36.21 -38.52 14.10
C CYS B 431 -35.15 -37.64 13.46
N VAL B 432 -35.17 -37.56 12.14
CA VAL B 432 -34.14 -36.81 11.42
C VAL B 432 -34.52 -35.35 11.35
N LYS B 433 -35.82 -35.08 11.22
CA LYS B 433 -36.39 -33.73 11.19
C LYS B 433 -35.75 -32.75 12.16
N PRO B 434 -35.60 -33.04 13.46
CA PRO B 434 -34.95 -32.04 14.32
C PRO B 434 -33.49 -31.81 13.99
N LEU B 435 -32.82 -32.77 13.36
CA LEU B 435 -31.46 -32.50 12.93
C LEU B 435 -31.45 -31.64 11.67
N LEU B 436 -32.43 -31.82 10.78
CA LEU B 436 -32.49 -30.97 9.60
C LEU B 436 -32.88 -29.54 9.97
N GLU B 437 -33.64 -29.37 11.06
CA GLU B 437 -34.03 -28.05 11.53
C GLU B 437 -32.84 -27.24 11.97
N LYS B 438 -31.78 -27.91 12.43
CA LYS B 438 -30.59 -27.25 12.92
C LYS B 438 -29.45 -27.31 11.92
N ASN B 439 -29.72 -27.79 10.70
CA ASN B 439 -28.71 -27.95 9.67
C ASN B 439 -27.55 -28.83 10.14
N ASP B 440 -27.87 -29.93 10.83
CA ASP B 440 -26.82 -30.81 11.33
C ASP B 440 -26.76 -32.14 10.60
N VAL B 441 -27.39 -32.23 9.43
CA VAL B 441 -27.36 -33.41 8.57
C VAL B 441 -26.48 -33.12 7.36
N GLU B 442 -25.36 -33.83 7.25
CA GLU B 442 -24.55 -33.73 6.03
C GLU B 442 -25.08 -34.62 4.92
N LYS B 443 -25.51 -35.84 5.25
CA LYS B 443 -25.93 -36.83 4.26
C LYS B 443 -27.10 -37.61 4.80
N VAL B 444 -28.07 -37.91 3.96
CA VAL B 444 -29.02 -38.98 4.22
C VAL B 444 -28.77 -40.06 3.18
N VAL B 445 -28.57 -41.30 3.65
CA VAL B 445 -28.20 -42.43 2.81
C VAL B 445 -29.24 -43.53 2.99
N VAL B 446 -29.87 -43.93 1.89
CA VAL B 446 -30.69 -45.13 1.85
C VAL B 446 -29.79 -46.29 1.41
N VAL B 447 -29.42 -47.16 2.35
CA VAL B 447 -28.56 -48.32 2.10
C VAL B 447 -29.42 -49.53 1.75
N ILE B 448 -29.07 -50.21 0.66
CA ILE B 448 -29.66 -51.49 0.29
C ILE B 448 -28.70 -52.59 0.72
N LEU B 449 -29.20 -53.57 1.45
CA LEU B 449 -28.41 -54.66 2.00
C LEU B 449 -28.87 -55.96 1.37
N ASP B 450 -27.93 -56.84 1.03
CA ASP B 450 -28.32 -58.11 0.46
C ASP B 450 -28.62 -59.13 1.55
N LYS B 451 -28.95 -60.36 1.14
CA LYS B 451 -29.42 -61.40 2.05
C LYS B 451 -28.39 -61.72 3.13
N GLU B 452 -27.11 -61.42 2.92
CA GLU B 452 -26.07 -61.58 3.93
C GLU B 452 -25.72 -60.26 4.62
N HIS B 453 -26.57 -59.22 4.46
CA HIS B 453 -26.46 -57.94 5.16
C HIS B 453 -25.22 -57.15 4.78
N ARG B 454 -24.77 -57.29 3.54
CA ARG B 454 -23.63 -56.51 3.03
C ARG B 454 -24.21 -55.41 2.12
N PRO B 455 -23.74 -54.15 2.27
CA PRO B 455 -24.35 -53.11 1.42
C PRO B 455 -24.12 -53.36 -0.06
N VAL B 456 -25.19 -53.23 -0.84
CA VAL B 456 -25.18 -53.42 -2.27
C VAL B 456 -25.28 -52.10 -3.02
N GLU B 457 -26.11 -51.18 -2.54
CA GLU B 457 -26.18 -49.84 -3.11
C GLU B 457 -26.41 -48.83 -1.99
N LYS B 458 -25.97 -47.61 -2.24
CA LYS B 458 -26.22 -46.49 -1.35
C LYS B 458 -26.74 -45.36 -2.20
N PHE B 459 -27.92 -44.85 -1.86
CA PHE B 459 -28.42 -43.62 -2.45
C PHE B 459 -28.07 -42.52 -1.47
N VAL B 460 -27.17 -41.63 -1.88
CA VAL B 460 -26.60 -40.61 -1.02
C VAL B 460 -27.20 -39.27 -1.39
N PHE B 461 -27.88 -38.65 -0.45
CA PHE B 461 -28.40 -37.28 -0.60
C PHE B 461 -27.50 -36.39 0.24
N GLU B 462 -26.58 -35.70 -0.40
CA GLU B 462 -25.74 -34.73 0.27
C GLU B 462 -26.49 -33.40 0.33
N ILE B 463 -26.34 -32.69 1.45
CA ILE B 463 -27.26 -31.60 1.79
C ILE B 463 -26.48 -30.41 2.29
N THR B 464 -26.83 -29.23 1.78
CA THR B 464 -26.37 -27.92 2.24
C THR B 464 -27.60 -27.03 2.42
N GLN B 465 -27.68 -26.31 3.53
CA GLN B 465 -28.78 -25.37 3.73
C GLN B 465 -28.22 -23.95 3.83
N PRO B 466 -28.16 -23.22 2.71
CA PRO B 466 -27.56 -21.87 2.74
C PRO B 466 -28.30 -20.96 3.70
N PRO B 467 -27.62 -19.97 4.27
CA PRO B 467 -28.30 -18.96 5.07
C PRO B 467 -29.35 -18.20 4.26
N LEU B 468 -30.45 -17.85 4.93
CA LEU B 468 -31.59 -17.14 4.34
C LEU B 468 -31.64 -15.71 4.86
N LEU B 469 -31.85 -14.75 3.96
CA LEU B 469 -31.92 -13.34 4.35
C LEU B 469 -33.35 -12.86 4.59
N SER B 470 -34.29 -13.39 3.80
CA SER B 470 -35.69 -13.00 3.93
C SER B 470 -36.62 -14.20 3.82
N ILE B 471 -37.85 -14.03 4.30
CA ILE B 471 -38.87 -15.08 4.25
C ILE B 471 -39.00 -15.64 2.85
N SER B 472 -39.00 -16.96 2.73
CA SER B 472 -39.07 -17.60 1.42
C SER B 472 -40.39 -17.27 0.73
N SER B 473 -40.30 -16.54 -0.37
CA SER B 473 -41.48 -16.27 -1.20
C SER B 473 -42.08 -17.57 -1.72
N ASP B 474 -43.36 -17.50 -2.09
CA ASP B 474 -44.03 -18.66 -2.66
C ASP B 474 -43.52 -18.98 -4.06
N SER B 475 -42.92 -18.00 -4.75
CA SER B 475 -42.27 -18.32 -6.02
C SER B 475 -41.06 -19.23 -5.81
N LEU B 476 -40.25 -18.91 -4.79
CA LEU B 476 -39.06 -19.71 -4.51
C LEU B 476 -39.45 -21.14 -4.17
N LEU B 477 -40.37 -21.32 -3.21
CA LEU B 477 -40.82 -22.64 -2.79
C LEU B 477 -41.31 -23.47 -3.97
N SER B 478 -42.14 -22.87 -4.84
CA SER B 478 -42.51 -23.55 -6.08
C SER B 478 -41.29 -23.85 -6.96
N HIS B 479 -40.40 -22.88 -7.12
CA HIS B 479 -39.18 -23.15 -7.87
C HIS B 479 -38.46 -24.35 -7.28
N VAL B 480 -38.43 -24.42 -5.94
CA VAL B 480 -37.77 -25.51 -5.23
C VAL B 480 -38.49 -26.84 -5.49
N GLU B 481 -39.82 -26.84 -5.41
CA GLU B 481 -40.57 -28.05 -5.71
C GLU B 481 -40.33 -28.52 -7.14
N GLN B 482 -39.99 -27.62 -8.05
CA GLN B 482 -39.68 -28.08 -9.40
C GLN B 482 -38.30 -28.73 -9.48
N LEU B 483 -37.33 -28.22 -8.70
CA LEU B 483 -36.01 -28.86 -8.69
C LEU B 483 -36.10 -30.22 -8.01
N LEU B 484 -36.95 -30.32 -6.98
CA LEU B 484 -37.15 -31.59 -6.29
C LEU B 484 -37.80 -32.61 -7.21
N ALA B 485 -38.74 -32.16 -8.07
CA ALA B 485 -39.35 -33.06 -9.03
C ALA B 485 -38.29 -33.73 -9.92
N ALA B 486 -37.31 -32.96 -10.39
CA ALA B 486 -36.25 -33.52 -11.23
C ALA B 486 -35.49 -34.65 -10.52
N PHE B 487 -35.31 -34.53 -9.19
CA PHE B 487 -34.74 -35.62 -8.41
C PHE B 487 -35.62 -36.86 -8.45
N ILE B 488 -36.93 -36.66 -8.46
CA ILE B 488 -37.85 -37.81 -8.50
C ILE B 488 -37.80 -38.47 -9.89
N LEU B 489 -37.84 -37.65 -10.94
CA LEU B 489 -37.72 -38.16 -12.31
C LEU B 489 -36.43 -38.98 -12.49
N LYS B 490 -35.30 -38.47 -11.98
CA LYS B 490 -34.04 -39.22 -12.11
C LYS B 490 -34.11 -40.57 -11.41
N ILE B 491 -34.61 -40.60 -10.16
CA ILE B 491 -34.78 -41.86 -9.44
C ILE B 491 -35.69 -42.80 -10.23
N SER B 492 -36.75 -42.25 -10.85
CA SER B 492 -37.71 -43.08 -11.56
C SER B 492 -37.08 -43.80 -12.75
N VAL B 493 -36.04 -43.24 -13.36
CA VAL B 493 -35.39 -43.87 -14.51
C VAL B 493 -34.05 -44.49 -14.13
N CYS B 494 -33.75 -44.62 -12.85
CA CYS B 494 -32.40 -45.04 -12.54
C CYS B 494 -32.19 -46.54 -12.67
N ASP B 495 -33.23 -47.32 -12.98
CA ASP B 495 -33.05 -48.71 -13.39
C ASP B 495 -32.27 -48.82 -14.69
N ALA B 496 -32.30 -47.78 -15.52
CA ALA B 496 -31.57 -47.72 -16.78
C ALA B 496 -30.09 -47.39 -16.59
N VAL B 497 -29.64 -47.13 -15.36
CA VAL B 497 -28.25 -46.83 -15.08
C VAL B 497 -27.66 -47.80 -14.06
N LEU B 498 -28.45 -48.72 -13.54
CA LEU B 498 -28.04 -49.58 -12.45
C LEU B 498 -28.39 -51.02 -12.77
N ASP B 499 -27.45 -51.92 -12.50
CA ASP B 499 -27.77 -53.32 -12.72
C ASP B 499 -28.80 -53.77 -11.70
N HIS B 500 -29.48 -54.88 -12.01
CA HIS B 500 -30.52 -55.37 -11.13
C HIS B 500 -29.92 -55.76 -9.78
N ASN B 501 -30.75 -55.74 -8.76
CA ASN B 501 -30.19 -56.14 -7.48
C ASN B 501 -30.37 -57.64 -7.28
N PRO B 502 -29.49 -58.30 -6.52
CA PRO B 502 -29.72 -59.70 -6.21
C PRO B 502 -30.97 -59.84 -5.34
N PRO B 503 -31.70 -60.94 -5.47
CA PRO B 503 -32.97 -61.08 -4.73
C PRO B 503 -32.78 -61.08 -3.23
N GLY B 504 -33.85 -60.72 -2.51
CA GLY B 504 -33.86 -60.76 -1.07
C GLY B 504 -33.17 -59.59 -0.36
N CYS B 505 -33.11 -58.42 -0.99
CA CYS B 505 -32.49 -57.30 -0.31
C CYS B 505 -33.46 -56.66 0.69
N THR B 506 -32.89 -56.12 1.77
CA THR B 506 -33.54 -55.22 2.72
C THR B 506 -32.92 -53.82 2.59
N PHE B 507 -33.39 -52.89 3.42
CA PHE B 507 -32.86 -51.55 3.37
C PHE B 507 -32.74 -50.98 4.77
N THR B 508 -32.02 -49.88 4.86
CA THR B 508 -31.95 -49.10 6.08
C THR B 508 -31.61 -47.68 5.70
N VAL B 509 -31.55 -46.80 6.69
CA VAL B 509 -31.33 -45.38 6.49
C VAL B 509 -30.23 -44.93 7.42
N LEU B 510 -29.26 -44.19 6.87
CA LEU B 510 -28.15 -43.65 7.64
C LEU B 510 -28.18 -42.13 7.58
N VAL B 511 -27.59 -41.51 8.60
CA VAL B 511 -27.50 -40.06 8.73
C VAL B 511 -26.07 -39.72 9.09
N HIS B 512 -25.41 -38.96 8.24
CA HIS B 512 -24.11 -38.35 8.56
C HIS B 512 -24.38 -36.99 9.16
N THR B 513 -23.92 -36.78 10.38
CA THR B 513 -24.09 -35.50 11.05
C THR B 513 -22.87 -34.60 10.83
N ARG B 514 -23.06 -33.30 11.04
CA ARG B 514 -21.96 -32.36 10.95
C ARG B 514 -21.11 -32.39 12.22
N GLU B 515 -21.76 -32.36 13.39
CA GLU B 515 -21.07 -32.63 14.64
C GLU B 515 -20.69 -34.10 14.75
N ALA B 516 -19.78 -34.38 15.69
CA ALA B 516 -19.60 -35.76 16.12
C ALA B 516 -20.96 -36.34 16.52
N ALA B 517 -21.23 -37.57 16.05
CA ALA B 517 -22.55 -38.16 16.22
C ALA B 517 -22.92 -38.38 17.68
N THR B 518 -21.91 -38.44 18.55
CA THR B 518 -22.18 -38.56 19.98
C THR B 518 -22.98 -37.37 20.50
N ARG B 519 -22.69 -36.17 20.00
CA ARG B 519 -23.42 -34.98 20.39
C ARG B 519 -24.89 -35.04 20.00
N ASN B 520 -25.21 -35.74 18.91
CA ASN B 520 -26.58 -35.83 18.44
C ASN B 520 -27.31 -37.07 18.96
N MET B 521 -26.67 -37.85 19.84
CA MET B 521 -27.25 -39.12 20.25
C MET B 521 -28.52 -38.92 21.08
N GLU B 522 -28.71 -37.73 21.63
CA GLU B 522 -29.91 -37.41 22.40
C GLU B 522 -31.00 -36.83 21.50
N LYS B 523 -30.62 -35.88 20.65
CA LYS B 523 -31.59 -35.13 19.87
C LYS B 523 -32.36 -36.00 18.90
N ILE B 524 -31.80 -37.16 18.51
CA ILE B 524 -32.40 -37.93 17.43
C ILE B 524 -33.40 -38.96 17.95
N GLN B 525 -33.39 -39.25 19.26
CA GLN B 525 -34.36 -40.16 19.87
C GLN B 525 -35.68 -39.44 20.17
N VAL B 526 -36.42 -39.09 19.11
CA VAL B 526 -37.71 -38.43 19.34
C VAL B 526 -38.87 -39.43 19.46
N ILE B 527 -38.79 -40.57 18.79
CA ILE B 527 -39.91 -41.51 18.78
C ILE B 527 -39.69 -42.54 19.88
N LYS B 528 -40.73 -42.75 20.69
CA LYS B 528 -40.74 -43.76 21.75
C LYS B 528 -40.33 -45.15 21.23
N ASP B 529 -39.33 -45.75 21.89
CA ASP B 529 -38.88 -47.11 21.59
C ASP B 529 -38.45 -47.26 20.12
N PHE B 530 -37.69 -46.29 19.63
CA PHE B 530 -37.12 -46.36 18.28
C PHE B 530 -35.77 -45.68 18.36
N PRO B 531 -34.82 -46.30 19.03
CA PRO B 531 -33.54 -45.65 19.25
C PRO B 531 -32.66 -45.72 18.01
N TRP B 532 -31.59 -44.93 18.07
CA TRP B 532 -30.57 -44.81 17.05
C TRP B 532 -29.23 -45.07 17.73
N ILE B 533 -28.29 -45.62 16.98
CA ILE B 533 -26.98 -45.96 17.51
C ILE B 533 -25.93 -45.44 16.53
N LEU B 534 -24.70 -45.32 17.02
CA LEU B 534 -23.56 -45.16 16.13
C LEU B 534 -23.49 -46.34 15.18
N ALA B 535 -23.26 -46.08 13.90
CA ALA B 535 -23.15 -47.16 12.93
C ALA B 535 -21.78 -47.81 13.02
N ASP B 536 -21.75 -49.12 12.85
CA ASP B 536 -20.51 -49.89 12.76
C ASP B 536 -20.01 -49.87 11.31
N GLU B 537 -18.75 -50.25 11.13
CA GLU B 537 -18.17 -50.29 9.78
C GLU B 537 -18.89 -51.32 8.92
N GLN B 538 -19.32 -52.44 9.51
CA GLN B 538 -20.09 -53.45 8.78
C GLN B 538 -21.31 -52.85 8.09
N ASP B 539 -21.98 -51.90 8.76
CA ASP B 539 -23.19 -51.31 8.22
C ASP B 539 -22.91 -50.48 6.97
N VAL B 540 -21.74 -49.86 6.90
CA VAL B 540 -21.46 -48.84 5.89
C VAL B 540 -20.33 -49.23 4.96
N HIS B 541 -19.50 -50.22 5.31
CA HIS B 541 -18.36 -50.57 4.50
C HIS B 541 -18.82 -51.14 3.16
N MET B 542 -18.32 -50.54 2.08
CA MET B 542 -18.60 -51.01 0.74
C MET B 542 -17.26 -51.17 0.03
N HIS B 543 -16.93 -52.39 -0.37
CA HIS B 543 -15.66 -52.65 -1.04
C HIS B 543 -15.70 -52.17 -2.49
N ASP B 544 -14.83 -51.22 -2.83
CA ASP B 544 -14.62 -50.68 -4.17
C ASP B 544 -15.95 -50.35 -4.83
N PRO B 545 -16.58 -49.24 -4.46
CA PRO B 545 -17.87 -48.88 -5.06
C PRO B 545 -17.74 -48.03 -6.31
N ARG B 546 -18.71 -48.20 -7.20
CA ARG B 546 -18.85 -47.36 -8.37
C ARG B 546 -19.76 -46.17 -8.03
N LEU B 547 -19.35 -44.96 -8.44
CA LEU B 547 -20.07 -43.73 -8.14
C LEU B 547 -20.87 -43.28 -9.37
N ILE B 548 -22.19 -43.34 -9.29
CA ILE B 548 -23.07 -42.94 -10.38
C ILE B 548 -23.76 -41.65 -9.95
N PRO B 549 -23.41 -40.51 -10.51
CA PRO B 549 -24.17 -39.30 -10.17
C PRO B 549 -25.54 -39.35 -10.81
N LEU B 550 -26.51 -38.75 -10.14
CA LEU B 550 -27.88 -38.75 -10.63
C LEU B 550 -28.41 -37.34 -10.81
N LYS B 551 -28.31 -36.47 -9.81
CA LYS B 551 -28.85 -35.12 -9.97
C LYS B 551 -28.16 -34.18 -8.98
N THR B 552 -28.03 -32.92 -9.40
CA THR B 552 -27.59 -31.84 -8.53
C THR B 552 -28.55 -30.67 -8.72
N MET B 553 -28.88 -30.01 -7.60
CA MET B 553 -29.63 -28.76 -7.62
C MET B 553 -28.93 -27.73 -6.76
N THR B 554 -29.27 -26.47 -7.01
CA THR B 554 -28.84 -25.32 -6.22
C THR B 554 -30.00 -24.35 -6.19
N SER B 555 -30.24 -23.75 -5.03
CA SER B 555 -31.32 -22.79 -4.87
C SER B 555 -31.04 -22.02 -3.59
N ASP B 556 -31.84 -20.98 -3.35
CA ASP B 556 -31.71 -20.17 -2.14
C ASP B 556 -31.80 -21.02 -0.88
N ILE B 557 -32.79 -21.92 -0.81
CA ILE B 557 -33.03 -22.62 0.44
C ILE B 557 -32.31 -23.96 0.56
N LEU B 558 -31.69 -24.47 -0.50
CA LEU B 558 -31.22 -25.85 -0.48
C LEU B 558 -30.30 -26.13 -1.66
N LYS B 559 -29.12 -26.68 -1.38
CA LYS B 559 -28.27 -27.31 -2.39
C LYS B 559 -28.22 -28.80 -2.12
N MET B 560 -28.36 -29.61 -3.15
CA MET B 560 -28.47 -31.04 -2.92
C MET B 560 -27.84 -31.84 -4.05
N GLN B 561 -27.10 -32.88 -3.67
CA GLN B 561 -26.56 -33.85 -4.58
C GLN B 561 -27.08 -35.23 -4.24
N LEU B 562 -27.70 -35.91 -5.22
CA LEU B 562 -28.04 -37.32 -5.13
C LEU B 562 -27.13 -38.11 -6.04
N TYR B 563 -26.38 -39.05 -5.48
CA TYR B 563 -25.57 -39.99 -6.25
C TYR B 563 -25.72 -41.37 -5.65
N VAL B 564 -25.37 -42.39 -6.45
CA VAL B 564 -25.43 -43.78 -6.03
C VAL B 564 -24.01 -44.30 -5.85
N GLU B 565 -23.79 -45.04 -4.76
CA GLU B 565 -22.62 -45.90 -4.63
C GLU B 565 -23.08 -47.32 -4.87
N GLU B 566 -22.46 -48.00 -5.82
CA GLU B 566 -22.88 -49.34 -6.19
C GLU B 566 -21.73 -50.33 -6.03
N ARG B 567 -22.02 -51.57 -5.69
CA ARG B 567 -21.00 -52.60 -5.52
C ARG B 567 -20.42 -53.04 -6.84
N ALA B 568 -19.18 -53.48 -6.85
CA ALA B 568 -18.55 -53.88 -8.10
C ALA B 568 -19.14 -55.03 -8.88
N HIS B 569 -19.39 -56.14 -8.22
CA HIS B 569 -20.01 -57.21 -8.93
C HIS B 569 -21.12 -57.57 -7.99
N LYS B 570 -22.33 -57.42 -8.43
CA LYS B 570 -23.41 -57.60 -7.50
C LYS B 570 -23.90 -59.01 -7.31
N GLY B 571 -23.50 -59.90 -8.22
CA GLY B 571 -23.81 -61.32 -8.19
C GLY B 571 -25.26 -61.67 -8.50
N SER B 607 -19.17 -43.28 13.38
CA SER B 607 -18.31 -42.17 13.79
C SER B 607 -19.05 -40.82 13.80
N ASN B 608 -19.47 -40.39 12.60
CA ASN B 608 -20.49 -39.37 12.42
C ASN B 608 -21.73 -39.95 11.75
N ILE B 609 -21.88 -41.27 11.81
CA ILE B 609 -22.96 -41.98 11.14
C ILE B 609 -23.88 -42.57 12.20
N LEU B 610 -25.16 -42.18 12.15
CA LEU B 610 -26.22 -42.69 13.00
C LEU B 610 -27.15 -43.58 12.19
N ILE B 611 -27.62 -44.67 12.80
CA ILE B 611 -28.47 -45.67 12.13
C ILE B 611 -29.56 -46.07 13.12
N PRO B 612 -30.80 -46.28 12.68
CA PRO B 612 -31.82 -46.83 13.60
C PRO B 612 -31.36 -48.16 14.16
N GLU B 613 -31.70 -48.42 15.42
CA GLU B 613 -31.41 -49.76 15.96
C GLU B 613 -32.30 -50.82 15.34
N LEU B 614 -33.50 -50.42 14.91
CA LEU B 614 -34.56 -51.32 14.49
C LEU B 614 -34.62 -51.42 12.98
N LYS B 615 -35.19 -52.54 12.54
CA LYS B 615 -35.17 -52.90 11.14
C LYS B 615 -36.54 -52.69 10.53
N ALA B 616 -36.53 -52.45 9.23
CA ALA B 616 -37.74 -52.38 8.47
C ALA B 616 -38.40 -53.75 8.44
N PRO B 617 -39.72 -53.80 8.35
CA PRO B 617 -40.41 -55.09 8.17
C PRO B 617 -39.92 -55.74 6.90
N LYS B 618 -39.77 -57.07 6.91
CA LYS B 618 -39.37 -57.75 5.70
C LYS B 618 -40.60 -58.18 4.91
N SER B 619 -40.38 -58.42 3.61
CA SER B 619 -41.40 -58.99 2.74
C SER B 619 -41.20 -60.51 2.58
N ILE C 3 43.50 60.04 14.51
CA ILE C 3 43.55 59.86 13.07
C ILE C 3 43.59 61.21 12.37
N GLY C 6 40.87 65.59 11.13
CA GLY C 6 40.81 66.82 10.37
C GLY C 6 40.70 66.65 8.86
N LYS C 7 41.23 65.54 8.36
CA LYS C 7 41.17 65.20 6.94
C LYS C 7 40.75 63.75 6.79
N LEU C 8 40.57 63.32 5.54
CA LEU C 8 40.03 62.00 5.22
C LEU C 8 41.10 61.14 4.57
N VAL C 9 41.39 59.99 5.19
CA VAL C 9 42.29 58.98 4.66
C VAL C 9 41.45 57.82 4.13
N ILE C 10 41.61 57.51 2.85
CA ILE C 10 40.76 56.54 2.17
C ILE C 10 41.64 55.44 1.58
N TRP C 11 41.37 54.19 1.97
CA TRP C 11 42.03 53.03 1.39
C TRP C 11 41.18 52.43 0.28
N ILE C 12 41.85 51.85 -0.70
CA ILE C 12 41.21 51.20 -1.84
C ILE C 12 42.27 50.36 -2.51
N ASN C 13 41.87 49.27 -3.16
CA ASN C 13 42.86 48.42 -3.80
C ASN C 13 43.35 49.01 -5.11
N GLY C 14 44.56 48.63 -5.49
CA GLY C 14 45.22 49.20 -6.66
C GLY C 14 44.56 48.86 -7.97
N ASP C 15 43.81 47.75 -8.03
CA ASP C 15 43.17 47.34 -9.27
C ASP C 15 41.98 48.23 -9.64
N LYS C 16 41.57 49.14 -8.78
CA LYS C 16 40.49 50.07 -9.06
C LYS C 16 41.05 51.46 -9.32
N GLY C 17 40.20 52.34 -9.84
CA GLY C 17 40.63 53.68 -10.19
C GLY C 17 40.70 54.66 -9.05
N TYR C 18 41.80 54.60 -8.27
CA TYR C 18 41.96 55.54 -7.16
C TYR C 18 42.37 56.93 -7.65
N ASN C 19 43.03 57.02 -8.80
CA ASN C 19 43.33 58.33 -9.38
C ASN C 19 42.05 59.07 -9.74
N GLY C 20 41.03 58.33 -10.18
CA GLY C 20 39.72 58.93 -10.33
C GLY C 20 39.04 59.22 -9.01
N LEU C 21 39.42 58.47 -7.96
CA LEU C 21 38.86 58.72 -6.63
C LEU C 21 39.45 59.97 -6.00
N ALA C 22 40.68 60.34 -6.36
CA ALA C 22 41.26 61.58 -5.89
C ALA C 22 40.63 62.82 -6.53
N GLU C 23 39.91 62.65 -7.65
CA GLU C 23 39.40 63.79 -8.40
C GLU C 23 38.21 64.44 -7.69
N VAL C 24 37.22 63.63 -7.28
CA VAL C 24 36.08 64.16 -6.54
C VAL C 24 36.47 64.45 -5.08
N GLY C 25 37.39 63.66 -4.52
CA GLY C 25 37.95 64.01 -3.22
C GLY C 25 38.63 65.37 -3.23
N LYS C 26 39.16 65.77 -4.39
CA LYS C 26 39.60 67.14 -4.61
C LYS C 26 38.40 68.10 -4.61
N LYS C 27 37.30 67.70 -5.26
CA LYS C 27 36.15 68.59 -5.35
C LYS C 27 35.42 68.73 -4.01
N PHE C 28 35.49 67.70 -3.16
CA PHE C 28 34.98 67.84 -1.79
C PHE C 28 35.80 68.86 -1.01
N GLU C 29 37.11 68.94 -1.30
CA GLU C 29 37.99 69.90 -0.64
C GLU C 29 37.66 71.33 -1.06
N LYS C 30 37.14 71.51 -2.28
CA LYS C 30 36.76 72.84 -2.77
C LYS C 30 35.73 73.50 -1.85
N ASP C 31 34.60 72.85 -1.65
CA ASP C 31 33.48 73.45 -0.95
C ASP C 31 33.48 73.19 0.56
N THR C 32 34.40 72.38 1.06
CA THR C 32 34.46 72.08 2.49
C THR C 32 35.77 72.48 3.14
N GLY C 33 36.88 72.45 2.40
CA GLY C 33 38.18 72.70 2.95
C GLY C 33 38.88 71.49 3.53
N ILE C 34 38.14 70.42 3.77
CA ILE C 34 38.74 69.19 4.29
C ILE C 34 39.31 68.40 3.10
N LYS C 35 40.63 68.25 3.08
CA LYS C 35 41.30 67.59 1.97
C LYS C 35 41.25 66.08 2.13
N VAL C 36 41.06 65.39 1.00
CA VAL C 36 40.90 63.95 0.97
C VAL C 36 42.10 63.34 0.28
N THR C 37 42.83 62.48 1.00
CA THR C 37 44.00 61.80 0.47
C THR C 37 43.66 60.34 0.21
N VAL C 38 43.92 59.89 -1.02
CA VAL C 38 43.62 58.54 -1.46
C VAL C 38 44.91 57.72 -1.43
N GLU C 39 44.84 56.53 -0.84
CA GLU C 39 45.96 55.60 -0.80
C GLU C 39 45.51 54.25 -1.34
N HIS C 40 46.47 53.45 -1.80
CA HIS C 40 46.20 52.07 -2.21
C HIS C 40 47.31 51.15 -1.69
N PRO C 41 47.29 50.83 -0.39
CA PRO C 41 48.31 49.93 0.16
C PRO C 41 48.18 48.51 -0.38
N ASP C 42 49.25 47.75 -0.19
CA ASP C 42 49.28 46.33 -0.53
C ASP C 42 48.72 45.52 0.63
N LYS C 43 47.90 44.52 0.30
CA LYS C 43 47.32 43.59 1.27
C LYS C 43 46.50 44.33 2.32
N LEU C 44 45.39 44.94 1.87
CA LEU C 44 44.61 45.78 2.77
C LEU C 44 43.72 44.96 3.70
N GLU C 45 43.18 43.83 3.23
CA GLU C 45 42.36 42.97 4.08
C GLU C 45 43.17 42.16 5.08
N GLU C 46 44.50 42.33 5.09
CA GLU C 46 45.39 41.68 6.04
C GLU C 46 45.73 42.57 7.23
N LYS C 47 45.88 43.87 7.00
CA LYS C 47 46.31 44.82 8.02
C LYS C 47 45.17 45.62 8.63
N PHE C 48 44.10 45.88 7.88
CA PHE C 48 43.01 46.69 8.40
C PHE C 48 42.42 46.18 9.72
N PRO C 49 42.29 44.87 9.97
CA PRO C 49 41.83 44.44 11.30
C PRO C 49 42.74 44.88 12.44
N GLN C 50 44.06 44.91 12.22
CA GLN C 50 45.02 45.20 13.28
C GLN C 50 45.54 46.64 13.27
N VAL C 51 45.46 47.34 12.14
CA VAL C 51 45.76 48.77 12.14
C VAL C 51 44.62 49.58 12.74
N ALA C 52 43.41 49.02 12.77
CA ALA C 52 42.28 49.65 13.43
C ALA C 52 42.02 49.07 14.82
N ALA C 53 42.51 47.86 15.11
CA ALA C 53 42.40 47.29 16.45
C ALA C 53 43.17 48.13 17.47
N THR C 54 44.21 48.83 17.03
CA THR C 54 44.89 49.81 17.86
C THR C 54 44.17 51.15 17.89
N GLY C 55 43.21 51.37 17.00
CA GLY C 55 42.45 52.59 16.96
C GLY C 55 42.78 53.53 15.82
N ASP C 56 43.62 53.12 14.88
CA ASP C 56 44.00 53.98 13.76
C ASP C 56 43.49 53.44 12.43
N GLY C 57 44.30 53.54 11.37
CA GLY C 57 43.87 53.14 10.06
C GLY C 57 43.18 54.28 9.34
N PRO C 58 42.58 54.00 8.18
CA PRO C 58 41.96 55.05 7.39
C PRO C 58 40.57 55.41 7.92
N ASP C 59 40.03 56.52 7.39
CA ASP C 59 38.68 56.93 7.71
C ASP C 59 37.65 56.13 6.92
N ILE C 60 37.93 55.87 5.63
CA ILE C 60 37.06 55.07 4.76
C ILE C 60 37.88 53.95 4.13
N ILE C 61 37.28 52.77 4.01
CA ILE C 61 37.93 51.61 3.40
C ILE C 61 37.00 51.04 2.34
N PHE C 62 37.57 50.71 1.18
CA PHE C 62 36.85 50.12 0.05
C PHE C 62 37.33 48.69 -0.16
N TRP C 63 36.38 47.75 -0.24
CA TRP C 63 36.69 46.34 -0.48
C TRP C 63 35.36 45.62 -0.72
N ALA C 64 35.47 44.33 -1.02
CA ALA C 64 34.29 43.49 -1.24
C ALA C 64 33.52 43.30 0.07
N HIS C 65 32.19 43.25 -0.04
CA HIS C 65 31.35 43.29 1.15
C HIS C 65 31.53 42.06 2.05
N ASP C 66 32.02 40.95 1.50
CA ASP C 66 32.17 39.73 2.29
C ASP C 66 33.19 39.91 3.42
N ARG C 67 34.18 40.79 3.23
CA ARG C 67 35.14 41.06 4.31
C ARG C 67 34.51 41.91 5.42
N PHE C 68 33.52 42.73 5.09
CA PHE C 68 32.98 43.68 6.06
C PHE C 68 32.15 43.02 7.15
N GLY C 69 31.74 41.75 6.96
CA GLY C 69 30.96 41.07 7.98
C GLY C 69 31.78 40.64 9.16
N GLY C 70 33.07 40.36 8.95
CA GLY C 70 33.98 40.06 10.03
C GLY C 70 34.45 41.32 10.73
N TYR C 71 34.69 42.39 9.96
CA TYR C 71 35.08 43.66 10.55
C TYR C 71 34.02 44.16 11.53
N ALA C 72 32.74 44.07 11.15
CA ALA C 72 31.68 44.57 12.01
C ALA C 72 31.47 43.69 13.24
N GLN C 73 31.74 42.38 13.14
CA GLN C 73 31.54 41.49 14.28
C GLN C 73 32.41 41.90 15.46
N SER C 74 33.66 42.27 15.20
CA SER C 74 34.52 42.87 16.21
C SER C 74 34.41 44.39 16.24
N GLY C 75 33.35 44.95 15.66
CA GLY C 75 33.12 46.39 15.77
C GLY C 75 34.17 47.25 15.11
N LEU C 76 34.87 46.73 14.12
CA LEU C 76 35.90 47.53 13.45
C LEU C 76 35.30 48.62 12.58
N LEU C 77 34.05 48.47 12.15
CA LEU C 77 33.36 49.45 11.34
C LEU C 77 32.23 50.09 12.13
N ALA C 78 31.91 51.34 11.78
CA ALA C 78 30.79 52.04 12.39
C ALA C 78 29.53 51.80 11.56
N GLU C 79 28.39 52.09 12.18
CA GLU C 79 27.10 51.95 11.49
C GLU C 79 26.79 53.22 10.73
N ILE C 80 26.42 53.07 9.46
CA ILE C 80 26.10 54.23 8.63
C ILE C 80 24.65 54.64 8.87
N THR C 81 24.35 55.88 8.49
CA THR C 81 23.06 56.51 8.76
C THR C 81 22.48 57.12 7.49
N PRO C 82 22.17 56.30 6.49
CA PRO C 82 21.60 56.85 5.25
C PRO C 82 20.10 57.04 5.34
N ALA C 83 19.65 58.18 4.82
CA ALA C 83 18.23 58.48 4.80
C ALA C 83 17.50 57.60 3.79
N ALA C 84 16.19 57.44 4.00
CA ALA C 84 15.39 56.68 3.05
C ALA C 84 15.38 57.33 1.67
N ALA C 85 15.57 58.65 1.61
CA ALA C 85 15.64 59.31 0.31
C ALA C 85 16.96 59.02 -0.40
N PHE C 86 18.05 58.85 0.35
CA PHE C 86 19.32 58.47 -0.27
C PHE C 86 19.36 56.98 -0.61
N GLN C 87 18.91 56.12 0.32
CA GLN C 87 18.84 54.70 0.06
C GLN C 87 17.99 54.41 -1.19
N ASP C 88 16.99 55.24 -1.45
CA ASP C 88 16.18 55.11 -2.65
C ASP C 88 16.96 55.37 -3.93
N LYS C 89 18.14 55.99 -3.85
CA LYS C 89 18.97 56.20 -5.03
C LYS C 89 19.77 54.95 -5.43
N LEU C 90 19.90 53.98 -4.54
CA LEU C 90 20.64 52.76 -4.82
C LEU C 90 19.67 51.59 -5.02
N TYR C 91 20.15 50.58 -5.72
CA TYR C 91 19.33 49.40 -5.96
C TYR C 91 19.03 48.70 -4.64
N PRO C 92 17.79 48.25 -4.44
CA PRO C 92 17.43 47.66 -3.13
C PRO C 92 18.28 46.45 -2.75
N PHE C 93 18.51 45.51 -3.67
CA PHE C 93 19.27 44.32 -3.30
C PHE C 93 20.69 44.67 -2.85
N THR C 94 21.24 45.81 -3.30
CA THR C 94 22.61 46.15 -2.92
C THR C 94 22.73 46.53 -1.46
N TRP C 95 21.63 47.00 -0.84
CA TRP C 95 21.71 47.32 0.58
C TRP C 95 21.78 46.07 1.44
N ASP C 96 21.22 44.97 0.97
CA ASP C 96 21.27 43.72 1.74
C ASP C 96 22.71 43.24 1.96
N ALA C 97 23.62 43.52 1.01
CA ALA C 97 24.99 43.01 1.15
C ALA C 97 25.77 43.74 2.23
N VAL C 98 25.38 44.97 2.55
CA VAL C 98 26.09 45.80 3.51
C VAL C 98 25.38 45.80 4.87
N ARG C 99 24.52 44.81 5.13
CA ARG C 99 23.84 44.65 6.41
C ARG C 99 24.47 43.50 7.18
N TYR C 100 24.83 43.76 8.44
CA TYR C 100 25.28 42.70 9.34
C TYR C 100 24.45 42.75 10.60
N ASN C 101 23.67 41.69 10.83
CA ASN C 101 22.77 41.62 11.99
C ASN C 101 21.77 42.78 11.97
N GLY C 102 21.28 43.13 10.77
CA GLY C 102 20.24 44.12 10.62
C GLY C 102 20.69 45.57 10.58
N LYS C 103 21.95 45.86 10.87
CA LYS C 103 22.48 47.21 10.82
C LYS C 103 23.27 47.43 9.52
N LEU C 104 23.06 48.58 8.89
CA LEU C 104 23.87 48.95 7.74
C LEU C 104 25.28 49.30 8.20
N ILE C 105 26.28 48.82 7.46
CA ILE C 105 27.68 48.99 7.86
C ILE C 105 28.58 49.47 6.73
N ALA C 106 28.04 49.76 5.55
CA ALA C 106 28.87 50.16 4.42
C ALA C 106 28.00 50.75 3.32
N TYR C 107 28.65 51.34 2.32
CA TYR C 107 27.98 51.98 1.19
C TYR C 107 28.20 51.17 -0.08
N PRO C 108 27.17 50.49 -0.61
CA PRO C 108 27.35 49.71 -1.84
C PRO C 108 27.68 50.63 -3.02
N ILE C 109 28.69 50.24 -3.79
CA ILE C 109 29.14 51.07 -4.90
C ILE C 109 29.06 50.32 -6.23
N ALA C 110 29.77 49.20 -6.34
CA ALA C 110 29.81 48.42 -7.57
C ALA C 110 29.26 47.01 -7.34
N VAL C 111 28.73 46.43 -8.41
CA VAL C 111 28.11 45.11 -8.37
C VAL C 111 28.82 44.23 -9.40
N GLU C 112 28.96 42.95 -9.06
CA GLU C 112 29.69 42.03 -9.93
C GLU C 112 29.05 40.66 -9.87
N ALA C 113 28.96 40.01 -11.04
CA ALA C 113 28.38 38.68 -11.12
C ALA C 113 28.78 38.04 -12.44
N LEU C 114 28.63 36.73 -12.52
CA LEU C 114 28.89 35.97 -13.73
C LEU C 114 27.78 36.19 -14.76
N SER C 115 28.15 35.98 -16.03
CA SER C 115 27.20 36.02 -17.13
C SER C 115 27.60 34.97 -18.16
N LEU C 116 26.67 34.66 -19.07
CA LEU C 116 26.92 33.75 -20.17
C LEU C 116 27.58 34.50 -21.32
N ILE C 117 28.85 34.19 -21.58
CA ILE C 117 29.62 34.84 -22.63
C ILE C 117 29.64 33.92 -23.84
N TYR C 118 29.15 34.40 -24.97
CA TYR C 118 28.96 33.54 -26.14
C TYR C 118 29.57 34.15 -27.39
N ASN C 119 30.02 33.28 -28.28
CA ASN C 119 30.72 33.66 -29.51
C ASN C 119 29.69 33.96 -30.59
N LYS C 120 29.65 35.21 -31.06
CA LYS C 120 28.59 35.61 -31.99
C LYS C 120 28.75 34.94 -33.36
N ASP C 121 29.98 34.67 -33.79
CA ASP C 121 30.20 33.93 -35.03
C ASP C 121 29.71 32.50 -34.92
N LEU C 122 30.04 31.82 -33.82
CA LEU C 122 29.68 30.41 -33.66
C LEU C 122 28.20 30.24 -33.36
N LEU C 123 27.60 31.17 -32.64
CA LEU C 123 26.28 30.97 -32.06
C LEU C 123 25.60 32.33 -31.94
N PRO C 124 24.83 32.72 -32.95
CA PRO C 124 24.26 34.07 -32.94
C PRO C 124 23.15 34.24 -31.91
N ASN C 125 22.39 33.18 -31.64
CA ASN C 125 21.35 33.20 -30.61
C ASN C 125 21.71 32.22 -29.50
N PRO C 126 22.18 32.70 -28.34
CA PRO C 126 22.57 31.78 -27.28
C PRO C 126 21.38 31.08 -26.70
N PRO C 127 21.57 29.90 -26.10
CA PRO C 127 20.44 29.18 -25.54
C PRO C 127 19.95 29.85 -24.27
N LYS C 128 18.66 29.73 -24.04
CA LYS C 128 18.07 30.32 -22.86
C LYS C 128 17.92 29.33 -21.73
N THR C 129 17.98 28.03 -22.03
CA THR C 129 17.87 26.99 -21.01
C THR C 129 19.10 26.09 -21.06
N TRP C 130 19.49 25.61 -19.88
CA TRP C 130 20.55 24.61 -19.81
C TRP C 130 20.19 23.37 -20.61
N GLU C 131 18.90 23.00 -20.59
CA GLU C 131 18.48 21.73 -21.17
C GLU C 131 18.80 21.62 -22.65
N GLU C 132 18.86 22.73 -23.37
CA GLU C 132 19.09 22.68 -24.80
C GLU C 132 20.57 22.74 -25.15
N ILE C 133 21.44 22.71 -24.15
CA ILE C 133 22.88 22.74 -24.39
C ILE C 133 23.38 21.38 -24.87
N PRO C 134 22.93 20.24 -24.31
CA PRO C 134 23.35 18.96 -24.90
C PRO C 134 23.12 18.85 -26.40
N ALA C 135 21.90 19.11 -26.87
CA ALA C 135 21.66 19.01 -28.32
C ALA C 135 22.49 20.01 -29.11
N LEU C 136 22.71 21.19 -28.54
CA LEU C 136 23.55 22.17 -29.20
C LEU C 136 24.97 21.66 -29.35
N ASP C 137 25.48 20.97 -28.33
CA ASP C 137 26.85 20.45 -28.37
C ASP C 137 26.98 19.33 -29.39
N LYS C 138 25.98 18.46 -29.49
CA LYS C 138 25.98 17.39 -30.48
C LYS C 138 26.11 17.97 -31.88
N GLU C 139 25.37 19.05 -32.15
CA GLU C 139 25.49 19.73 -33.44
C GLU C 139 26.85 20.41 -33.59
N LEU C 140 27.34 21.06 -32.53
CA LEU C 140 28.63 21.73 -32.63
C LEU C 140 29.81 20.76 -32.64
N LYS C 141 29.62 19.54 -32.15
CA LYS C 141 30.69 18.55 -32.22
C LYS C 141 30.93 18.10 -33.65
N ALA C 142 29.89 18.19 -34.49
CA ALA C 142 30.03 17.90 -35.93
C ALA C 142 30.91 18.92 -36.65
N LYS C 143 31.10 20.11 -36.08
CA LYS C 143 31.98 21.13 -36.66
C LYS C 143 33.33 21.20 -35.96
N GLY C 144 33.68 20.18 -35.17
CA GLY C 144 34.93 20.22 -34.43
C GLY C 144 34.95 21.21 -33.30
N LYS C 145 33.79 21.71 -32.89
CA LYS C 145 33.66 22.71 -31.83
C LYS C 145 32.93 22.09 -30.65
N SER C 146 32.86 22.85 -29.54
CA SER C 146 32.10 22.45 -28.37
C SER C 146 31.15 23.57 -27.98
N ALA C 147 30.06 23.19 -27.33
CA ALA C 147 29.04 24.17 -26.96
C ALA C 147 29.50 25.07 -25.82
N LEU C 148 30.10 24.50 -24.78
CA LEU C 148 30.30 25.22 -23.52
C LEU C 148 31.55 24.70 -22.83
N MET C 149 32.39 25.62 -22.36
CA MET C 149 33.51 25.29 -21.49
C MET C 149 33.64 26.38 -20.45
N PHE C 150 33.58 26.00 -19.18
CA PHE C 150 33.87 26.91 -18.09
C PHE C 150 34.57 26.15 -16.97
N ASN C 151 35.13 26.91 -16.03
CA ASN C 151 35.92 26.38 -14.93
C ASN C 151 35.11 25.46 -14.02
N LEU C 152 35.44 24.17 -14.00
CA LEU C 152 34.77 23.17 -13.17
C LEU C 152 35.53 22.85 -11.88
N GLN C 153 36.69 23.47 -11.65
CA GLN C 153 37.47 23.23 -10.45
C GLN C 153 37.10 24.16 -9.30
N GLU C 154 36.36 25.22 -9.56
CA GLU C 154 36.08 26.19 -8.52
C GLU C 154 34.57 26.36 -8.38
N PRO C 155 34.03 26.17 -7.17
CA PRO C 155 32.57 26.15 -7.00
C PRO C 155 31.89 27.48 -7.25
N TYR C 156 32.61 28.60 -7.13
CA TYR C 156 32.09 29.90 -7.59
C TYR C 156 31.50 29.81 -9.00
N PHE C 157 32.16 29.08 -9.92
CA PHE C 157 31.70 29.00 -11.30
C PHE C 157 30.61 27.95 -11.53
N THR C 158 30.54 26.91 -10.69
CA THR C 158 29.51 25.91 -10.89
C THR C 158 28.26 26.19 -10.07
N TRP C 159 28.39 26.98 -9.00
CA TRP C 159 27.25 27.29 -8.12
C TRP C 159 26.04 27.85 -8.84
N PRO C 160 26.16 28.74 -9.86
CA PRO C 160 24.95 29.25 -10.52
C PRO C 160 24.01 28.17 -11.01
N LEU C 161 24.54 27.07 -11.55
CA LEU C 161 23.68 25.95 -11.94
C LEU C 161 23.11 25.24 -10.71
N ILE C 162 23.96 24.97 -9.72
CA ILE C 162 23.53 24.22 -8.54
C ILE C 162 22.44 25.00 -7.81
N ALA C 163 22.64 26.31 -7.66
CA ALA C 163 21.68 27.13 -6.94
C ALA C 163 20.38 27.32 -7.70
N ALA C 164 20.37 27.11 -9.02
CA ALA C 164 19.26 27.56 -9.85
C ALA C 164 17.93 26.97 -9.38
N ASP C 165 17.91 25.69 -9.06
CA ASP C 165 16.63 25.05 -8.77
C ASP C 165 16.34 24.94 -7.29
N GLY C 166 17.10 25.62 -6.44
CA GLY C 166 16.77 25.60 -5.03
C GLY C 166 17.92 25.58 -4.06
N GLY C 167 19.15 25.54 -4.56
CA GLY C 167 20.29 25.51 -3.68
C GLY C 167 20.64 26.89 -3.15
N TYR C 168 21.24 26.90 -1.95
CA TYR C 168 21.72 28.13 -1.34
C TYR C 168 22.83 27.78 -0.36
N ALA C 169 23.61 28.79 0.00
CA ALA C 169 24.66 28.62 0.98
C ALA C 169 24.10 28.70 2.41
N PHE C 170 23.77 29.90 2.86
CA PHE C 170 23.17 30.08 4.17
C PHE C 170 21.89 30.88 4.02
N LYS C 171 20.84 30.45 4.71
CA LYS C 171 19.56 31.13 4.57
C LYS C 171 19.66 32.55 5.13
N TYR C 172 19.19 33.52 4.34
CA TYR C 172 19.24 34.93 4.67
C TYR C 172 17.82 35.39 5.00
N ALA C 173 17.65 36.03 6.16
CA ALA C 173 16.36 36.55 6.56
C ALA C 173 16.56 37.75 7.47
N ALA C 174 15.88 38.85 7.16
CA ALA C 174 15.91 40.06 7.98
C ALA C 174 17.32 40.59 8.16
N GLY C 175 18.08 40.63 7.06
CA GLY C 175 19.45 41.10 7.12
C GLY C 175 20.37 40.26 7.98
N LYS C 176 20.00 39.00 8.22
CA LYS C 176 20.74 38.07 9.08
C LYS C 176 20.91 36.72 8.40
N TYR C 177 22.05 36.09 8.59
CA TYR C 177 22.29 34.76 8.04
C TYR C 177 22.07 33.70 9.12
N ASP C 178 21.39 32.63 8.73
CA ASP C 178 21.05 31.51 9.59
C ASP C 178 22.08 30.41 9.39
N ILE C 179 23.07 30.34 10.28
CA ILE C 179 24.16 29.37 10.18
C ILE C 179 23.72 27.92 10.33
N LYS C 180 22.51 27.66 10.81
CA LYS C 180 22.07 26.26 10.84
C LYS C 180 21.46 25.82 9.53
N ASP C 181 21.02 26.75 8.68
CA ASP C 181 20.30 26.42 7.46
C ASP C 181 21.24 26.55 6.27
N VAL C 182 21.67 25.41 5.75
CA VAL C 182 22.50 25.35 4.55
C VAL C 182 21.77 24.52 3.51
N GLY C 183 21.84 24.94 2.25
CA GLY C 183 21.12 24.27 1.21
C GLY C 183 22.02 23.81 0.09
N VAL C 184 22.98 22.93 0.43
CA VAL C 184 23.83 22.31 -0.57
C VAL C 184 23.48 20.85 -0.80
N ASP C 185 22.66 20.23 0.07
CA ASP C 185 22.24 18.87 -0.22
C ASP C 185 20.73 18.75 -0.39
N ASN C 186 20.03 19.84 -0.71
CA ASN C 186 18.59 19.76 -0.90
C ASN C 186 18.28 19.30 -2.31
N ALA C 187 16.99 19.10 -2.60
CA ALA C 187 16.58 18.58 -3.90
C ALA C 187 17.09 19.45 -5.05
N GLY C 188 16.98 20.77 -4.89
CA GLY C 188 17.40 21.66 -5.95
C GLY C 188 18.87 21.53 -6.27
N ALA C 189 19.72 21.51 -5.23
CA ALA C 189 21.15 21.39 -5.46
C ALA C 189 21.52 20.02 -6.02
N LYS C 190 20.78 18.96 -5.67
CA LYS C 190 21.10 17.65 -6.23
C LYS C 190 20.74 17.59 -7.70
N ALA C 191 19.62 18.20 -8.10
CA ALA C 191 19.27 18.21 -9.51
C ALA C 191 20.25 19.04 -10.32
N GLY C 192 20.72 20.14 -9.75
CA GLY C 192 21.72 20.96 -10.42
C GLY C 192 23.01 20.21 -10.68
N LEU C 193 23.63 19.68 -9.63
CA LEU C 193 24.89 18.98 -9.80
C LEU C 193 24.72 17.73 -10.62
N THR C 194 23.54 17.10 -10.55
CA THR C 194 23.31 15.93 -11.38
C THR C 194 23.30 16.29 -12.86
N PHE C 195 22.63 17.39 -13.22
CA PHE C 195 22.63 17.80 -14.61
C PHE C 195 24.05 18.10 -15.09
N LEU C 196 24.85 18.72 -14.22
CA LEU C 196 26.24 19.05 -14.54
C LEU C 196 27.06 17.79 -14.78
N VAL C 197 26.95 16.82 -13.87
CA VAL C 197 27.72 15.58 -13.98
C VAL C 197 27.29 14.80 -15.21
N ASP C 198 25.98 14.77 -15.50
CA ASP C 198 25.53 14.11 -16.73
C ASP C 198 26.04 14.81 -17.98
N LEU C 199 26.25 16.13 -17.95
CA LEU C 199 26.94 16.77 -19.08
C LEU C 199 28.31 16.16 -19.25
N ILE C 200 29.02 15.93 -18.15
CA ILE C 200 30.32 15.27 -18.25
C ILE C 200 30.14 13.81 -18.65
N LYS C 201 29.10 13.16 -18.14
CA LYS C 201 28.89 11.77 -18.48
C LYS C 201 28.70 11.60 -19.98
N ASN C 202 27.99 12.53 -20.63
CA ASN C 202 27.67 12.38 -22.04
C ASN C 202 28.67 13.09 -22.95
N LYS C 203 29.85 13.43 -22.44
CA LYS C 203 30.99 13.95 -23.18
C LYS C 203 30.76 15.38 -23.67
N HIS C 204 29.78 16.09 -23.09
CA HIS C 204 29.58 17.48 -23.43
C HIS C 204 30.49 18.40 -22.65
N MET C 205 31.08 17.93 -21.55
CA MET C 205 32.06 18.71 -20.82
C MET C 205 33.14 17.79 -20.29
N ASN C 206 34.23 18.39 -19.81
CA ASN C 206 35.38 17.69 -19.29
C ASN C 206 35.65 18.15 -17.85
N ALA C 207 35.65 17.20 -16.91
CA ALA C 207 35.87 17.48 -15.49
C ALA C 207 37.21 18.13 -15.18
N ASP C 208 38.22 17.93 -16.03
CA ASP C 208 39.52 18.55 -15.81
C ASP C 208 39.56 20.00 -16.22
N THR C 209 38.56 20.48 -16.97
CA THR C 209 38.56 21.87 -17.40
C THR C 209 38.72 22.78 -16.19
N ASP C 210 39.73 23.65 -16.23
CA ASP C 210 39.87 24.66 -15.19
C ASP C 210 39.73 26.06 -15.78
N TYR C 211 40.21 27.07 -15.05
CA TYR C 211 40.04 28.43 -15.54
C TYR C 211 40.87 28.68 -16.79
N SER C 212 42.11 28.17 -16.83
CA SER C 212 42.98 28.43 -17.98
C SER C 212 42.48 27.73 -19.23
N ILE C 213 42.07 26.46 -19.11
CA ILE C 213 41.65 25.71 -20.29
C ILE C 213 40.42 26.36 -20.93
N ALA C 214 39.46 26.81 -20.11
CA ALA C 214 38.24 27.41 -20.63
C ALA C 214 38.49 28.81 -21.18
N GLU C 215 39.44 29.55 -20.61
CA GLU C 215 39.78 30.86 -21.16
C GLU C 215 40.37 30.70 -22.55
N ALA C 216 41.41 29.86 -22.68
CA ALA C 216 42.05 29.64 -23.97
C ALA C 216 41.06 29.11 -25.01
N ALA C 217 40.16 28.20 -24.60
CA ALA C 217 39.29 27.57 -25.60
C ALA C 217 38.29 28.57 -26.19
N PHE C 218 37.85 29.53 -25.38
CA PHE C 218 36.86 30.48 -25.88
C PHE C 218 37.52 31.61 -26.65
N ASN C 219 38.64 32.11 -26.16
CA ASN C 219 39.32 33.20 -26.82
C ASN C 219 39.93 32.79 -28.16
N LYS C 220 40.11 31.49 -28.39
CA LYS C 220 40.54 30.96 -29.69
C LYS C 220 39.38 30.40 -30.50
N GLY C 221 38.14 30.76 -30.16
CA GLY C 221 36.97 30.32 -30.92
C GLY C 221 36.69 28.82 -30.91
N GLU C 222 37.37 28.04 -30.08
CA GLU C 222 37.12 26.60 -30.06
C GLU C 222 35.80 26.25 -29.39
N THR C 223 35.34 27.05 -28.43
CA THR C 223 34.06 26.80 -27.78
C THR C 223 33.09 27.95 -27.98
N ALA C 224 31.80 27.58 -28.11
CA ALA C 224 30.72 28.51 -28.38
C ALA C 224 30.32 29.33 -27.15
N MET C 225 30.41 28.78 -25.95
CA MET C 225 30.02 29.52 -24.76
C MET C 225 31.04 29.33 -23.66
N THR C 226 31.01 30.25 -22.70
CA THR C 226 31.79 30.16 -21.48
C THR C 226 31.01 30.90 -20.40
N ILE C 227 31.43 30.73 -19.15
CA ILE C 227 30.85 31.46 -18.03
C ILE C 227 31.98 32.17 -17.30
N ASN C 228 31.87 33.47 -17.16
CA ASN C 228 32.95 34.23 -16.55
C ASN C 228 32.43 35.64 -16.26
N GLY C 229 33.24 36.42 -15.54
CA GLY C 229 32.85 37.75 -15.12
C GLY C 229 33.56 38.85 -15.89
N PRO C 230 33.32 40.10 -15.49
CA PRO C 230 33.89 41.23 -16.25
C PRO C 230 35.42 41.21 -16.30
N TRP C 231 36.08 40.62 -15.30
CA TRP C 231 37.54 40.63 -15.25
C TRP C 231 38.18 39.99 -16.48
N ALA C 232 37.41 39.25 -17.29
CA ALA C 232 37.94 38.58 -18.46
C ALA C 232 37.58 39.28 -19.76
N TRP C 233 36.74 40.33 -19.70
CA TRP C 233 36.27 41.00 -20.91
C TRP C 233 37.41 41.62 -21.70
N SER C 234 38.47 42.05 -21.02
CA SER C 234 39.61 42.67 -21.70
C SER C 234 40.39 41.63 -22.50
N ASN C 235 40.71 40.49 -21.89
CA ASN C 235 41.40 39.44 -22.61
C ASN C 235 40.60 39.00 -23.84
N ILE C 236 39.27 38.97 -23.73
CA ILE C 236 38.47 38.56 -24.88
C ILE C 236 38.51 39.64 -25.96
N ASP C 237 38.60 40.91 -25.56
CA ASP C 237 38.65 41.99 -26.55
C ASP C 237 39.91 41.95 -27.40
N THR C 238 41.02 41.49 -26.84
CA THR C 238 42.26 41.41 -27.62
C THR C 238 42.34 40.13 -28.45
N SER C 239 41.43 39.19 -28.27
CA SER C 239 41.45 37.95 -29.02
C SER C 239 40.72 38.03 -30.34
N ALA C 240 40.16 39.21 -30.66
CA ALA C 240 39.44 39.44 -31.91
C ALA C 240 38.38 38.36 -32.14
N VAL C 241 37.68 38.01 -31.06
CA VAL C 241 36.50 37.17 -31.13
C VAL C 241 35.29 38.06 -30.88
N ASN C 242 34.27 37.92 -31.73
CA ASN C 242 33.06 38.73 -31.60
C ASN C 242 32.11 38.05 -30.62
N TYR C 243 31.96 38.62 -29.44
CA TYR C 243 31.31 37.95 -28.32
C TYR C 243 30.20 38.79 -27.71
N GLY C 244 29.17 38.09 -27.21
CA GLY C 244 28.10 38.71 -26.48
C GLY C 244 28.10 38.27 -25.03
N VAL C 245 27.55 39.11 -24.16
CA VAL C 245 27.38 38.81 -22.74
C VAL C 245 25.90 38.90 -22.42
N THR C 246 25.32 37.81 -21.92
CA THR C 246 23.87 37.72 -21.79
C THR C 246 23.50 37.10 -20.44
N VAL C 247 22.20 36.99 -20.20
CA VAL C 247 21.69 36.36 -18.99
C VAL C 247 22.08 34.89 -18.97
N LEU C 248 22.44 34.39 -17.79
CA LEU C 248 22.77 32.99 -17.65
C LEU C 248 21.54 32.14 -17.96
N PRO C 249 21.73 30.93 -18.47
CA PRO C 249 20.58 30.12 -18.87
C PRO C 249 19.82 29.60 -17.65
N THR C 250 18.53 29.33 -17.87
CA THR C 250 17.67 28.81 -16.84
C THR C 250 17.82 27.28 -16.74
N PHE C 251 17.44 26.74 -15.57
CA PHE C 251 17.43 25.30 -15.35
C PHE C 251 16.10 24.92 -14.72
N LYS C 252 15.37 24.03 -15.39
CA LYS C 252 14.01 23.67 -14.96
C LYS C 252 13.13 24.91 -14.79
N GLY C 253 13.37 25.93 -15.62
CA GLY C 253 12.56 27.12 -15.63
C GLY C 253 13.00 28.20 -14.69
N GLN C 254 13.89 27.91 -13.75
CA GLN C 254 14.35 28.95 -12.83
C GLN C 254 15.62 29.61 -13.35
N PRO C 255 15.87 30.88 -13.04
CA PRO C 255 17.13 31.50 -13.45
C PRO C 255 18.31 30.87 -12.75
N SER C 256 19.47 30.93 -13.41
CA SER C 256 20.70 30.66 -12.69
C SER C 256 20.95 31.75 -11.66
N LYS C 257 21.63 31.39 -10.57
CA LYS C 257 21.79 32.27 -9.41
C LYS C 257 23.27 32.41 -9.09
N PRO C 258 24.00 33.21 -9.86
CA PRO C 258 25.42 33.42 -9.55
C PRO C 258 25.62 34.16 -8.23
N PHE C 259 26.81 34.02 -7.68
CA PHE C 259 27.17 34.73 -6.47
C PHE C 259 27.48 36.19 -6.80
N VAL C 260 26.94 37.09 -5.99
CA VAL C 260 26.97 38.53 -6.24
C VAL C 260 27.93 39.17 -5.25
N GLY C 261 28.88 39.93 -5.78
CA GLY C 261 29.82 40.70 -4.97
C GLY C 261 29.46 42.17 -5.09
N VAL C 262 29.56 42.89 -3.99
CA VAL C 262 29.20 44.30 -3.95
C VAL C 262 30.38 45.06 -3.37
N LEU C 263 31.02 45.87 -4.21
CA LEU C 263 32.07 46.74 -3.73
C LEU C 263 31.44 47.81 -2.84
N SER C 264 31.92 47.90 -1.60
CA SER C 264 31.33 48.77 -0.61
C SER C 264 32.42 49.58 0.09
N ALA C 265 32.00 50.71 0.66
CA ALA C 265 32.91 51.63 1.35
C ALA C 265 32.44 51.77 2.79
N GLY C 266 33.22 51.21 3.72
CA GLY C 266 32.92 51.33 5.13
C GLY C 266 33.67 52.50 5.76
N ILE C 267 33.22 52.89 6.94
CA ILE C 267 33.84 53.96 7.71
C ILE C 267 34.37 53.37 9.01
N ASN C 268 35.61 53.72 9.36
CA ASN C 268 36.22 53.15 10.56
C ASN C 268 35.53 53.72 11.80
N ALA C 269 35.22 52.82 12.75
CA ALA C 269 34.51 53.22 13.95
C ALA C 269 35.35 54.14 14.84
N ALA C 270 36.67 54.02 14.77
CA ALA C 270 37.60 54.85 15.53
C ALA C 270 37.98 56.14 14.79
N SER C 271 37.20 56.55 13.79
CA SER C 271 37.57 57.80 13.12
C SER C 271 36.79 58.98 13.67
N PRO C 272 37.44 60.13 13.84
CA PRO C 272 36.74 61.33 14.31
C PRO C 272 36.01 62.11 13.24
N ASN C 273 36.00 61.62 11.99
CA ASN C 273 35.32 62.28 10.88
C ASN C 273 34.19 61.43 10.32
N LYS C 274 33.53 60.64 11.19
CA LYS C 274 32.56 59.66 10.73
C LYS C 274 31.43 60.31 9.94
N GLU C 275 31.00 61.50 10.35
CA GLU C 275 29.90 62.16 9.66
C GLU C 275 30.36 62.86 8.40
N LEU C 276 31.58 63.40 8.40
CA LEU C 276 32.08 64.06 7.19
C LEU C 276 32.38 63.05 6.09
N ALA C 277 32.84 61.85 6.45
CA ALA C 277 32.98 60.77 5.48
C ALA C 277 31.64 60.41 4.85
N LYS C 278 30.57 60.45 5.66
CA LYS C 278 29.22 60.20 5.14
C LYS C 278 28.86 61.21 4.06
N GLU C 279 29.11 62.49 4.32
CA GLU C 279 28.80 63.53 3.35
C GLU C 279 29.67 63.39 2.10
N PHE C 280 30.92 62.97 2.27
CA PHE C 280 31.79 62.76 1.13
C PHE C 280 31.24 61.68 0.21
N LEU C 281 30.84 60.55 0.79
CA LEU C 281 30.41 59.40 -0.01
C LEU C 281 29.02 59.60 -0.58
N GLU C 282 28.12 60.24 0.19
CA GLU C 282 26.74 60.35 -0.24
C GLU C 282 26.50 61.51 -1.21
N ASN C 283 27.17 62.64 -1.01
CA ASN C 283 26.82 63.84 -1.75
C ASN C 283 27.72 64.12 -2.95
N TYR C 284 28.93 63.58 -2.97
CA TYR C 284 29.85 63.82 -4.08
C TYR C 284 30.27 62.53 -4.79
N LEU C 285 30.63 61.48 -4.04
CA LEU C 285 31.11 60.25 -4.67
C LEU C 285 29.97 59.50 -5.36
N LEU C 286 28.95 59.11 -4.59
CA LEU C 286 27.82 58.36 -5.13
C LEU C 286 26.88 59.28 -5.91
N THR C 287 27.46 59.94 -6.92
CA THR C 287 26.74 60.77 -7.87
C THR C 287 27.11 60.34 -9.28
N ASP C 288 26.33 60.82 -10.26
CA ASP C 288 26.65 60.53 -11.65
C ASP C 288 28.02 61.06 -12.02
N GLU C 289 28.40 62.23 -11.49
CA GLU C 289 29.70 62.80 -11.79
C GLU C 289 30.81 62.09 -11.01
N GLY C 290 30.56 61.75 -9.75
CA GLY C 290 31.60 61.15 -8.94
C GLY C 290 32.00 59.76 -9.41
N LEU C 291 31.01 58.91 -9.68
CA LEU C 291 31.30 57.59 -10.23
C LEU C 291 31.92 57.67 -11.62
N GLU C 292 31.49 58.66 -12.40
CA GLU C 292 32.04 58.82 -13.75
C GLU C 292 33.53 59.12 -13.72
N ALA C 293 33.97 59.92 -12.74
CA ALA C 293 35.40 60.15 -12.58
C ALA C 293 36.13 58.90 -12.11
N VAL C 294 35.46 58.07 -11.30
CA VAL C 294 36.05 56.79 -10.90
C VAL C 294 35.97 55.80 -12.05
N ASN C 295 34.87 55.82 -12.80
CA ASN C 295 34.67 54.86 -13.87
C ASN C 295 35.53 55.19 -15.08
N LYS C 296 35.68 56.48 -15.41
CA LYS C 296 36.54 56.86 -16.53
C LYS C 296 37.98 56.48 -16.24
N ASP C 297 38.41 56.61 -14.99
CA ASP C 297 39.76 56.21 -14.61
C ASP C 297 39.95 54.72 -14.87
N LYS C 298 39.23 53.89 -14.11
CA LYS C 298 39.21 52.44 -14.27
C LYS C 298 37.76 51.96 -14.14
N PRO C 299 37.23 51.26 -15.14
CA PRO C 299 35.81 50.90 -15.12
C PRO C 299 35.48 50.03 -13.91
N LEU C 300 34.33 50.33 -13.29
CA LEU C 300 33.89 49.63 -12.09
C LEU C 300 32.94 48.47 -12.39
N GLY C 301 32.41 48.39 -13.60
CA GLY C 301 31.44 47.38 -13.96
C GLY C 301 30.02 47.90 -13.83
N ALA C 302 29.16 47.12 -13.20
CA ALA C 302 27.84 47.61 -12.81
C ALA C 302 27.94 48.34 -11.48
N VAL C 303 27.08 49.35 -11.30
CA VAL C 303 27.08 50.16 -10.08
C VAL C 303 25.71 50.07 -9.41
N ALA C 304 25.70 50.45 -8.12
CA ALA C 304 24.48 50.41 -7.32
C ALA C 304 23.59 51.62 -7.52
N LEU C 305 24.16 52.74 -8.00
CA LEU C 305 23.40 53.97 -8.22
C LEU C 305 22.53 53.81 -9.45
N LYS C 306 21.20 53.90 -9.26
CA LYS C 306 20.28 53.58 -10.35
C LYS C 306 20.50 54.49 -11.55
N SER C 307 20.61 55.81 -11.32
CA SER C 307 20.70 56.75 -12.45
C SER C 307 21.94 56.48 -13.30
N TYR C 308 23.11 56.38 -12.67
CA TYR C 308 24.34 56.17 -13.43
C TYR C 308 24.41 54.76 -14.01
N GLU C 309 23.92 53.76 -13.29
CA GLU C 309 23.85 52.40 -13.84
C GLU C 309 23.03 52.37 -15.12
N GLU C 310 21.90 53.10 -15.15
CA GLU C 310 21.12 53.21 -16.36
C GLU C 310 21.89 53.93 -17.47
N GLU C 311 22.93 54.69 -17.11
CA GLU C 311 23.81 55.24 -18.14
C GLU C 311 24.81 54.19 -18.61
N LEU C 312 25.55 53.57 -17.69
CA LEU C 312 26.51 52.53 -18.07
C LEU C 312 25.84 51.41 -18.85
N ALA C 313 24.56 51.15 -18.57
CA ALA C 313 23.84 50.03 -19.18
C ALA C 313 23.64 50.18 -20.67
N LYS C 314 24.11 51.27 -21.29
CA LYS C 314 24.09 51.34 -22.75
C LYS C 314 24.93 50.22 -23.36
N ASP C 315 26.06 49.90 -22.74
CA ASP C 315 26.79 48.67 -23.04
C ASP C 315 25.93 47.47 -22.64
N PRO C 316 25.57 46.57 -23.58
CA PRO C 316 24.68 45.46 -23.21
C PRO C 316 25.34 44.46 -22.26
N ARG C 317 26.67 44.42 -22.22
CA ARG C 317 27.38 43.51 -21.32
C ARG C 317 27.20 43.91 -19.86
N ILE C 318 27.22 45.22 -19.55
CA ILE C 318 26.97 45.64 -18.18
C ILE C 318 25.50 45.41 -17.81
N ALA C 319 24.59 45.65 -18.74
CA ALA C 319 23.18 45.33 -18.51
C ALA C 319 23.00 43.85 -18.19
N ALA C 320 23.74 42.98 -18.89
CA ALA C 320 23.70 41.54 -18.60
C ALA C 320 24.25 41.25 -17.21
N THR C 321 25.39 41.85 -16.86
CA THR C 321 25.93 41.71 -15.51
C THR C 321 24.92 42.10 -14.45
N MET C 322 24.31 43.29 -14.58
CA MET C 322 23.35 43.74 -13.58
C MET C 322 22.11 42.85 -13.56
N GLU C 323 21.71 42.30 -14.71
CA GLU C 323 20.56 41.41 -14.71
C GLU C 323 20.89 40.09 -14.01
N ASN C 324 22.06 39.52 -14.29
CA ASN C 324 22.44 38.27 -13.66
C ASN C 324 22.63 38.47 -12.16
N ALA C 325 23.17 39.62 -11.77
CA ALA C 325 23.32 39.90 -10.34
C ALA C 325 21.97 40.04 -9.67
N GLN C 326 21.00 40.64 -10.35
CA GLN C 326 19.70 40.80 -9.72
C GLN C 326 19.03 39.46 -9.50
N LYS C 327 19.29 38.49 -10.38
CA LYS C 327 18.74 37.15 -10.23
C LYS C 327 19.61 36.24 -9.37
N GLY C 328 20.76 36.72 -8.88
CA GLY C 328 21.70 35.89 -8.18
C GLY C 328 21.51 35.90 -6.67
N GLU C 329 22.54 35.43 -5.98
CA GLU C 329 22.55 35.31 -4.53
C GLU C 329 23.71 36.12 -4.01
N ILE C 330 23.41 37.12 -3.17
CA ILE C 330 24.43 37.87 -2.47
C ILE C 330 25.36 36.91 -1.75
N MET C 331 26.67 37.13 -1.90
CA MET C 331 27.62 36.28 -1.21
C MET C 331 27.57 36.59 0.28
N PRO C 332 27.24 35.60 1.13
CA PRO C 332 27.18 35.85 2.58
C PRO C 332 28.48 36.41 3.12
N ASN C 333 28.35 37.28 4.12
CA ASN C 333 29.47 38.02 4.70
C ASN C 333 29.97 37.42 6.01
N ILE C 334 29.67 36.16 6.27
CA ILE C 334 29.99 35.57 7.57
C ILE C 334 31.22 34.68 7.43
N PRO C 335 31.97 34.42 8.51
CA PRO C 335 33.20 33.61 8.40
C PRO C 335 32.96 32.15 8.09
N GLN C 336 31.74 31.64 8.22
CA GLN C 336 31.43 30.25 7.95
C GLN C 336 31.42 29.94 6.47
N MET C 337 31.45 30.95 5.61
CA MET C 337 31.58 30.73 4.19
C MET C 337 32.89 30.03 3.85
N SER C 338 33.90 30.17 4.72
CA SER C 338 35.18 29.49 4.49
C SER C 338 34.99 27.98 4.48
N ALA C 339 34.21 27.46 5.44
CA ALA C 339 33.89 26.03 5.48
C ALA C 339 33.04 25.63 4.28
N PHE C 340 32.11 26.50 3.87
CA PHE C 340 31.27 26.21 2.72
C PHE C 340 32.10 26.07 1.44
N TRP C 341 33.08 26.94 1.23
CA TRP C 341 33.87 26.89 0.00
C TRP C 341 34.66 25.60 -0.11
N TYR C 342 35.26 25.16 1.00
CA TYR C 342 36.03 23.92 0.96
C TYR C 342 35.13 22.71 0.79
N ALA C 343 33.95 22.75 1.42
CA ALA C 343 33.08 21.59 1.35
C ALA C 343 32.52 21.43 -0.05
N VAL C 344 32.12 22.53 -0.68
CA VAL C 344 31.50 22.45 -2.00
C VAL C 344 32.53 22.13 -3.07
N ARG C 345 33.74 22.70 -2.96
CA ARG C 345 34.76 22.43 -3.98
C ARG C 345 35.07 20.94 -4.03
N THR C 346 35.32 20.33 -2.87
CA THR C 346 35.55 18.91 -2.81
C THR C 346 34.39 18.13 -3.43
N ALA C 347 33.16 18.50 -3.07
CA ALA C 347 31.97 17.78 -3.57
C ALA C 347 31.87 17.82 -5.09
N VAL C 348 32.03 19.02 -5.69
CA VAL C 348 31.87 19.13 -7.14
C VAL C 348 32.93 18.31 -7.87
N ILE C 349 34.18 18.45 -7.43
CA ILE C 349 35.30 17.74 -8.04
C ILE C 349 35.11 16.23 -7.92
N ASN C 350 34.76 15.74 -6.72
CA ASN C 350 34.52 14.31 -6.52
C ASN C 350 33.42 13.80 -7.41
N ALA C 351 32.27 14.50 -7.42
CA ALA C 351 31.16 14.08 -8.28
C ALA C 351 31.49 14.24 -9.76
N ALA C 352 32.30 15.24 -10.12
CA ALA C 352 32.66 15.46 -11.53
C ALA C 352 33.65 14.42 -12.02
N SER C 353 34.65 14.08 -11.22
CA SER C 353 35.59 13.01 -11.54
C SER C 353 34.99 11.62 -11.39
N GLY C 354 33.79 11.49 -10.83
CA GLY C 354 33.21 10.17 -10.65
C GLY C 354 33.79 9.37 -9.52
N ARG C 355 34.42 10.02 -8.55
CA ARG C 355 34.91 9.34 -7.37
C ARG C 355 33.87 9.27 -6.26
N GLN C 356 32.73 9.93 -6.43
CA GLN C 356 31.65 9.94 -5.46
C GLN C 356 30.33 10.06 -6.21
N THR C 357 29.28 9.55 -5.60
CA THR C 357 27.92 9.78 -6.07
C THR C 357 27.59 11.26 -5.84
N VAL C 358 26.65 11.77 -6.63
CA VAL C 358 26.21 13.16 -6.44
C VAL C 358 25.61 13.33 -5.04
N ASP C 359 24.76 12.40 -4.62
CA ASP C 359 24.13 12.49 -3.30
C ASP C 359 25.16 12.42 -2.18
N ALA C 360 26.13 11.50 -2.30
CA ALA C 360 27.12 11.33 -1.25
C ALA C 360 28.06 12.51 -1.20
N ALA C 361 28.39 13.07 -2.36
CA ALA C 361 29.30 14.21 -2.36
C ALA C 361 28.64 15.40 -1.69
N LEU C 362 27.35 15.59 -1.96
CA LEU C 362 26.63 16.73 -1.43
C LEU C 362 26.25 16.52 0.04
N ALA C 363 25.84 15.30 0.40
CA ALA C 363 25.55 15.01 1.80
C ALA C 363 26.78 15.22 2.67
N ALA C 364 27.95 14.86 2.13
CA ALA C 364 29.19 15.13 2.84
C ALA C 364 29.47 16.62 2.91
N ALA C 365 29.18 17.35 1.82
CA ALA C 365 29.38 18.79 1.81
C ALA C 365 28.46 19.48 2.82
N GLN C 366 27.20 19.04 2.89
CA GLN C 366 26.24 19.62 3.82
C GLN C 366 26.73 19.51 5.26
N THR C 367 27.08 18.28 5.69
CA THR C 367 27.49 18.10 7.09
C THR C 367 28.75 18.91 7.41
N ASN C 368 29.62 19.16 6.43
CA ASN C 368 30.79 20.00 6.68
C ASN C 368 30.46 21.50 6.60
N ALA C 369 29.54 21.91 5.73
CA ALA C 369 29.22 23.34 5.61
C ALA C 369 28.45 23.82 6.83
N ALA C 370 27.37 23.12 7.16
CA ALA C 370 26.53 23.46 8.32
C ALA C 370 27.05 22.75 9.57
N ALA C 371 28.30 23.05 9.90
CA ALA C 371 28.96 22.39 11.02
C ALA C 371 28.17 22.60 12.31
N ALA C 372 27.56 23.77 12.47
CA ALA C 372 26.75 24.05 13.65
C ALA C 372 25.52 23.15 13.71
N ALA C 373 24.89 22.90 12.55
CA ALA C 373 23.71 22.05 12.55
C ALA C 373 24.05 20.61 12.87
N GLN C 374 25.30 20.19 12.60
CA GLN C 374 25.68 18.84 12.96
C GLN C 374 25.89 18.72 14.47
N VAL C 375 26.35 19.80 15.11
CA VAL C 375 26.62 19.76 16.53
C VAL C 375 25.32 19.73 17.33
N VAL C 376 24.33 20.51 16.91
CA VAL C 376 23.05 20.52 17.63
C VAL C 376 22.37 19.16 17.53
N ALA C 377 22.41 18.52 16.36
CA ALA C 377 21.67 17.27 16.17
C ALA C 377 22.36 16.08 16.86
N ASP C 378 23.68 16.12 17.00
CA ASP C 378 24.39 15.07 17.74
C ASP C 378 24.21 15.25 19.25
N VAL C 379 24.15 16.49 19.72
CA VAL C 379 23.89 16.72 21.14
C VAL C 379 22.51 16.20 21.52
N LEU C 380 21.52 16.41 20.65
CA LEU C 380 20.17 15.94 20.92
C LEU C 380 20.09 14.41 20.90
N CYS C 381 20.66 13.77 19.87
CA CYS C 381 20.58 12.31 19.77
C CYS C 381 21.30 11.63 20.91
N GLU C 382 22.50 12.10 21.27
CA GLU C 382 23.14 11.56 22.46
C GLU C 382 22.26 11.78 23.68
N PHE C 383 21.66 12.96 23.79
CA PHE C 383 20.73 13.20 24.89
C PHE C 383 19.51 12.30 24.78
N LEU C 384 18.86 12.26 23.61
CA LEU C 384 17.69 11.41 23.47
C LEU C 384 18.01 9.96 23.79
N GLU C 385 19.25 9.53 23.54
CA GLU C 385 19.61 8.13 23.82
C GLU C 385 19.68 7.87 25.32
N VAL C 386 20.40 8.72 26.05
CA VAL C 386 20.46 8.59 27.51
C VAL C 386 19.04 8.62 28.08
N ALA C 387 18.24 9.59 27.64
CA ALA C 387 16.89 9.74 28.16
C ALA C 387 16.06 8.49 27.88
N VAL C 388 16.20 7.88 26.70
CA VAL C 388 15.37 6.72 26.41
C VAL C 388 15.75 5.55 27.32
N HIS C 389 17.05 5.37 27.56
CA HIS C 389 17.49 4.32 28.46
C HIS C 389 16.93 4.54 29.85
N LEU C 390 17.05 5.78 30.36
CA LEU C 390 16.60 6.12 31.69
C LEU C 390 15.09 5.98 31.84
N ILE C 391 14.33 6.39 30.82
CA ILE C 391 12.88 6.20 30.83
C ILE C 391 12.51 4.73 30.98
N LEU C 392 13.15 3.85 30.20
CA LEU C 392 12.90 2.41 30.33
C LEU C 392 13.29 1.88 31.70
N TYR C 393 14.31 2.46 32.33
CA TYR C 393 14.68 2.09 33.68
C TYR C 393 13.63 2.55 34.69
N VAL C 394 13.40 3.87 34.79
CA VAL C 394 12.53 4.39 35.86
C VAL C 394 11.09 3.89 35.74
N ARG C 395 10.58 3.68 34.53
CA ARG C 395 9.24 3.13 34.34
C ARG C 395 9.24 1.61 34.31
N GLU C 396 10.37 0.99 34.64
CA GLU C 396 10.49 -0.46 34.69
C GLU C 396 9.93 -1.14 33.45
N VAL C 397 10.20 -0.56 32.27
CA VAL C 397 9.82 -1.24 31.05
C VAL C 397 10.64 -2.53 30.90
N TYR C 398 11.92 -2.49 31.30
CA TYR C 398 12.79 -3.66 31.38
C TYR C 398 13.38 -3.80 32.78
N PRO C 399 13.69 -5.02 33.23
CA PRO C 399 14.22 -5.22 34.59
C PRO C 399 15.51 -4.45 34.84
N VAL C 400 15.78 -4.17 36.11
CA VAL C 400 16.88 -3.24 36.40
C VAL C 400 18.25 -3.91 36.28
N GLY C 401 18.29 -5.25 36.27
CA GLY C 401 19.56 -5.96 36.11
C GLY C 401 20.19 -5.80 34.75
N ILE C 402 19.41 -5.41 33.74
CA ILE C 402 20.02 -5.13 32.45
C ILE C 402 20.71 -3.77 32.43
N PHE C 403 20.51 -2.96 33.47
CA PHE C 403 21.01 -1.60 33.47
C PHE C 403 22.27 -1.47 34.31
N GLN C 404 23.10 -0.51 33.96
CA GLN C 404 24.35 -0.23 34.67
C GLN C 404 24.45 1.26 34.93
N LYS C 405 24.55 1.61 36.21
CA LYS C 405 24.57 3.01 36.60
C LYS C 405 25.88 3.65 36.17
N ARG C 406 25.78 4.78 35.49
CA ARG C 406 26.95 5.51 35.00
C ARG C 406 26.65 6.99 35.20
N LYS C 407 27.31 7.81 34.43
CA LYS C 407 27.14 9.19 34.63
C LYS C 407 27.36 9.99 33.41
N LYS C 408 26.36 10.74 33.03
CA LYS C 408 26.42 11.65 31.90
C LYS C 408 25.89 13.01 32.31
N TYR C 409 26.48 14.07 31.72
CA TYR C 409 26.19 15.45 32.10
C TYR C 409 26.36 15.67 33.61
N ASN C 410 27.28 14.93 34.22
CA ASN C 410 27.59 14.97 35.64
C ASN C 410 26.47 14.46 36.52
N VAL C 411 25.54 13.68 35.98
CA VAL C 411 24.42 13.17 36.78
C VAL C 411 24.40 11.65 36.66
N PRO C 412 23.88 10.92 37.65
CA PRO C 412 23.75 9.46 37.48
C PRO C 412 22.62 9.13 36.52
N VAL C 413 22.93 8.27 35.55
CA VAL C 413 21.94 7.75 34.62
C VAL C 413 21.95 6.24 34.72
N GLN C 414 21.20 5.58 33.84
CA GLN C 414 21.15 4.12 33.79
C GLN C 414 21.15 3.71 32.34
N MET C 415 22.11 2.85 31.96
CA MET C 415 22.32 2.49 30.57
C MET C 415 22.18 0.98 30.44
N SER C 416 21.33 0.56 29.51
CA SER C 416 21.20 -0.87 29.22
C SER C 416 22.54 -1.46 28.75
N CYS C 417 22.77 -2.72 29.11
CA CYS C 417 23.88 -3.53 28.61
C CYS C 417 23.40 -4.61 27.65
N HIS C 418 22.10 -4.69 27.43
CA HIS C 418 21.49 -5.66 26.53
C HIS C 418 21.82 -5.27 25.08
N PRO C 419 22.48 -6.13 24.29
CA PRO C 419 22.97 -5.67 22.98
C PRO C 419 21.87 -5.43 21.97
N GLU C 420 20.84 -6.27 21.95
CA GLU C 420 19.76 -6.05 20.99
C GLU C 420 18.98 -4.78 21.32
N LEU C 421 18.78 -4.49 22.62
CA LEU C 421 18.01 -3.30 23.00
C LEU C 421 18.76 -2.02 22.64
N ASN C 422 20.05 -1.92 22.99
CA ASN C 422 20.83 -0.75 22.57
C ASN C 422 20.79 -0.55 21.05
N GLN C 423 20.92 -1.65 20.29
CA GLN C 423 20.92 -1.54 18.84
C GLN C 423 19.60 -0.94 18.35
N TYR C 424 18.48 -1.48 18.84
CA TYR C 424 17.17 -0.97 18.49
C TYR C 424 17.08 0.52 18.77
N ILE C 425 17.64 0.97 19.89
CA ILE C 425 17.59 2.38 20.23
C ILE C 425 18.52 3.19 19.33
N GLN C 426 19.71 2.65 19.05
CA GLN C 426 20.66 3.35 18.17
C GLN C 426 20.14 3.45 16.74
N ASP C 427 19.59 2.35 16.20
CA ASP C 427 19.00 2.41 14.88
C ASP C 427 17.90 3.47 14.80
N THR C 428 16.98 3.46 15.78
CA THR C 428 15.92 4.47 15.86
C THR C 428 16.49 5.88 15.84
N LEU C 429 17.43 6.16 16.74
CA LEU C 429 17.95 7.51 16.82
C LEU C 429 18.84 7.87 15.63
N HIS C 430 19.56 6.90 15.05
CA HIS C 430 20.34 7.17 13.84
C HIS C 430 19.44 7.60 12.69
N CYS C 431 18.26 6.98 12.56
CA CYS C 431 17.29 7.41 11.56
C CYS C 431 16.73 8.79 11.87
N VAL C 432 16.51 9.12 13.15
CA VAL C 432 15.97 10.43 13.51
C VAL C 432 16.99 11.54 13.23
N LYS C 433 18.27 11.26 13.43
CA LYS C 433 19.30 12.31 13.37
C LYS C 433 19.34 13.13 12.08
N PRO C 434 19.17 12.58 10.87
CA PRO C 434 19.19 13.47 9.70
C PRO C 434 17.97 14.39 9.60
N LEU C 435 16.80 13.97 10.09
CA LEU C 435 15.66 14.88 10.20
C LEU C 435 15.95 16.03 11.16
N LEU C 436 16.66 15.73 12.24
CA LEU C 436 17.03 16.78 13.20
C LEU C 436 17.98 17.79 12.56
N GLU C 437 18.89 17.33 11.70
CA GLU C 437 19.87 18.23 11.09
C GLU C 437 19.20 19.24 10.16
N LYS C 438 18.08 18.87 9.54
CA LYS C 438 17.33 19.78 8.68
C LYS C 438 16.23 20.50 9.43
N ASN C 439 16.18 20.34 10.76
CA ASN C 439 15.18 20.97 11.62
C ASN C 439 13.76 20.61 11.18
N ASP C 440 13.54 19.31 10.93
CA ASP C 440 12.24 18.86 10.45
C ASP C 440 11.49 18.05 11.52
N VAL C 441 11.97 18.06 12.76
CA VAL C 441 11.35 17.31 13.85
C VAL C 441 10.66 18.29 14.77
N GLU C 442 9.36 18.08 14.96
CA GLU C 442 8.59 18.90 15.88
C GLU C 442 8.57 18.28 17.29
N LYS C 443 8.37 16.96 17.39
CA LYS C 443 8.47 16.26 18.66
C LYS C 443 9.09 14.89 18.46
N VAL C 444 9.96 14.50 19.40
CA VAL C 444 10.36 13.11 19.58
C VAL C 444 9.62 12.58 20.80
N VAL C 445 8.94 11.44 20.62
CA VAL C 445 8.02 10.91 21.62
C VAL C 445 8.39 9.46 21.91
N VAL C 446 8.58 9.15 23.19
CA VAL C 446 8.72 7.77 23.64
C VAL C 446 7.37 7.33 24.19
N VAL C 447 6.80 6.27 23.63
CA VAL C 447 5.48 5.79 23.99
C VAL C 447 5.60 4.48 24.75
N ILE C 448 5.01 4.42 25.96
CA ILE C 448 4.87 3.16 26.70
C ILE C 448 3.54 2.56 26.34
N LEU C 449 3.52 1.24 26.16
CA LEU C 449 2.37 0.54 25.61
C LEU C 449 2.09 -0.68 26.48
N ASP C 450 0.83 -0.87 26.85
CA ASP C 450 0.47 -1.97 27.71
C ASP C 450 0.43 -3.28 26.93
N LYS C 451 0.10 -4.37 27.64
CA LYS C 451 -0.05 -5.68 27.03
C LYS C 451 -1.12 -5.70 25.94
N GLU C 452 -2.05 -4.74 25.95
CA GLU C 452 -3.07 -4.61 24.93
C GLU C 452 -2.68 -3.63 23.83
N HIS C 453 -1.41 -3.21 23.79
CA HIS C 453 -0.85 -2.40 22.71
C HIS C 453 -1.57 -1.05 22.57
N ARG C 454 -1.96 -0.47 23.71
CA ARG C 454 -2.50 0.88 23.70
C ARG C 454 -1.62 1.80 24.54
N PRO C 455 -1.50 3.07 24.14
CA PRO C 455 -0.60 3.99 24.85
C PRO C 455 -1.02 4.25 26.29
N VAL C 456 -0.07 4.03 27.20
CA VAL C 456 -0.29 4.27 28.61
C VAL C 456 0.47 5.50 29.11
N GLU C 457 1.64 5.80 28.55
CA GLU C 457 2.39 7.01 28.87
C GLU C 457 3.02 7.53 27.58
N LYS C 458 3.27 8.82 27.55
CA LYS C 458 3.99 9.41 26.43
C LYS C 458 4.99 10.41 26.99
N PHE C 459 6.26 10.19 26.69
CA PHE C 459 7.31 11.13 27.04
C PHE C 459 7.62 11.93 25.79
N VAL C 460 7.19 13.18 25.79
CA VAL C 460 7.12 14.03 24.62
C VAL C 460 8.24 15.06 24.76
N PHE C 461 9.23 14.98 23.88
CA PHE C 461 10.29 15.98 23.77
C PHE C 461 9.94 16.88 22.59
N GLU C 462 9.42 18.06 22.88
CA GLU C 462 9.05 19.03 21.86
C GLU C 462 10.24 19.93 21.61
N ILE C 463 10.65 20.04 20.34
CA ILE C 463 11.95 20.59 19.98
C ILE C 463 11.75 21.84 19.15
N THR C 464 12.58 22.85 19.39
CA THR C 464 12.64 24.05 18.58
C THR C 464 14.09 24.45 18.42
N GLN C 465 14.52 24.70 17.19
CA GLN C 465 15.90 25.10 16.90
C GLN C 465 15.88 26.51 16.32
N PRO C 466 16.17 27.54 17.12
CA PRO C 466 16.12 28.90 16.61
C PRO C 466 17.30 29.14 15.66
N PRO C 467 17.17 30.07 14.73
CA PRO C 467 18.31 30.40 13.85
C PRO C 467 19.51 30.82 14.68
N LEU C 468 20.70 30.48 14.18
CA LEU C 468 21.85 30.42 15.08
C LEU C 468 22.72 31.66 15.07
N LEU C 469 22.78 32.40 13.96
CA LEU C 469 23.66 33.58 13.86
C LEU C 469 25.08 33.10 14.23
N SER C 470 25.90 33.95 14.82
CA SER C 470 27.21 33.47 15.29
C SER C 470 27.43 33.72 16.79
N ASP C 474 32.27 29.08 22.64
CA ASP C 474 33.39 28.80 23.54
C ASP C 474 32.93 28.16 24.86
N SER C 475 31.75 28.60 25.35
CA SER C 475 31.16 28.03 26.56
C SER C 475 29.66 27.74 26.40
N LEU C 476 29.12 27.84 25.18
CA LEU C 476 27.70 27.62 24.96
C LEU C 476 27.34 26.14 25.13
N LEU C 477 28.19 25.24 24.61
CA LEU C 477 27.93 23.82 24.82
C LEU C 477 28.05 23.43 26.29
N SER C 478 28.95 24.09 27.02
CA SER C 478 29.03 23.89 28.47
C SER C 478 27.71 24.25 29.15
N HIS C 479 27.08 25.33 28.70
CA HIS C 479 25.79 25.74 29.24
C HIS C 479 24.68 24.79 28.81
N VAL C 480 24.72 24.32 27.56
CA VAL C 480 23.65 23.48 27.04
C VAL C 480 23.63 22.14 27.75
N GLU C 481 24.80 21.58 28.05
CA GLU C 481 24.81 20.31 28.78
C GLU C 481 24.26 20.48 30.19
N GLN C 482 24.59 21.58 30.87
CA GLN C 482 24.07 21.77 32.23
C GLN C 482 22.55 21.76 32.24
N LEU C 483 21.93 22.36 31.21
CA LEU C 483 20.47 22.43 31.11
C LEU C 483 19.88 21.07 30.73
N LEU C 484 20.52 20.34 29.82
CA LEU C 484 20.03 19.01 29.51
C LEU C 484 20.15 18.08 30.70
N ALA C 485 21.11 18.33 31.61
CA ALA C 485 21.24 17.47 32.78
C ALA C 485 20.00 17.56 33.67
N ALA C 486 19.36 18.73 33.73
CA ALA C 486 18.14 18.89 34.52
C ALA C 486 17.02 17.97 34.00
N PHE C 487 16.89 17.85 32.68
CA PHE C 487 15.90 16.94 32.12
C PHE C 487 16.15 15.52 32.60
N ILE C 488 17.42 15.10 32.59
CA ILE C 488 17.75 13.76 33.08
C ILE C 488 17.40 13.64 34.57
N LEU C 489 17.74 14.65 35.36
CA LEU C 489 17.32 14.68 36.75
C LEU C 489 15.81 14.53 36.87
N LYS C 490 15.06 15.23 36.02
CA LYS C 490 13.60 15.19 36.10
C LYS C 490 13.08 13.79 35.81
N ILE C 491 13.59 13.16 34.75
CA ILE C 491 13.21 11.79 34.41
C ILE C 491 13.56 10.84 35.56
N SER C 492 14.74 10.98 36.16
CA SER C 492 15.16 10.06 37.22
C SER C 492 14.30 10.17 38.49
N VAL C 493 13.62 11.29 38.70
CA VAL C 493 12.74 11.43 39.86
C VAL C 493 11.27 11.45 39.47
N CYS C 494 10.95 11.08 38.22
CA CYS C 494 9.59 11.27 37.74
C CYS C 494 8.61 10.22 38.26
N ASP C 495 9.12 9.16 38.91
CA ASP C 495 8.21 8.20 39.52
C ASP C 495 7.43 8.83 40.67
N ALA C 496 7.88 9.98 41.18
CA ALA C 496 7.20 10.70 42.24
C ALA C 496 6.12 11.65 41.73
N VAL C 497 5.87 11.69 40.42
CA VAL C 497 4.74 12.42 39.85
C VAL C 497 3.83 11.50 39.05
N LEU C 498 4.13 10.21 38.99
CA LEU C 498 3.41 9.24 38.18
C LEU C 498 3.21 7.98 39.01
N ASP C 499 2.06 7.35 38.84
CA ASP C 499 1.92 6.07 39.51
C ASP C 499 2.39 4.94 38.61
N HIS C 500 2.53 3.75 39.19
CA HIS C 500 3.06 2.60 38.48
C HIS C 500 2.20 2.31 37.26
N ASN C 501 2.85 1.77 36.21
CA ASN C 501 2.24 1.30 34.98
C ASN C 501 1.81 -0.15 35.14
N PRO C 502 0.87 -0.62 34.32
CA PRO C 502 0.49 -2.04 34.38
C PRO C 502 1.67 -2.91 34.00
N PRO C 503 1.74 -4.13 34.54
CA PRO C 503 2.86 -5.01 34.21
C PRO C 503 2.87 -5.41 32.73
N GLY C 504 4.07 -5.72 32.25
CA GLY C 504 4.28 -6.24 30.90
C GLY C 504 4.10 -5.25 29.76
N CYS C 505 4.66 -4.06 29.90
CA CYS C 505 4.53 -3.04 28.87
C CYS C 505 5.64 -3.16 27.82
N THR C 506 5.33 -2.72 26.60
CA THR C 506 6.31 -2.50 25.53
C THR C 506 6.51 -1.01 25.33
N PHE C 507 7.46 -0.66 24.47
CA PHE C 507 7.69 0.75 24.19
C PHE C 507 7.99 0.91 22.71
N THR C 508 7.76 2.12 22.21
CA THR C 508 8.15 2.46 20.86
C THR C 508 8.50 3.94 20.86
N VAL C 509 9.00 4.42 19.73
CA VAL C 509 9.38 5.82 19.57
C VAL C 509 8.65 6.39 18.37
N LEU C 510 8.06 7.57 18.53
CA LEU C 510 7.39 8.29 17.46
C LEU C 510 8.13 9.57 17.15
N VAL C 511 8.07 9.99 15.88
CA VAL C 511 8.67 11.24 15.44
C VAL C 511 7.57 12.09 14.79
N HIS C 512 7.38 13.31 15.32
CA HIS C 512 6.53 14.32 14.71
C HIS C 512 7.37 15.21 13.80
N THR C 513 7.06 15.19 12.50
CA THR C 513 7.74 16.06 11.55
C THR C 513 6.98 17.37 11.38
N ARG C 514 7.71 18.44 11.03
CA ARG C 514 7.11 19.76 10.96
C ARG C 514 6.05 19.86 9.87
N GLU C 515 6.36 19.36 8.68
CA GLU C 515 5.38 19.25 7.61
C GLU C 515 5.06 17.78 7.36
N ALA C 516 4.18 17.55 6.39
CA ALA C 516 3.78 16.18 6.07
C ALA C 516 4.99 15.33 5.74
N ALA C 517 4.91 14.06 6.09
CA ALA C 517 6.03 13.14 6.06
C ALA C 517 6.37 12.62 4.66
N THR C 518 5.72 13.12 3.59
CA THR C 518 5.98 12.59 2.25
C THR C 518 7.44 12.78 1.86
N ARG C 519 8.01 13.96 2.15
CA ARG C 519 9.43 14.18 1.93
C ARG C 519 10.28 13.53 3.01
N ASN C 520 9.77 13.49 4.25
CA ASN C 520 10.46 12.84 5.34
C ASN C 520 10.40 11.32 5.25
N MET C 521 9.47 10.77 4.47
CA MET C 521 9.33 9.32 4.35
C MET C 521 10.52 8.68 3.64
N GLU C 522 11.24 9.43 2.82
CA GLU C 522 12.47 8.92 2.22
C GLU C 522 13.69 9.28 3.05
N LYS C 523 13.72 10.51 3.60
CA LYS C 523 14.87 11.01 4.34
C LYS C 523 15.08 10.29 5.68
N ILE C 524 14.12 9.51 6.15
CA ILE C 524 14.28 8.84 7.44
C ILE C 524 14.68 7.37 7.31
N GLN C 525 14.72 6.82 6.09
CA GLN C 525 15.07 5.41 5.88
C GLN C 525 16.58 5.26 5.66
N VAL C 526 17.36 5.70 6.64
CA VAL C 526 18.80 5.69 6.43
C VAL C 526 19.41 4.31 6.73
N ILE C 527 18.81 3.51 7.60
CA ILE C 527 19.37 2.21 7.96
C ILE C 527 18.63 1.13 7.18
N LYS C 528 19.39 0.22 6.60
CA LYS C 528 18.82 -0.88 5.81
C LYS C 528 18.20 -1.93 6.71
N ASP C 529 17.02 -2.41 6.32
CA ASP C 529 16.27 -3.38 7.11
C ASP C 529 15.84 -2.80 8.45
N PHE C 530 15.61 -1.50 8.51
CA PHE C 530 14.97 -0.85 9.66
C PHE C 530 14.01 0.21 9.14
N PRO C 531 12.96 -0.20 8.44
CA PRO C 531 12.06 0.79 7.84
C PRO C 531 11.15 1.44 8.87
N TRP C 532 10.74 2.66 8.51
CA TRP C 532 9.74 3.46 9.22
C TRP C 532 8.47 3.54 8.38
N ILE C 533 7.32 3.51 9.03
CA ILE C 533 6.04 3.60 8.34
C ILE C 533 5.25 4.75 8.94
N LEU C 534 4.29 5.25 8.17
CA LEU C 534 3.40 6.29 8.69
C LEU C 534 2.57 5.73 9.82
N ALA C 535 2.55 6.45 10.95
CA ALA C 535 1.99 5.90 12.17
C ALA C 535 0.47 5.95 12.15
N ASP C 536 -0.14 4.91 12.70
CA ASP C 536 -1.58 4.86 12.79
C ASP C 536 -2.08 5.81 13.87
N GLU C 537 -3.32 6.29 13.72
CA GLU C 537 -4.00 6.90 14.84
C GLU C 537 -4.04 5.94 16.04
N GLN C 538 -4.10 4.63 15.76
CA GLN C 538 -4.18 3.64 16.82
C GLN C 538 -2.95 3.66 17.72
N ASP C 539 -1.75 3.76 17.12
CA ASP C 539 -0.52 3.74 17.91
C ASP C 539 -0.28 5.04 18.68
N VAL C 540 -1.03 6.09 18.37
CA VAL C 540 -0.78 7.41 18.94
C VAL C 540 -1.97 7.93 19.75
N HIS C 541 -3.12 7.27 19.71
CA HIS C 541 -4.36 7.82 20.25
C HIS C 541 -4.30 7.92 21.77
N MET C 542 -4.39 9.15 22.29
CA MET C 542 -4.55 9.39 23.72
C MET C 542 -5.50 10.56 23.90
N HIS C 543 -6.72 10.28 24.33
CA HIS C 543 -7.72 11.33 24.46
C HIS C 543 -7.51 12.10 25.76
N ASP C 544 -7.28 13.41 25.64
CA ASP C 544 -7.26 14.37 26.74
C ASP C 544 -6.51 13.85 27.96
N PRO C 545 -5.21 13.60 27.85
CA PRO C 545 -4.47 13.01 28.97
C PRO C 545 -4.05 14.04 30.01
N ARG C 546 -3.76 13.55 31.21
CA ARG C 546 -3.14 14.42 32.20
C ARG C 546 -1.73 14.78 31.75
N LEU C 547 -1.45 16.07 31.66
CA LEU C 547 -0.18 16.57 31.17
C LEU C 547 0.70 16.97 32.34
N ILE C 548 1.75 16.18 32.60
CA ILE C 548 2.70 16.46 33.67
C ILE C 548 3.94 17.13 33.09
N PRO C 549 4.10 18.45 33.20
CA PRO C 549 5.35 19.06 32.71
C PRO C 549 6.54 18.60 33.53
N LEU C 550 7.69 18.43 32.87
CA LEU C 550 8.91 18.05 33.56
C LEU C 550 9.95 19.16 33.51
N LYS C 551 10.37 19.60 32.34
CA LYS C 551 11.41 20.63 32.27
C LYS C 551 11.26 21.43 30.99
N THR C 552 11.87 22.60 30.99
CA THR C 552 11.90 23.48 29.84
C THR C 552 13.23 24.22 29.90
N MET C 553 13.84 24.41 28.73
CA MET C 553 15.07 25.18 28.62
C MET C 553 14.95 26.09 27.40
N THR C 554 15.71 27.18 27.45
CA THR C 554 15.87 28.05 26.31
C THR C 554 17.35 28.38 26.18
N SER C 555 17.86 28.30 24.96
CA SER C 555 19.24 28.65 24.67
C SER C 555 19.33 29.18 23.25
N ASP C 556 20.56 29.54 22.85
CA ASP C 556 20.78 30.04 21.50
C ASP C 556 20.47 28.97 20.47
N ILE C 557 20.83 27.72 20.76
CA ILE C 557 20.70 26.66 19.76
C ILE C 557 19.49 25.77 19.98
N LEU C 558 18.93 25.70 21.19
CA LEU C 558 17.88 24.74 21.44
C LEU C 558 16.86 25.26 22.43
N LYS C 559 15.60 25.04 22.11
CA LYS C 559 14.47 25.31 22.98
C LYS C 559 13.64 24.03 23.06
N MET C 560 13.62 23.41 24.23
CA MET C 560 13.02 22.09 24.36
C MET C 560 12.09 22.04 25.56
N GLN C 561 10.88 21.55 25.34
CA GLN C 561 9.94 21.23 26.41
C GLN C 561 9.79 19.71 26.50
N LEU C 562 10.00 19.16 27.69
CA LEU C 562 9.68 17.77 27.98
C LEU C 562 8.50 17.71 28.95
N TYR C 563 7.51 16.88 28.63
CA TYR C 563 6.35 16.67 29.48
C TYR C 563 5.82 15.26 29.25
N VAL C 564 5.01 14.79 30.19
CA VAL C 564 4.43 13.45 30.11
C VAL C 564 2.95 13.57 29.77
N GLU C 565 2.46 12.66 28.97
CA GLU C 565 1.04 12.48 28.76
C GLU C 565 0.66 11.13 29.34
N GLU C 566 -0.07 11.13 30.46
CA GLU C 566 -0.46 9.90 31.13
C GLU C 566 -1.97 9.71 31.02
N ARG C 567 -2.38 8.45 30.88
CA ARG C 567 -3.79 8.13 30.74
C ARG C 567 -4.52 8.38 32.07
N ALA C 568 -5.85 8.48 31.98
CA ALA C 568 -6.68 8.70 33.15
C ALA C 568 -6.53 7.56 34.16
N HIS C 569 -6.83 6.33 33.74
CA HIS C 569 -6.72 5.20 34.65
C HIS C 569 -5.67 4.20 34.16
N SER C 607 -0.23 11.39 9.86
CA SER C 607 0.22 11.86 8.55
C SER C 607 1.57 12.58 8.66
N ASN C 608 1.80 13.26 9.79
CA ASN C 608 3.11 13.82 10.09
C ASN C 608 3.79 13.06 11.22
N ILE C 609 3.29 11.88 11.57
CA ILE C 609 3.79 11.07 12.67
C ILE C 609 4.37 9.78 12.10
N LEU C 610 5.65 9.53 12.39
CA LEU C 610 6.35 8.34 11.92
C LEU C 610 6.64 7.38 13.08
N ILE C 611 6.67 6.09 12.76
CA ILE C 611 6.97 5.02 13.73
C ILE C 611 7.80 3.95 13.06
N PRO C 612 8.71 3.31 13.82
CA PRO C 612 9.39 2.12 13.28
C PRO C 612 8.46 0.93 13.09
N GLU C 613 8.73 0.16 12.04
CA GLU C 613 7.93 -1.02 11.74
C GLU C 613 8.34 -2.20 12.61
N LEU C 614 9.61 -2.29 12.97
CA LEU C 614 10.09 -3.35 13.83
C LEU C 614 9.89 -3.01 15.31
N LYS C 615 9.39 -3.97 16.07
CA LYS C 615 9.18 -3.83 17.50
C LYS C 615 10.51 -3.97 18.26
N ALA C 616 10.55 -3.38 19.45
CA ALA C 616 11.67 -3.60 20.35
C ALA C 616 11.63 -5.03 20.89
N PRO C 617 12.77 -5.56 21.32
CA PRO C 617 12.78 -6.91 21.93
C PRO C 617 12.06 -6.93 23.27
N LYS C 618 11.14 -7.88 23.42
CA LYS C 618 10.28 -7.94 24.61
C LYS C 618 11.01 -8.53 25.81
N GLU D 5 25.54 -64.02 8.38
CA GLU D 5 26.03 -64.95 7.37
C GLU D 5 25.07 -66.13 7.23
N GLY D 6 24.41 -66.20 6.07
CA GLY D 6 23.42 -67.22 5.79
C GLY D 6 22.08 -67.01 6.43
N LYS D 7 21.95 -66.03 7.32
CA LYS D 7 20.69 -65.68 7.97
C LYS D 7 20.49 -64.18 7.91
N LEU D 8 19.25 -63.75 8.16
CA LEU D 8 18.86 -62.35 8.08
C LEU D 8 18.46 -61.82 9.45
N VAL D 9 19.20 -60.81 9.93
CA VAL D 9 18.85 -60.06 11.12
C VAL D 9 18.41 -58.66 10.68
N ILE D 10 17.22 -58.24 11.15
CA ILE D 10 16.59 -56.99 10.73
C ILE D 10 16.39 -56.11 11.96
N TRP D 11 16.70 -54.81 11.80
CA TRP D 11 16.48 -53.78 12.81
C TRP D 11 15.41 -52.81 12.34
N ILE D 12 14.39 -52.60 13.18
CA ILE D 12 13.34 -51.63 12.95
C ILE D 12 13.02 -50.96 14.29
N ASN D 13 12.45 -49.75 14.22
CA ASN D 13 12.10 -49.04 15.45
C ASN D 13 10.92 -49.69 16.15
N GLY D 14 10.90 -49.56 17.48
CA GLY D 14 9.90 -50.24 18.31
C GLY D 14 8.49 -49.70 18.19
N ASP D 15 8.30 -48.50 17.64
CA ASP D 15 6.96 -47.98 17.41
C ASP D 15 6.34 -48.47 16.10
N LYS D 16 7.12 -49.16 15.26
CA LYS D 16 6.63 -49.75 14.02
C LYS D 16 6.18 -51.18 14.28
N GLY D 17 5.54 -51.77 13.26
CA GLY D 17 5.01 -53.12 13.38
C GLY D 17 6.04 -54.22 13.23
N TYR D 18 6.95 -54.36 14.21
CA TYR D 18 8.00 -55.36 14.09
C TYR D 18 7.47 -56.79 14.20
N ASN D 19 6.34 -56.98 14.90
CA ASN D 19 5.73 -58.31 15.00
C ASN D 19 5.09 -58.73 13.68
N GLY D 20 4.48 -57.80 12.94
CA GLY D 20 4.02 -58.11 11.61
C GLY D 20 5.17 -58.38 10.64
N LEU D 21 6.31 -57.73 10.87
CA LEU D 21 7.49 -57.96 10.03
C LEU D 21 8.07 -59.35 10.27
N ALA D 22 8.03 -59.82 11.52
CA ALA D 22 8.51 -61.16 11.83
C ALA D 22 7.60 -62.23 11.24
N GLU D 23 6.32 -61.93 11.03
CA GLU D 23 5.46 -62.88 10.33
C GLU D 23 5.83 -62.95 8.85
N VAL D 24 6.24 -61.82 8.27
CA VAL D 24 6.76 -61.84 6.91
C VAL D 24 8.09 -62.62 6.88
N GLY D 25 8.92 -62.43 7.91
CA GLY D 25 10.15 -63.19 7.99
C GLY D 25 9.94 -64.66 8.24
N LYS D 26 8.80 -65.01 8.86
CA LYS D 26 8.45 -66.41 9.02
C LYS D 26 8.14 -67.04 7.66
N LYS D 27 7.30 -66.38 6.85
CA LYS D 27 7.02 -66.90 5.52
C LYS D 27 8.27 -66.95 4.65
N PHE D 28 9.22 -66.01 4.86
CA PHE D 28 10.50 -66.13 4.17
C PHE D 28 11.26 -67.35 4.66
N GLU D 29 11.18 -67.63 5.97
CA GLU D 29 11.89 -68.76 6.54
C GLU D 29 11.30 -70.10 6.09
N LYS D 30 9.98 -70.14 5.87
CA LYS D 30 9.36 -71.38 5.42
C LYS D 30 9.75 -71.69 3.97
N ASP D 31 9.86 -70.68 3.12
CA ASP D 31 10.03 -70.90 1.70
C ASP D 31 11.49 -70.95 1.26
N THR D 32 12.44 -70.59 2.12
CA THR D 32 13.85 -70.66 1.75
C THR D 32 14.71 -71.42 2.73
N GLY D 33 14.27 -71.59 3.98
CA GLY D 33 15.11 -72.15 5.02
C GLY D 33 16.00 -71.14 5.72
N ILE D 34 15.98 -69.89 5.28
CA ILE D 34 16.76 -68.82 5.90
C ILE D 34 15.95 -68.23 7.05
N LYS D 35 16.51 -68.28 8.25
CA LYS D 35 15.81 -67.80 9.44
C LYS D 35 15.87 -66.28 9.52
N VAL D 36 14.74 -65.64 9.80
CA VAL D 36 14.63 -64.19 9.85
C VAL D 36 14.25 -63.78 11.26
N THR D 37 15.15 -63.09 11.94
CA THR D 37 14.91 -62.58 13.27
C THR D 37 14.86 -61.05 13.23
N VAL D 38 13.74 -60.48 13.66
CA VAL D 38 13.53 -59.04 13.70
C VAL D 38 13.71 -58.56 15.14
N GLU D 39 14.61 -57.61 15.34
CA GLU D 39 14.85 -57.02 16.64
C GLU D 39 14.69 -55.51 16.56
N HIS D 40 14.28 -54.90 17.68
CA HIS D 40 14.10 -53.45 17.78
C HIS D 40 14.89 -52.92 18.98
N PRO D 41 16.17 -52.63 18.79
CA PRO D 41 16.95 -51.99 19.87
C PRO D 41 16.36 -50.64 20.29
N ASP D 42 16.84 -50.13 21.42
CA ASP D 42 16.33 -48.88 21.96
C ASP D 42 16.79 -47.67 21.17
N LYS D 43 17.88 -47.79 20.42
CA LYS D 43 18.29 -46.71 19.52
C LYS D 43 18.98 -47.32 18.32
N LEU D 44 18.43 -47.06 17.13
CA LEU D 44 18.91 -47.60 15.88
C LEU D 44 19.74 -46.58 15.11
N GLU D 45 19.12 -45.45 14.74
CA GLU D 45 19.84 -44.38 14.06
C GLU D 45 21.15 -44.05 14.75
N GLU D 46 21.22 -44.24 16.08
CA GLU D 46 22.45 -44.19 16.82
C GLU D 46 22.87 -45.61 17.14
N LYS D 47 24.18 -45.84 17.16
CA LYS D 47 24.82 -47.15 17.37
C LYS D 47 24.64 -48.07 16.17
N PHE D 48 23.97 -47.63 15.10
CA PHE D 48 24.19 -48.27 13.81
C PHE D 48 25.51 -47.81 13.20
N PRO D 49 25.82 -46.51 13.09
CA PRO D 49 27.14 -46.14 12.54
C PRO D 49 28.30 -46.57 13.42
N GLN D 50 28.05 -46.94 14.68
CA GLN D 50 29.12 -47.40 15.55
C GLN D 50 29.42 -48.89 15.33
N VAL D 51 28.38 -49.71 15.20
CA VAL D 51 28.60 -51.15 15.03
C VAL D 51 28.96 -51.50 13.58
N ALA D 52 28.54 -50.69 12.61
CA ALA D 52 28.73 -51.04 11.20
C ALA D 52 30.18 -50.83 10.75
N ALA D 53 30.81 -49.75 11.21
CA ALA D 53 32.23 -49.53 10.91
C ALA D 53 33.11 -50.65 11.45
N THR D 54 32.66 -51.34 12.50
CA THR D 54 33.33 -52.54 12.99
C THR D 54 32.82 -53.82 12.35
N GLY D 55 31.65 -53.79 11.71
CA GLY D 55 31.15 -54.92 10.96
C GLY D 55 30.31 -55.91 11.73
N ASP D 56 29.67 -55.51 12.83
CA ASP D 56 28.85 -56.40 13.63
C ASP D 56 27.37 -56.00 13.64
N GLY D 57 26.93 -55.25 12.63
CA GLY D 57 25.58 -54.73 12.58
C GLY D 57 24.57 -55.70 12.01
N PRO D 58 23.39 -55.20 11.68
CA PRO D 58 22.33 -56.06 11.14
C PRO D 58 22.34 -56.05 9.61
N ASP D 59 21.59 -56.99 9.04
CA ASP D 59 21.57 -57.13 7.59
C ASP D 59 20.73 -56.03 6.95
N ILE D 60 19.55 -55.78 7.50
CA ILE D 60 18.63 -54.76 7.02
C ILE D 60 18.30 -53.82 8.16
N ILE D 61 18.35 -52.51 7.90
CA ILE D 61 17.97 -51.49 8.86
C ILE D 61 16.76 -50.74 8.31
N PHE D 62 15.77 -50.49 9.17
CA PHE D 62 14.64 -49.65 8.83
C PHE D 62 14.75 -48.33 9.59
N TRP D 63 14.65 -47.22 8.87
CA TRP D 63 14.64 -45.90 9.47
C TRP D 63 14.09 -44.91 8.46
N ALA D 64 13.73 -43.73 8.95
CA ALA D 64 13.42 -42.61 8.07
C ALA D 64 14.58 -42.39 7.10
N HIS D 65 14.23 -42.05 5.86
CA HIS D 65 15.21 -41.98 4.78
C HIS D 65 16.27 -40.90 5.01
N ASP D 66 15.95 -39.88 5.81
CA ASP D 66 16.79 -38.68 5.87
C ASP D 66 18.17 -38.98 6.44
N ARG D 67 18.28 -39.93 7.36
CA ARG D 67 19.57 -40.33 7.89
C ARG D 67 20.41 -41.14 6.90
N PHE D 68 19.77 -41.76 5.90
CA PHE D 68 20.51 -42.69 5.04
C PHE D 68 21.52 -42.00 4.14
N GLY D 69 21.36 -40.69 3.90
CA GLY D 69 22.31 -39.99 3.04
C GLY D 69 23.64 -39.79 3.72
N GLY D 70 23.67 -39.78 5.06
CA GLY D 70 24.93 -39.77 5.78
C GLY D 70 25.49 -41.15 5.98
N TYR D 71 24.61 -42.16 6.06
CA TYR D 71 25.07 -43.55 6.10
C TYR D 71 25.84 -43.91 4.84
N ALA D 72 25.27 -43.63 3.66
CA ALA D 72 26.00 -43.84 2.42
C ALA D 72 27.28 -43.01 2.41
N GLN D 73 27.19 -41.77 2.90
CA GLN D 73 28.38 -40.91 3.05
C GLN D 73 29.44 -41.60 3.90
N SER D 74 29.03 -42.39 4.88
CA SER D 74 29.94 -43.22 5.67
C SER D 74 30.12 -44.62 5.10
N GLY D 75 29.57 -44.90 3.91
CA GLY D 75 29.76 -46.18 3.24
C GLY D 75 29.19 -47.40 3.93
N LEU D 76 28.22 -47.23 4.82
CA LEU D 76 27.64 -48.34 5.57
C LEU D 76 26.45 -48.98 4.87
N LEU D 77 26.01 -48.45 3.74
CA LEU D 77 24.90 -49.02 2.98
C LEU D 77 25.38 -49.46 1.61
N ALA D 78 24.88 -50.61 1.16
CA ALA D 78 25.20 -51.13 -0.16
C ALA D 78 24.18 -50.64 -1.19
N GLU D 79 24.62 -50.55 -2.44
CA GLU D 79 23.75 -50.06 -3.50
C GLU D 79 22.76 -51.15 -3.89
N ILE D 80 21.47 -50.86 -3.78
CA ILE D 80 20.42 -51.81 -4.16
C ILE D 80 20.29 -51.83 -5.68
N THR D 81 19.88 -52.98 -6.23
CA THR D 81 19.82 -53.19 -7.68
C THR D 81 18.45 -53.67 -8.12
N PRO D 82 17.41 -52.86 -7.94
CA PRO D 82 16.08 -53.29 -8.38
C PRO D 82 15.93 -53.11 -9.89
N ALA D 83 15.39 -54.13 -10.54
CA ALA D 83 15.07 -53.98 -11.96
C ALA D 83 13.99 -52.92 -12.12
N ALA D 84 13.96 -52.30 -13.31
CA ALA D 84 12.92 -51.32 -13.60
C ALA D 84 11.53 -51.92 -13.42
N ALA D 85 11.40 -53.24 -13.59
CA ALA D 85 10.10 -53.87 -13.40
C ALA D 85 9.67 -53.81 -11.94
N PHE D 86 10.62 -53.95 -11.01
CA PHE D 86 10.31 -53.76 -9.60
C PHE D 86 10.11 -52.29 -9.27
N GLN D 87 11.02 -51.43 -9.73
CA GLN D 87 10.88 -50.00 -9.46
C GLN D 87 9.52 -49.47 -9.89
N ASP D 88 8.90 -50.08 -10.90
CA ASP D 88 7.58 -49.64 -11.34
C ASP D 88 6.48 -49.98 -10.34
N LYS D 89 6.76 -50.84 -9.36
CA LYS D 89 5.74 -51.21 -8.38
C LYS D 89 5.64 -50.21 -7.22
N LEU D 90 6.62 -49.30 -7.07
CA LEU D 90 6.56 -48.24 -6.07
C LEU D 90 6.37 -46.89 -6.75
N TYR D 91 5.82 -45.94 -5.99
CA TYR D 91 5.59 -44.60 -6.52
C TYR D 91 6.90 -43.96 -6.95
N PRO D 92 6.92 -43.19 -8.04
CA PRO D 92 8.22 -42.73 -8.58
C PRO D 92 8.96 -41.78 -7.65
N PHE D 93 8.26 -40.76 -7.14
CA PHE D 93 8.90 -39.76 -6.28
C PHE D 93 9.53 -40.34 -5.02
N THR D 94 9.11 -41.52 -4.57
CA THR D 94 9.73 -42.06 -3.37
C THR D 94 11.12 -42.62 -3.65
N TRP D 95 11.40 -42.99 -4.90
CA TRP D 95 12.76 -43.39 -5.25
C TRP D 95 13.73 -42.22 -5.20
N ASP D 96 13.23 -40.99 -5.40
CA ASP D 96 14.05 -39.79 -5.23
C ASP D 96 14.51 -39.59 -3.79
N ALA D 97 13.88 -40.26 -2.82
CA ALA D 97 14.24 -40.07 -1.43
C ALA D 97 15.31 -41.04 -0.97
N VAL D 98 15.59 -42.09 -1.74
CA VAL D 98 16.55 -43.11 -1.34
C VAL D 98 17.77 -43.11 -2.25
N ARG D 99 18.01 -42.03 -3.00
CA ARG D 99 19.20 -41.87 -3.81
C ARG D 99 20.22 -41.01 -3.07
N TYR D 100 21.44 -41.51 -2.94
CA TYR D 100 22.59 -40.66 -2.64
C TYR D 100 23.60 -40.78 -3.78
N ASN D 101 24.16 -39.64 -4.19
CA ASN D 101 25.16 -39.61 -5.26
C ASN D 101 24.61 -40.25 -6.54
N GLY D 102 23.29 -40.17 -6.73
CA GLY D 102 22.64 -40.69 -7.91
C GLY D 102 22.36 -42.17 -7.92
N LYS D 103 22.75 -42.91 -6.88
CA LYS D 103 22.61 -44.36 -6.80
C LYS D 103 21.66 -44.75 -5.66
N LEU D 104 20.75 -45.67 -5.93
CA LEU D 104 19.76 -46.06 -4.93
C LEU D 104 20.43 -46.79 -3.77
N ILE D 105 20.00 -46.48 -2.55
CA ILE D 105 20.62 -47.03 -1.36
C ILE D 105 19.61 -47.62 -0.37
N ALA D 106 18.32 -47.59 -0.69
CA ALA D 106 17.31 -48.15 0.22
C ALA D 106 16.02 -48.34 -0.55
N TYR D 107 15.17 -49.24 -0.04
CA TYR D 107 13.86 -49.46 -0.62
C TYR D 107 12.85 -48.61 0.12
N PRO D 108 12.06 -47.79 -0.56
CA PRO D 108 11.01 -47.03 0.14
C PRO D 108 9.86 -47.93 0.59
N ILE D 109 9.35 -47.67 1.79
CA ILE D 109 8.27 -48.48 2.35
C ILE D 109 7.01 -47.65 2.56
N ALA D 110 7.12 -46.57 3.33
CA ALA D 110 5.95 -45.78 3.71
C ALA D 110 6.30 -44.30 3.70
N VAL D 111 5.26 -43.48 3.59
CA VAL D 111 5.37 -42.06 3.31
C VAL D 111 4.56 -41.27 4.32
N GLU D 112 5.10 -40.14 4.75
CA GLU D 112 4.52 -39.33 5.80
C GLU D 112 4.68 -37.86 5.44
N ALA D 113 3.62 -37.07 5.65
CA ALA D 113 3.65 -35.64 5.42
C ALA D 113 2.50 -35.01 6.18
N LEU D 114 2.59 -33.70 6.40
CA LEU D 114 1.50 -32.93 6.99
C LEU D 114 0.32 -32.85 6.04
N SER D 115 -0.88 -32.70 6.61
CA SER D 115 -2.09 -32.43 5.86
C SER D 115 -2.86 -31.31 6.53
N LEU D 116 -3.93 -30.86 5.87
CA LEU D 116 -4.86 -29.94 6.50
C LEU D 116 -5.88 -30.74 7.31
N ILE D 117 -6.06 -30.38 8.57
CA ILE D 117 -6.97 -31.07 9.48
C ILE D 117 -8.03 -30.06 9.90
N TYR D 118 -9.30 -30.38 9.61
CA TYR D 118 -10.36 -29.40 9.77
C TYR D 118 -11.56 -30.00 10.50
N ASN D 119 -12.27 -29.12 11.18
CA ASN D 119 -13.47 -29.44 11.93
C ASN D 119 -14.69 -29.25 11.02
N LYS D 120 -15.26 -30.38 10.55
CA LYS D 120 -16.42 -30.37 9.65
C LYS D 120 -17.63 -29.66 10.23
N ASP D 121 -17.68 -29.44 11.56
CA ASP D 121 -18.82 -28.71 12.12
C ASP D 121 -18.61 -27.19 12.01
N LEU D 122 -17.38 -26.72 12.18
CA LEU D 122 -17.05 -25.31 11.99
C LEU D 122 -16.77 -24.95 10.54
N LEU D 123 -16.46 -25.92 9.69
CA LEU D 123 -16.03 -25.63 8.33
C LEU D 123 -16.33 -26.83 7.44
N PRO D 124 -17.59 -27.00 7.02
CA PRO D 124 -17.92 -28.19 6.22
C PRO D 124 -17.13 -28.28 4.92
N ASN D 125 -16.88 -27.15 4.28
CA ASN D 125 -16.02 -27.15 3.10
C ASN D 125 -14.75 -26.39 3.43
N PRO D 126 -13.60 -27.07 3.54
CA PRO D 126 -12.37 -26.37 3.89
C PRO D 126 -11.91 -25.49 2.75
N PRO D 127 -11.20 -24.39 3.05
CA PRO D 127 -10.73 -23.50 1.97
C PRO D 127 -9.66 -24.14 1.11
N LYS D 128 -9.69 -23.83 -0.18
CA LYS D 128 -8.68 -24.37 -1.08
C LYS D 128 -7.41 -23.53 -1.12
N THR D 129 -7.45 -22.29 -0.63
CA THR D 129 -6.31 -21.38 -0.76
C THR D 129 -6.00 -20.72 0.57
N TRP D 130 -4.69 -20.46 0.80
CA TRP D 130 -4.26 -19.65 1.93
C TRP D 130 -4.87 -18.26 1.90
N GLU D 131 -5.14 -17.71 0.72
CA GLU D 131 -5.54 -16.31 0.63
C GLU D 131 -6.93 -16.07 1.18
N GLU D 132 -7.78 -17.09 1.11
CA GLU D 132 -9.13 -16.92 1.66
C GLU D 132 -9.18 -17.22 3.16
N ILE D 133 -8.04 -17.47 3.81
CA ILE D 133 -8.02 -17.76 5.25
C ILE D 133 -8.28 -16.54 6.13
N PRO D 134 -7.79 -15.34 5.80
CA PRO D 134 -8.09 -14.18 6.67
C PRO D 134 -9.57 -13.88 6.83
N ALA D 135 -10.35 -13.87 5.75
CA ALA D 135 -11.77 -13.59 5.89
C ALA D 135 -12.47 -14.71 6.65
N LEU D 136 -12.07 -15.96 6.42
CA LEU D 136 -12.62 -17.06 7.20
C LEU D 136 -12.35 -16.87 8.68
N ASP D 137 -11.22 -16.27 9.04
CA ASP D 137 -10.90 -16.09 10.45
C ASP D 137 -11.77 -14.99 11.05
N LYS D 138 -11.99 -13.91 10.30
CA LYS D 138 -12.73 -12.77 10.83
C LYS D 138 -14.16 -13.16 11.21
N GLU D 139 -14.86 -13.88 10.32
CA GLU D 139 -16.18 -14.37 10.67
C GLU D 139 -16.14 -15.34 11.85
N LEU D 140 -15.19 -16.29 11.85
CA LEU D 140 -15.07 -17.20 12.99
C LEU D 140 -14.73 -16.47 14.28
N LYS D 141 -13.98 -15.36 14.21
CA LYS D 141 -13.74 -14.55 15.41
C LYS D 141 -15.03 -13.95 15.96
N ALA D 142 -16.03 -13.75 15.12
CA ALA D 142 -17.29 -13.20 15.60
C ALA D 142 -18.08 -14.23 16.40
N LYS D 143 -17.85 -15.52 16.16
CA LYS D 143 -18.43 -16.62 16.90
C LYS D 143 -17.56 -17.09 18.07
N GLY D 144 -16.52 -16.33 18.43
CA GLY D 144 -15.60 -16.78 19.47
C GLY D 144 -14.63 -17.88 19.08
N LYS D 145 -14.40 -18.11 17.79
CA LYS D 145 -13.46 -19.13 17.35
C LYS D 145 -12.28 -18.47 16.62
N SER D 146 -11.49 -19.31 15.93
CA SER D 146 -10.41 -18.87 15.05
C SER D 146 -10.38 -19.83 13.87
N ALA D 147 -9.79 -19.37 12.77
CA ALA D 147 -9.74 -20.18 11.55
C ALA D 147 -8.66 -21.27 11.63
N LEU D 148 -7.43 -20.90 12.01
CA LEU D 148 -6.32 -21.83 11.85
C LEU D 148 -5.30 -21.62 12.96
N MET D 149 -4.90 -22.72 13.60
CA MET D 149 -3.82 -22.71 14.59
C MET D 149 -2.89 -23.89 14.33
N PHE D 150 -1.60 -23.61 14.27
CA PHE D 150 -0.60 -24.66 14.13
C PHE D 150 0.72 -24.19 14.71
N ASN D 151 1.59 -25.17 14.96
CA ASN D 151 2.88 -24.90 15.58
C ASN D 151 3.69 -23.94 14.71
N LEU D 152 3.87 -22.70 15.16
CA LEU D 152 4.70 -21.72 14.47
C LEU D 152 6.12 -21.69 15.00
N GLN D 153 6.48 -22.62 15.88
CA GLN D 153 7.82 -22.58 16.44
C GLN D 153 8.83 -23.35 15.59
N GLU D 154 8.36 -24.34 14.86
CA GLU D 154 9.27 -25.28 14.23
C GLU D 154 9.16 -25.13 12.72
N PRO D 155 10.27 -24.86 12.03
CA PRO D 155 10.18 -24.64 10.59
C PRO D 155 9.59 -25.83 9.85
N TYR D 156 9.59 -27.01 10.46
CA TYR D 156 8.92 -28.16 9.84
C TYR D 156 7.45 -27.90 9.52
N PHE D 157 6.77 -27.08 10.35
CA PHE D 157 5.34 -26.78 10.21
C PHE D 157 5.08 -25.53 9.40
N THR D 158 6.01 -24.57 9.39
CA THR D 158 5.84 -23.34 8.62
C THR D 158 6.36 -23.44 7.19
N TRP D 159 7.30 -24.34 6.92
CA TRP D 159 7.85 -24.52 5.57
C TRP D 159 6.80 -24.68 4.47
N PRO D 160 5.77 -25.54 4.60
CA PRO D 160 4.88 -25.78 3.45
C PRO D 160 4.30 -24.51 2.86
N LEU D 161 4.04 -23.51 3.69
CA LEU D 161 3.64 -22.20 3.21
C LEU D 161 4.81 -21.45 2.58
N ILE D 162 5.99 -21.51 3.20
CA ILE D 162 7.10 -20.69 2.74
C ILE D 162 7.63 -21.21 1.42
N ALA D 163 7.62 -22.53 1.24
CA ALA D 163 8.16 -23.13 0.03
C ALA D 163 7.12 -23.28 -1.08
N ALA D 164 5.87 -22.84 -0.85
CA ALA D 164 4.81 -22.95 -1.84
C ALA D 164 5.17 -22.22 -3.15
N ASP D 165 5.62 -20.97 -3.05
CA ASP D 165 5.83 -20.15 -4.24
C ASP D 165 7.28 -20.21 -4.76
N GLY D 166 8.09 -21.15 -4.30
CA GLY D 166 9.43 -21.27 -4.84
C GLY D 166 10.53 -21.63 -3.88
N GLY D 167 10.25 -21.66 -2.58
CA GLY D 167 11.28 -22.03 -1.63
C GLY D 167 11.66 -23.49 -1.74
N TYR D 168 12.91 -23.79 -1.41
CA TYR D 168 13.37 -25.18 -1.32
C TYR D 168 14.56 -25.23 -0.37
N ALA D 169 14.83 -26.40 0.20
CA ALA D 169 15.99 -26.46 1.09
C ALA D 169 17.27 -26.54 0.26
N PHE D 170 17.47 -27.65 -0.44
CA PHE D 170 18.62 -27.81 -1.32
C PHE D 170 18.11 -28.29 -2.67
N LYS D 171 18.65 -27.70 -3.74
CA LYS D 171 18.26 -28.11 -5.09
C LYS D 171 18.57 -29.58 -5.35
N TYR D 172 17.59 -30.29 -5.90
CA TYR D 172 17.71 -31.71 -6.21
C TYR D 172 17.59 -31.89 -7.72
N ALA D 173 18.49 -32.70 -8.27
CA ALA D 173 18.55 -32.89 -9.71
C ALA D 173 19.39 -34.12 -10.00
N ALA D 174 18.87 -34.98 -10.88
CA ALA D 174 19.56 -36.21 -11.30
C ALA D 174 20.00 -37.04 -10.10
N GLY D 175 19.12 -37.17 -9.11
CA GLY D 175 19.41 -38.00 -7.97
C GLY D 175 20.47 -37.46 -7.04
N LYS D 176 20.74 -36.17 -7.10
CA LYS D 176 21.81 -35.57 -6.32
C LYS D 176 21.32 -34.23 -5.76
N TYR D 177 21.77 -33.92 -4.55
CA TYR D 177 21.57 -32.60 -3.98
C TYR D 177 22.81 -31.75 -4.20
N ASP D 178 22.59 -30.46 -4.48
CA ASP D 178 23.64 -29.46 -4.64
C ASP D 178 23.77 -28.68 -3.33
N ILE D 179 24.78 -29.01 -2.52
CA ILE D 179 24.86 -28.44 -1.18
C ILE D 179 25.14 -26.95 -1.17
N LYS D 180 25.32 -26.32 -2.33
CA LYS D 180 25.50 -24.87 -2.42
C LYS D 180 24.26 -24.13 -2.92
N ASP D 181 23.27 -24.84 -3.47
CA ASP D 181 22.07 -24.21 -4.04
C ASP D 181 20.93 -24.31 -3.02
N VAL D 182 20.76 -23.24 -2.24
CA VAL D 182 19.78 -23.17 -1.18
C VAL D 182 18.72 -22.16 -1.58
N GLY D 183 17.45 -22.48 -1.32
CA GLY D 183 16.36 -21.66 -1.82
C GLY D 183 15.53 -21.00 -0.74
N VAL D 184 16.15 -20.42 0.28
CA VAL D 184 15.40 -19.86 1.40
C VAL D 184 15.23 -18.34 1.33
N ASP D 185 16.00 -17.64 0.48
CA ASP D 185 15.82 -16.20 0.32
C ASP D 185 15.46 -15.80 -1.11
N ASN D 186 14.89 -16.72 -1.91
CA ASN D 186 14.33 -16.35 -3.20
C ASN D 186 12.95 -15.72 -3.02
N ALA D 187 12.40 -15.19 -4.13
CA ALA D 187 11.15 -14.43 -4.05
C ALA D 187 10.00 -15.32 -3.62
N GLY D 188 10.04 -16.61 -3.96
CA GLY D 188 9.02 -17.53 -3.47
C GLY D 188 8.98 -17.61 -1.97
N ALA D 189 10.14 -17.81 -1.33
CA ALA D 189 10.19 -17.88 0.12
C ALA D 189 9.78 -16.56 0.75
N LYS D 190 10.26 -15.45 0.21
CA LYS D 190 9.88 -14.16 0.77
C LYS D 190 8.37 -13.96 0.69
N ALA D 191 7.76 -14.28 -0.46
CA ALA D 191 6.32 -14.10 -0.58
C ALA D 191 5.58 -14.91 0.48
N GLY D 192 5.97 -16.16 0.70
CA GLY D 192 5.27 -17.02 1.64
C GLY D 192 5.47 -16.62 3.10
N LEU D 193 6.69 -16.25 3.48
CA LEU D 193 6.92 -15.78 4.84
C LEU D 193 6.19 -14.47 5.10
N THR D 194 6.15 -13.58 4.11
CA THR D 194 5.43 -12.32 4.27
C THR D 194 3.94 -12.56 4.51
N PHE D 195 3.35 -13.55 3.83
CA PHE D 195 1.94 -13.85 4.06
C PHE D 195 1.73 -14.38 5.47
N LEU D 196 2.56 -15.34 5.87
CA LEU D 196 2.50 -15.84 7.24
C LEU D 196 2.64 -14.71 8.24
N VAL D 197 3.57 -13.80 7.99
CA VAL D 197 3.77 -12.68 8.92
C VAL D 197 2.57 -11.75 8.91
N ASP D 198 1.98 -11.51 7.74
CA ASP D 198 0.82 -10.62 7.71
C ASP D 198 -0.37 -11.23 8.44
N LEU D 199 -0.52 -12.57 8.40
CA LEU D 199 -1.53 -13.25 9.19
C LEU D 199 -1.35 -12.93 10.67
N ILE D 200 -0.10 -12.91 11.14
CA ILE D 200 0.18 -12.51 12.52
C ILE D 200 -0.18 -11.04 12.73
N LYS D 201 0.34 -10.15 11.88
CA LYS D 201 0.12 -8.72 12.03
C LYS D 201 -1.35 -8.35 12.02
N ASN D 202 -2.16 -9.04 11.22
CA ASN D 202 -3.60 -8.81 11.13
C ASN D 202 -4.40 -9.62 12.13
N LYS D 203 -3.73 -10.16 13.16
CA LYS D 203 -4.37 -10.81 14.31
C LYS D 203 -5.14 -12.07 13.92
N HIS D 204 -4.75 -12.72 12.82
CA HIS D 204 -5.37 -14.00 12.51
C HIS D 204 -4.57 -15.18 13.04
N MET D 205 -3.35 -14.95 13.49
CA MET D 205 -2.57 -15.99 14.15
C MET D 205 -1.73 -15.33 15.22
N ASN D 206 -1.36 -16.11 16.23
CA ASN D 206 -0.51 -15.62 17.32
C ASN D 206 0.90 -16.18 17.17
N ALA D 207 1.89 -15.28 17.17
CA ALA D 207 3.30 -15.65 17.02
C ALA D 207 3.76 -16.69 18.03
N ASP D 208 3.05 -16.88 19.14
CA ASP D 208 3.51 -17.79 20.18
C ASP D 208 2.90 -19.18 20.07
N THR D 209 2.01 -19.40 19.11
CA THR D 209 1.38 -20.72 18.97
C THR D 209 2.45 -21.80 18.78
N ASP D 210 2.39 -22.85 19.60
CA ASP D 210 3.28 -23.99 19.45
C ASP D 210 2.44 -25.26 19.37
N TYR D 211 3.12 -26.41 19.38
CA TYR D 211 2.47 -27.67 19.07
C TYR D 211 1.35 -28.00 20.06
N SER D 212 1.63 -27.91 21.36
CA SER D 212 0.65 -28.35 22.36
C SER D 212 -0.56 -27.43 22.37
N ILE D 213 -0.33 -26.13 22.27
CA ILE D 213 -1.42 -25.15 22.23
C ILE D 213 -2.37 -25.44 21.08
N ALA D 214 -1.84 -25.54 19.85
CA ALA D 214 -2.67 -25.75 18.67
C ALA D 214 -3.46 -27.05 18.73
N GLU D 215 -2.83 -28.14 19.21
CA GLU D 215 -3.51 -29.43 19.29
C GLU D 215 -4.63 -29.40 20.31
N ALA D 216 -4.43 -28.67 21.41
CA ALA D 216 -5.50 -28.50 22.39
C ALA D 216 -6.67 -27.72 21.81
N ALA D 217 -6.38 -26.57 21.17
CA ALA D 217 -7.46 -25.72 20.68
C ALA D 217 -8.31 -26.44 19.64
N PHE D 218 -7.70 -27.30 18.84
CA PHE D 218 -8.46 -28.03 17.85
C PHE D 218 -9.28 -29.16 18.47
N ASN D 219 -8.68 -29.97 19.35
CA ASN D 219 -9.43 -31.02 20.05
C ASN D 219 -10.51 -30.45 20.95
N LYS D 220 -10.42 -29.18 21.37
CA LYS D 220 -11.44 -28.49 22.13
C LYS D 220 -12.49 -27.82 21.25
N GLY D 221 -12.40 -27.98 19.93
CA GLY D 221 -13.30 -27.29 19.03
C GLY D 221 -13.20 -25.78 19.08
N GLU D 222 -12.05 -25.22 19.46
CA GLU D 222 -11.88 -23.77 19.50
C GLU D 222 -11.33 -23.19 18.21
N THR D 223 -10.71 -24.00 17.35
CA THR D 223 -10.21 -23.54 16.06
C THR D 223 -10.77 -24.44 14.96
N ALA D 224 -10.92 -23.90 13.75
CA ALA D 224 -11.54 -24.67 12.68
C ALA D 224 -10.56 -25.63 11.99
N MET D 225 -9.27 -25.30 12.00
CA MET D 225 -8.27 -25.98 11.19
C MET D 225 -6.93 -26.06 11.92
N THR D 226 -6.22 -27.15 11.71
CA THR D 226 -4.82 -27.22 12.11
C THR D 226 -4.04 -27.96 11.03
N ILE D 227 -2.71 -27.91 11.15
CA ILE D 227 -1.81 -28.63 10.23
C ILE D 227 -0.98 -29.60 11.05
N ASN D 228 -1.07 -30.89 10.72
CA ASN D 228 -0.39 -31.91 11.49
C ASN D 228 -0.34 -33.21 10.69
N GLY D 229 0.45 -34.16 11.22
CA GLY D 229 0.72 -35.41 10.54
C GLY D 229 -0.10 -36.58 11.07
N PRO D 230 0.02 -37.75 10.43
CA PRO D 230 -0.83 -38.90 10.82
C PRO D 230 -0.68 -39.30 12.28
N TRP D 231 0.47 -39.04 12.90
CA TRP D 231 0.69 -39.32 14.31
C TRP D 231 -0.32 -38.64 15.23
N ALA D 232 -0.99 -37.58 14.78
CA ALA D 232 -1.87 -36.82 15.64
C ALA D 232 -3.35 -37.16 15.45
N TRP D 233 -3.69 -38.05 14.50
CA TRP D 233 -5.08 -38.43 14.28
C TRP D 233 -5.66 -39.17 15.48
N SER D 234 -4.84 -40.01 16.12
CA SER D 234 -5.31 -40.78 17.26
C SER D 234 -5.59 -39.90 18.48
N ASN D 235 -4.90 -38.76 18.59
CA ASN D 235 -5.18 -37.81 19.68
C ASN D 235 -6.39 -36.96 19.40
N ILE D 236 -6.67 -36.66 18.13
CA ILE D 236 -7.84 -35.88 17.75
C ILE D 236 -9.11 -36.66 18.04
N ASP D 237 -8.97 -37.96 18.23
CA ASP D 237 -10.11 -38.86 18.37
C ASP D 237 -10.79 -38.57 19.70
N THR D 238 -11.51 -37.47 19.73
CA THR D 238 -12.41 -37.15 20.82
C THR D 238 -13.83 -37.39 20.37
N SER D 239 -14.74 -37.45 21.34
CA SER D 239 -16.17 -37.46 21.07
C SER D 239 -16.72 -36.07 20.81
N ALA D 240 -15.83 -35.08 20.67
CA ALA D 240 -16.18 -33.67 20.53
C ALA D 240 -16.15 -33.18 19.08
N VAL D 241 -15.15 -33.57 18.30
CA VAL D 241 -14.91 -32.98 16.97
C VAL D 241 -15.04 -34.05 15.90
N ASN D 242 -15.91 -33.77 14.92
CA ASN D 242 -15.97 -34.51 13.66
C ASN D 242 -14.99 -33.87 12.68
N TYR D 243 -13.90 -34.57 12.38
CA TYR D 243 -12.80 -33.96 11.65
C TYR D 243 -12.60 -34.60 10.29
N GLY D 244 -11.99 -33.84 9.39
CA GLY D 244 -11.52 -34.35 8.12
C GLY D 244 -10.03 -34.14 7.96
N VAL D 245 -9.43 -34.84 7.00
CA VAL D 245 -8.03 -34.70 6.63
C VAL D 245 -7.98 -34.48 5.12
N THR D 246 -7.56 -33.29 4.69
CA THR D 246 -7.58 -32.98 3.26
C THR D 246 -6.25 -32.41 2.80
N VAL D 247 -6.21 -32.06 1.50
CA VAL D 247 -5.02 -31.46 0.89
C VAL D 247 -4.80 -30.07 1.47
N LEU D 248 -3.54 -29.67 1.60
CA LEU D 248 -3.20 -28.36 2.13
C LEU D 248 -3.67 -27.26 1.18
N PRO D 249 -3.83 -26.04 1.68
CA PRO D 249 -4.29 -24.94 0.82
C PRO D 249 -3.18 -24.47 -0.11
N THR D 250 -3.58 -23.95 -1.27
CA THR D 250 -2.63 -23.36 -2.19
C THR D 250 -2.31 -21.94 -1.76
N PHE D 251 -1.18 -21.43 -2.26
CA PHE D 251 -0.74 -20.06 -2.07
C PHE D 251 -0.27 -19.53 -3.40
N LYS D 252 -0.83 -18.39 -3.83
CA LYS D 252 -0.56 -17.86 -5.17
C LYS D 252 -0.69 -18.96 -6.22
N GLY D 253 -1.74 -19.78 -6.07
CA GLY D 253 -2.02 -20.87 -6.98
C GLY D 253 -1.14 -22.10 -6.82
N GLN D 254 -0.06 -22.03 -6.01
CA GLN D 254 0.82 -23.21 -5.99
C GLN D 254 0.54 -24.08 -4.76
N PRO D 255 0.73 -25.39 -4.85
CA PRO D 255 0.45 -26.25 -3.70
C PRO D 255 1.45 -26.01 -2.58
N SER D 256 0.97 -26.12 -1.34
CA SER D 256 1.88 -26.17 -0.21
C SER D 256 2.83 -27.34 -0.37
N LYS D 257 4.05 -27.17 0.12
CA LYS D 257 5.10 -28.16 -0.06
C LYS D 257 5.63 -28.57 1.29
N PRO D 258 4.93 -29.47 1.99
CA PRO D 258 5.48 -30.00 3.22
C PRO D 258 6.63 -30.96 2.97
N PHE D 259 7.56 -31.00 3.91
CA PHE D 259 8.64 -31.96 3.86
C PHE D 259 8.07 -33.37 3.95
N VAL D 260 8.64 -34.29 3.17
CA VAL D 260 8.14 -35.64 3.07
C VAL D 260 9.13 -36.58 3.74
N GLY D 261 8.63 -37.48 4.58
CA GLY D 261 9.44 -38.49 5.23
C GLY D 261 9.13 -39.84 4.60
N VAL D 262 10.17 -40.63 4.38
CA VAL D 262 10.03 -41.94 3.76
C VAL D 262 10.70 -42.96 4.66
N LEU D 263 9.91 -43.88 5.20
CA LEU D 263 10.45 -45.03 5.90
C LEU D 263 11.10 -45.96 4.87
N SER D 264 12.36 -46.33 5.12
CA SER D 264 13.17 -47.00 4.13
C SER D 264 13.91 -48.17 4.75
N ALA D 265 14.22 -49.16 3.91
CA ALA D 265 15.02 -50.31 4.34
C ALA D 265 16.31 -50.29 3.52
N GLY D 266 17.43 -50.03 4.18
CA GLY D 266 18.73 -50.14 3.57
C GLY D 266 19.37 -51.48 3.89
N ILE D 267 20.31 -51.88 3.05
CA ILE D 267 21.03 -53.14 3.23
C ILE D 267 22.45 -52.83 3.66
N ASN D 268 22.92 -53.56 4.68
CA ASN D 268 24.25 -53.34 5.23
C ASN D 268 25.33 -53.65 4.20
N ALA D 269 26.28 -52.73 4.01
CA ALA D 269 27.34 -52.93 3.03
C ALA D 269 28.27 -54.06 3.45
N ALA D 270 28.45 -54.29 4.76
CA ALA D 270 29.27 -55.38 5.29
C ALA D 270 28.45 -56.65 5.56
N SER D 271 27.28 -56.78 4.94
CA SER D 271 26.52 -58.00 5.16
C SER D 271 26.79 -59.01 4.04
N PRO D 272 27.01 -60.27 4.39
CA PRO D 272 27.27 -61.29 3.37
C PRO D 272 26.03 -61.78 2.65
N ASN D 273 24.86 -61.23 2.95
CA ASN D 273 23.58 -61.73 2.45
C ASN D 273 22.85 -60.69 1.62
N LYS D 274 23.59 -59.90 0.84
CA LYS D 274 22.94 -58.82 0.10
C LYS D 274 21.84 -59.35 -0.79
N GLU D 275 22.04 -60.53 -1.38
CA GLU D 275 21.02 -61.07 -2.26
C GLU D 275 19.84 -61.61 -1.48
N LEU D 276 20.11 -62.27 -0.35
CA LEU D 276 19.02 -62.76 0.49
C LEU D 276 18.13 -61.61 0.96
N ALA D 277 18.75 -60.51 1.42
CA ALA D 277 17.99 -59.34 1.84
C ALA D 277 17.12 -58.80 0.71
N LYS D 278 17.70 -58.70 -0.51
CA LYS D 278 16.97 -58.20 -1.67
C LYS D 278 15.75 -59.06 -1.98
N GLU D 279 15.90 -60.38 -1.91
CA GLU D 279 14.76 -61.27 -2.11
C GLU D 279 13.66 -61.00 -1.10
N PHE D 280 14.01 -61.00 0.19
CA PHE D 280 13.05 -60.70 1.25
C PHE D 280 12.34 -59.39 0.99
N LEU D 281 13.09 -58.32 0.72
CA LEU D 281 12.48 -57.00 0.59
C LEU D 281 11.62 -56.90 -0.67
N GLU D 282 12.10 -57.46 -1.78
CA GLU D 282 11.38 -57.28 -3.03
C GLU D 282 10.17 -58.20 -3.14
N ASN D 283 10.34 -59.49 -2.88
CA ASN D 283 9.32 -60.46 -3.23
C ASN D 283 8.43 -60.88 -2.08
N TYR D 284 8.73 -60.48 -0.84
CA TYR D 284 7.86 -60.77 0.30
C TYR D 284 7.36 -59.50 1.00
N LEU D 285 8.25 -58.62 1.47
CA LEU D 285 7.80 -57.45 2.23
C LEU D 285 7.06 -56.45 1.36
N LEU D 286 7.67 -56.05 0.23
CA LEU D 286 7.11 -55.06 -0.67
C LEU D 286 6.11 -55.71 -1.63
N THR D 287 5.12 -56.33 -1.03
CA THR D 287 3.97 -56.90 -1.70
C THR D 287 2.74 -56.54 -0.89
N ASP D 288 1.57 -56.63 -1.51
CA ASP D 288 0.34 -56.47 -0.74
C ASP D 288 0.28 -57.46 0.42
N GLU D 289 0.87 -58.63 0.24
CA GLU D 289 0.89 -59.65 1.29
C GLU D 289 1.76 -59.20 2.46
N GLY D 290 3.03 -58.90 2.19
CA GLY D 290 3.93 -58.55 3.29
C GLY D 290 3.57 -57.24 3.97
N LEU D 291 3.15 -56.23 3.19
CA LEU D 291 2.82 -54.95 3.78
C LEU D 291 1.57 -55.06 4.65
N GLU D 292 0.59 -55.85 4.22
CA GLU D 292 -0.61 -56.02 5.02
C GLU D 292 -0.29 -56.60 6.40
N ALA D 293 0.73 -57.46 6.46
CA ALA D 293 1.08 -58.09 7.74
C ALA D 293 1.72 -57.08 8.70
N VAL D 294 2.53 -56.15 8.17
CA VAL D 294 3.08 -55.10 9.00
C VAL D 294 2.00 -54.09 9.38
N ASN D 295 1.18 -53.70 8.40
CA ASN D 295 0.17 -52.66 8.62
C ASN D 295 -0.86 -53.09 9.66
N LYS D 296 -1.26 -54.37 9.61
CA LYS D 296 -2.20 -54.91 10.60
C LYS D 296 -1.66 -54.77 12.01
N ASP D 297 -0.37 -55.05 12.21
CA ASP D 297 0.25 -54.84 13.51
C ASP D 297 0.25 -53.37 13.90
N LYS D 298 0.93 -52.53 13.12
CA LYS D 298 0.97 -51.09 13.32
C LYS D 298 0.71 -50.42 11.98
N PRO D 299 -0.30 -49.57 11.87
CA PRO D 299 -0.54 -48.88 10.59
C PRO D 299 0.69 -48.10 10.15
N LEU D 300 1.02 -48.22 8.87
CA LEU D 300 2.20 -47.57 8.32
C LEU D 300 1.94 -46.12 7.92
N GLY D 301 0.67 -45.75 7.75
CA GLY D 301 0.28 -44.54 7.05
C GLY D 301 0.21 -44.85 5.57
N ALA D 302 0.56 -43.89 4.72
CA ALA D 302 0.60 -44.16 3.29
C ALA D 302 1.83 -44.99 2.94
N VAL D 303 1.69 -45.88 1.96
CA VAL D 303 2.80 -46.77 1.61
C VAL D 303 3.29 -46.45 0.19
N ALA D 304 4.53 -46.87 -0.06
CA ALA D 304 5.18 -46.60 -1.33
C ALA D 304 4.78 -47.61 -2.42
N LEU D 305 4.21 -48.76 -2.06
CA LEU D 305 3.77 -49.75 -3.04
C LEU D 305 2.41 -49.35 -3.59
N LYS D 306 2.36 -49.08 -4.90
CA LYS D 306 1.15 -48.55 -5.53
C LYS D 306 -0.05 -49.44 -5.29
N SER D 307 0.12 -50.76 -5.50
CA SER D 307 -1.00 -51.67 -5.37
C SER D 307 -1.61 -51.63 -3.98
N TYR D 308 -0.77 -51.74 -2.95
CA TYR D 308 -1.29 -51.73 -1.58
C TYR D 308 -1.72 -50.33 -1.15
N GLU D 309 -1.13 -49.26 -1.72
CA GLU D 309 -1.52 -47.91 -1.33
C GLU D 309 -2.94 -47.60 -1.78
N GLU D 310 -3.31 -48.03 -2.99
CA GLU D 310 -4.66 -47.77 -3.47
C GLU D 310 -5.71 -48.49 -2.62
N GLU D 311 -5.30 -49.54 -1.89
CA GLU D 311 -6.19 -50.20 -0.94
C GLU D 311 -6.32 -49.41 0.35
N LEU D 312 -5.18 -48.94 0.89
CA LEU D 312 -5.21 -48.09 2.08
C LEU D 312 -5.84 -46.73 1.82
N ALA D 313 -5.85 -46.27 0.56
CA ALA D 313 -6.37 -44.94 0.23
C ALA D 313 -7.89 -44.88 0.28
N LYS D 314 -8.59 -45.96 0.66
CA LYS D 314 -10.03 -45.88 0.89
C LYS D 314 -10.32 -45.01 2.11
N ASP D 315 -9.51 -45.13 3.14
CA ASP D 315 -9.44 -44.13 4.18
C ASP D 315 -9.09 -42.79 3.54
N PRO D 316 -9.98 -41.79 3.59
CA PRO D 316 -9.63 -40.50 2.97
C PRO D 316 -8.39 -39.85 3.57
N ARG D 317 -8.13 -40.12 4.86
CA ARG D 317 -7.01 -39.50 5.55
C ARG D 317 -5.68 -39.98 4.97
N ILE D 318 -5.59 -41.28 4.69
CA ILE D 318 -4.39 -41.80 4.07
C ILE D 318 -4.24 -41.28 2.65
N ALA D 319 -5.35 -41.01 1.94
CA ALA D 319 -5.24 -40.46 0.59
C ALA D 319 -4.77 -39.00 0.63
N ALA D 320 -5.23 -38.21 1.60
CA ALA D 320 -4.74 -36.84 1.73
C ALA D 320 -3.25 -36.82 2.05
N THR D 321 -2.82 -37.68 2.98
CA THR D 321 -1.42 -37.79 3.34
C THR D 321 -0.55 -38.01 2.10
N MET D 322 -0.95 -38.98 1.27
CA MET D 322 -0.16 -39.30 0.08
C MET D 322 -0.20 -38.16 -0.94
N GLU D 323 -1.36 -37.51 -1.08
CA GLU D 323 -1.47 -36.38 -2.02
C GLU D 323 -0.62 -35.20 -1.57
N ASN D 324 -0.64 -34.88 -0.27
CA ASN D 324 0.24 -33.82 0.22
C ASN D 324 1.71 -34.19 0.07
N ALA D 325 2.03 -35.49 0.17
CA ALA D 325 3.41 -35.92 0.02
C ALA D 325 3.87 -35.82 -1.43
N GLN D 326 2.99 -36.18 -2.38
CA GLN D 326 3.37 -36.10 -3.79
C GLN D 326 3.60 -34.66 -4.24
N LYS D 327 2.82 -33.72 -3.71
CA LYS D 327 3.01 -32.30 -3.99
C LYS D 327 4.07 -31.65 -3.12
N GLY D 328 4.72 -32.40 -2.24
CA GLY D 328 5.65 -31.83 -1.29
C GLY D 328 7.08 -31.87 -1.78
N GLU D 329 7.99 -31.66 -0.82
CA GLU D 329 9.43 -31.64 -1.03
C GLU D 329 10.03 -32.74 -0.18
N ILE D 330 10.65 -33.73 -0.82
CA ILE D 330 11.39 -34.75 -0.09
C ILE D 330 12.37 -34.05 0.85
N MET D 331 12.35 -34.43 2.11
CA MET D 331 13.33 -33.88 3.03
C MET D 331 14.73 -34.31 2.59
N PRO D 332 15.65 -33.39 2.30
CA PRO D 332 16.98 -33.80 1.84
C PRO D 332 17.69 -34.64 2.89
N ASN D 333 18.43 -35.65 2.40
CA ASN D 333 19.06 -36.64 3.26
C ASN D 333 20.53 -36.35 3.53
N ILE D 334 20.95 -35.09 3.39
CA ILE D 334 22.35 -34.69 3.54
C ILE D 334 22.54 -34.07 4.92
N PRO D 335 23.78 -34.03 5.42
CA PRO D 335 24.02 -33.45 6.77
C PRO D 335 23.93 -31.92 6.81
N GLN D 336 23.92 -31.22 5.68
CA GLN D 336 23.77 -29.77 5.65
C GLN D 336 22.37 -29.31 6.10
N MET D 337 21.40 -30.23 6.19
CA MET D 337 20.07 -29.91 6.70
C MET D 337 20.11 -29.46 8.16
N SER D 338 21.11 -29.90 8.92
CA SER D 338 21.24 -29.45 10.30
C SER D 338 21.41 -27.93 10.36
N ALA D 339 22.25 -27.36 9.49
CA ALA D 339 22.43 -25.90 9.48
C ALA D 339 21.23 -25.21 8.87
N PHE D 340 20.48 -25.92 8.02
CA PHE D 340 19.27 -25.35 7.45
C PHE D 340 18.20 -25.18 8.54
N TRP D 341 18.00 -26.22 9.35
CA TRP D 341 16.95 -26.18 10.35
C TRP D 341 17.16 -25.02 11.34
N TYR D 342 18.40 -24.84 11.82
CA TYR D 342 18.70 -23.71 12.70
C TYR D 342 18.47 -22.38 12.00
N ALA D 343 18.92 -22.26 10.75
CA ALA D 343 18.81 -20.97 10.08
C ALA D 343 17.36 -20.57 9.88
N VAL D 344 16.51 -21.51 9.46
CA VAL D 344 15.12 -21.14 9.17
C VAL D 344 14.33 -20.98 10.47
N ARG D 345 14.60 -21.81 11.49
CA ARG D 345 13.89 -21.63 12.77
C ARG D 345 14.09 -20.21 13.30
N THR D 346 15.32 -19.73 13.28
CA THR D 346 15.62 -18.38 13.69
C THR D 346 14.95 -17.35 12.78
N ALA D 347 15.00 -17.57 11.47
CA ALA D 347 14.44 -16.57 10.57
C ALA D 347 12.94 -16.41 10.78
N VAL D 348 12.23 -17.50 11.01
CA VAL D 348 10.78 -17.41 11.14
C VAL D 348 10.40 -16.85 12.50
N ILE D 349 11.11 -17.22 13.56
CA ILE D 349 10.89 -16.60 14.87
C ILE D 349 11.16 -15.11 14.81
N ASN D 350 12.26 -14.68 14.17
CA ASN D 350 12.55 -13.26 14.11
C ASN D 350 11.53 -12.52 13.25
N ALA D 351 11.08 -13.14 12.16
CA ALA D 351 10.11 -12.44 11.33
C ALA D 351 8.74 -12.39 12.00
N ALA D 352 8.38 -13.45 12.74
CA ALA D 352 7.05 -13.56 13.33
C ALA D 352 6.88 -12.62 14.51
N SER D 353 7.95 -12.43 15.30
CA SER D 353 7.93 -11.51 16.43
C SER D 353 8.21 -10.07 16.02
N GLY D 354 8.50 -9.81 14.75
CA GLY D 354 8.74 -8.44 14.32
C GLY D 354 10.05 -7.83 14.76
N ARG D 355 11.04 -8.65 15.12
CA ARG D 355 12.38 -8.13 15.38
C ARG D 355 13.13 -7.85 14.08
N GLN D 356 12.85 -8.59 13.01
CA GLN D 356 13.53 -8.41 11.73
C GLN D 356 12.51 -8.30 10.61
N THR D 357 12.87 -7.56 9.59
CA THR D 357 12.21 -7.66 8.30
C THR D 357 12.25 -9.10 7.78
N VAL D 358 11.22 -9.48 7.01
CA VAL D 358 11.22 -10.78 6.35
C VAL D 358 12.46 -10.92 5.47
N ASP D 359 12.73 -9.89 4.66
CA ASP D 359 13.90 -9.91 3.78
C ASP D 359 15.19 -10.11 4.55
N ALA D 360 15.37 -9.38 5.64
CA ALA D 360 16.60 -9.54 6.40
C ALA D 360 16.67 -10.90 7.06
N ALA D 361 15.56 -11.38 7.63
CA ALA D 361 15.57 -12.67 8.31
C ALA D 361 15.95 -13.78 7.34
N LEU D 362 15.40 -13.76 6.13
CA LEU D 362 15.63 -14.83 5.17
C LEU D 362 16.99 -14.70 4.50
N ALA D 363 17.49 -13.48 4.29
CA ALA D 363 18.85 -13.32 3.79
C ALA D 363 19.86 -13.88 4.80
N ALA D 364 19.71 -13.54 6.09
CA ALA D 364 20.63 -14.09 7.08
C ALA D 364 20.54 -15.60 7.11
N ALA D 365 19.33 -16.14 7.01
CA ALA D 365 19.15 -17.58 7.02
C ALA D 365 19.82 -18.23 5.82
N GLN D 366 19.74 -17.56 4.65
CA GLN D 366 20.32 -18.08 3.42
C GLN D 366 21.81 -18.33 3.57
N THR D 367 22.56 -17.29 3.94
CA THR D 367 24.00 -17.47 4.05
C THR D 367 24.37 -18.46 5.13
N ASN D 368 23.59 -18.54 6.22
CA ASN D 368 23.85 -19.54 7.25
C ASN D 368 23.55 -20.95 6.75
N ALA D 369 22.47 -21.12 5.97
CA ALA D 369 22.09 -22.45 5.49
C ALA D 369 22.98 -22.94 4.35
N ALA D 370 23.54 -22.02 3.54
CA ALA D 370 24.33 -22.40 2.38
C ALA D 370 25.81 -22.18 2.62
N ALA D 371 26.39 -22.91 3.58
CA ALA D 371 27.80 -22.72 3.93
C ALA D 371 28.72 -22.99 2.76
N ALA D 372 28.35 -23.94 1.90
CA ALA D 372 29.21 -24.34 0.78
C ALA D 372 29.32 -23.25 -0.25
N ALA D 373 28.28 -22.41 -0.42
CA ALA D 373 28.34 -21.40 -1.46
C ALA D 373 29.31 -20.28 -1.11
N GLN D 374 29.57 -20.06 0.18
CA GLN D 374 30.61 -19.10 0.55
C GLN D 374 32.00 -19.61 0.16
N VAL D 375 32.23 -20.92 0.25
CA VAL D 375 33.58 -21.46 0.05
C VAL D 375 34.07 -21.14 -1.35
N VAL D 376 33.29 -21.52 -2.35
CA VAL D 376 33.67 -21.22 -3.72
C VAL D 376 33.66 -19.72 -3.98
N ALA D 377 32.74 -19.00 -3.36
CA ALA D 377 32.67 -17.56 -3.60
C ALA D 377 33.90 -16.83 -3.05
N ASP D 378 34.29 -17.17 -1.81
CA ASP D 378 35.46 -16.53 -1.19
C ASP D 378 36.74 -16.84 -1.94
N VAL D 379 36.88 -18.08 -2.44
CA VAL D 379 38.06 -18.47 -3.23
C VAL D 379 38.18 -17.58 -4.46
N LEU D 380 37.09 -17.42 -5.20
CA LEU D 380 37.12 -16.61 -6.41
C LEU D 380 37.37 -15.14 -6.12
N CYS D 381 36.77 -14.61 -5.05
CA CYS D 381 36.93 -13.20 -4.72
C CYS D 381 38.37 -12.86 -4.35
N GLU D 382 38.99 -13.67 -3.49
CA GLU D 382 40.42 -13.52 -3.23
C GLU D 382 41.20 -13.60 -4.53
N PHE D 383 40.89 -14.59 -5.38
CA PHE D 383 41.63 -14.74 -6.63
C PHE D 383 41.42 -13.53 -7.53
N LEU D 384 40.16 -13.14 -7.76
CA LEU D 384 39.90 -11.99 -8.62
C LEU D 384 40.59 -10.74 -8.11
N GLU D 385 40.69 -10.57 -6.80
CA GLU D 385 41.37 -9.38 -6.29
C GLU D 385 42.85 -9.40 -6.65
N VAL D 386 43.49 -10.55 -6.44
CA VAL D 386 44.92 -10.68 -6.76
C VAL D 386 45.14 -10.59 -8.27
N ALA D 387 44.18 -11.10 -9.05
CA ALA D 387 44.32 -11.05 -10.50
C ALA D 387 44.06 -9.64 -11.03
N VAL D 388 43.17 -8.89 -10.40
CA VAL D 388 42.96 -7.50 -10.84
C VAL D 388 44.21 -6.68 -10.59
N HIS D 389 44.76 -6.71 -9.36
CA HIS D 389 46.02 -6.02 -9.10
C HIS D 389 47.10 -6.40 -10.12
N LEU D 390 47.22 -7.69 -10.43
CA LEU D 390 48.32 -8.13 -11.29
C LEU D 390 48.12 -7.65 -12.72
N ILE D 391 46.89 -7.74 -13.24
CA ILE D 391 46.55 -7.12 -14.52
C ILE D 391 46.93 -5.64 -14.55
N LEU D 392 46.54 -4.88 -13.53
CA LEU D 392 46.92 -3.46 -13.51
C LEU D 392 48.43 -3.27 -13.48
N TYR D 393 49.18 -4.27 -12.99
CA TYR D 393 50.63 -4.17 -12.88
C TYR D 393 51.33 -4.46 -14.22
N VAL D 394 50.99 -5.59 -14.86
CA VAL D 394 51.66 -6.00 -16.09
C VAL D 394 51.22 -5.13 -17.27
N ARG D 395 50.01 -4.58 -17.22
CA ARG D 395 49.49 -3.72 -18.28
C ARG D 395 49.82 -2.28 -18.02
N GLU D 396 50.55 -1.99 -16.96
CA GLU D 396 51.04 -0.63 -16.68
C GLU D 396 49.91 0.39 -16.54
N VAL D 397 48.76 -0.03 -16.00
CA VAL D 397 47.67 0.91 -15.77
C VAL D 397 48.00 1.87 -14.62
N TYR D 398 48.79 1.42 -13.65
CA TYR D 398 49.37 2.24 -12.60
C TYR D 398 50.86 1.95 -12.56
N PRO D 399 51.69 2.86 -12.05
CA PRO D 399 53.14 2.63 -12.05
C PRO D 399 53.59 1.51 -11.11
N VAL D 400 54.70 0.85 -11.49
CA VAL D 400 55.26 -0.23 -10.66
C VAL D 400 55.58 0.27 -9.25
N GLY D 401 55.72 1.59 -9.08
CA GLY D 401 56.15 2.15 -7.82
C GLY D 401 55.15 2.07 -6.69
N ILE D 402 53.85 1.89 -7.00
CA ILE D 402 52.87 1.72 -5.93
C ILE D 402 52.67 0.27 -5.51
N PHE D 403 53.30 -0.70 -6.19
CA PHE D 403 53.07 -2.11 -5.94
C PHE D 403 54.11 -2.72 -5.00
N GLN D 404 53.69 -3.73 -4.26
CA GLN D 404 54.59 -4.54 -3.44
C GLN D 404 54.49 -5.97 -3.92
N LYS D 405 55.65 -6.59 -4.11
CA LYS D 405 55.68 -8.00 -4.48
C LYS D 405 55.35 -8.84 -3.24
N ARG D 406 54.33 -9.69 -3.38
CA ARG D 406 53.90 -10.59 -2.33
C ARG D 406 53.75 -12.00 -2.90
N LYS D 407 53.13 -12.89 -2.13
CA LYS D 407 53.07 -14.29 -2.46
C LYS D 407 51.63 -14.77 -2.25
N LYS D 408 51.09 -15.51 -3.20
CA LYS D 408 49.81 -16.17 -3.00
C LYS D 408 49.76 -17.45 -3.84
N TYR D 409 49.23 -18.53 -3.28
CA TYR D 409 49.24 -19.84 -3.94
C TYR D 409 50.65 -20.26 -4.33
N ASN D 410 51.63 -19.85 -3.52
CA ASN D 410 53.05 -20.16 -3.68
C ASN D 410 53.68 -19.48 -4.90
N VAL D 411 53.09 -18.41 -5.42
CA VAL D 411 53.71 -17.72 -6.55
C VAL D 411 53.73 -16.23 -6.27
N PRO D 412 54.60 -15.48 -6.97
CA PRO D 412 54.65 -14.03 -6.78
C PRO D 412 53.41 -13.31 -7.30
N VAL D 413 52.94 -12.33 -6.52
CA VAL D 413 51.88 -11.43 -6.94
C VAL D 413 52.32 -10.01 -6.66
N GLN D 414 51.59 -9.06 -7.25
CA GLN D 414 51.90 -7.64 -7.14
C GLN D 414 50.67 -6.96 -6.56
N MET D 415 50.79 -6.42 -5.35
CA MET D 415 49.66 -5.82 -4.63
C MET D 415 49.86 -4.32 -4.54
N SER D 416 48.88 -3.55 -4.97
CA SER D 416 48.98 -2.11 -4.89
C SER D 416 48.99 -1.66 -3.43
N CYS D 417 49.79 -0.64 -3.12
CA CYS D 417 49.72 0.02 -1.83
C CYS D 417 49.06 1.38 -1.90
N HIS D 418 48.29 1.63 -2.97
CA HIS D 418 47.53 2.86 -3.13
C HIS D 418 46.20 2.66 -2.41
N PRO D 419 45.93 3.37 -1.31
CA PRO D 419 44.72 3.05 -0.53
C PRO D 419 43.42 3.30 -1.27
N GLU D 420 43.34 4.37 -2.08
CA GLU D 420 42.09 4.62 -2.79
C GLU D 420 41.85 3.59 -3.87
N LEU D 421 42.92 3.15 -4.57
CA LEU D 421 42.77 2.07 -5.54
C LEU D 421 42.35 0.78 -4.84
N ASN D 422 43.02 0.43 -3.74
CA ASN D 422 42.66 -0.78 -3.02
C ASN D 422 41.20 -0.74 -2.59
N GLN D 423 40.71 0.41 -2.14
CA GLN D 423 39.32 0.46 -1.70
C GLN D 423 38.35 0.27 -2.85
N TYR D 424 38.71 0.79 -4.03
CA TYR D 424 37.85 0.65 -5.21
C TYR D 424 37.76 -0.80 -5.65
N ILE D 425 38.88 -1.52 -5.67
CA ILE D 425 38.84 -2.93 -6.02
C ILE D 425 38.09 -3.74 -4.96
N GLN D 426 38.32 -3.44 -3.68
CA GLN D 426 37.59 -4.16 -2.62
C GLN D 426 36.09 -3.95 -2.75
N ASP D 427 35.65 -2.68 -2.89
CA ASP D 427 34.22 -2.41 -2.99
C ASP D 427 33.60 -3.07 -4.22
N THR D 428 34.31 -3.01 -5.36
CA THR D 428 33.87 -3.72 -6.55
C THR D 428 33.66 -5.19 -6.26
N LEU D 429 34.57 -5.80 -5.51
CA LEU D 429 34.49 -7.24 -5.30
C LEU D 429 33.59 -7.63 -4.13
N HIS D 430 33.38 -6.76 -3.15
CA HIS D 430 32.36 -7.07 -2.13
C HIS D 430 30.98 -7.04 -2.74
N CYS D 431 30.79 -6.26 -3.80
CA CYS D 431 29.48 -6.26 -4.45
C CYS D 431 29.28 -7.50 -5.30
N VAL D 432 30.38 -8.09 -5.80
CA VAL D 432 30.26 -9.25 -6.68
C VAL D 432 30.10 -10.54 -5.88
N LYS D 433 30.65 -10.58 -4.67
CA LYS D 433 30.57 -11.78 -3.83
C LYS D 433 29.16 -12.34 -3.67
N PRO D 434 28.14 -11.55 -3.31
CA PRO D 434 26.81 -12.18 -3.18
C PRO D 434 26.28 -12.72 -4.49
N LEU D 435 26.71 -12.19 -5.62
CA LEU D 435 26.31 -12.80 -6.89
C LEU D 435 27.04 -14.12 -7.11
N LEU D 436 28.27 -14.25 -6.62
CA LEU D 436 29.01 -15.50 -6.78
C LEU D 436 28.42 -16.58 -5.89
N GLU D 437 28.03 -16.21 -4.66
CA GLU D 437 27.41 -17.15 -3.73
C GLU D 437 26.15 -17.78 -4.31
N LYS D 438 25.42 -17.06 -5.16
CA LYS D 438 24.24 -17.60 -5.83
C LYS D 438 24.54 -18.16 -7.21
N ASN D 439 25.83 -18.25 -7.58
CA ASN D 439 26.23 -18.69 -8.92
C ASN D 439 25.53 -17.89 -10.01
N ASP D 440 25.39 -16.57 -9.82
CA ASP D 440 24.76 -15.72 -10.82
C ASP D 440 25.75 -15.01 -11.74
N VAL D 441 27.05 -15.34 -11.67
CA VAL D 441 28.06 -14.65 -12.45
C VAL D 441 28.55 -15.58 -13.54
N GLU D 442 28.34 -15.17 -14.80
CA GLU D 442 28.85 -15.90 -15.94
C GLU D 442 30.28 -15.51 -16.24
N LYS D 443 30.58 -14.21 -16.20
CA LYS D 443 31.87 -13.64 -16.56
C LYS D 443 32.17 -12.45 -15.67
N VAL D 444 33.39 -12.38 -15.15
CA VAL D 444 33.94 -11.16 -14.57
C VAL D 444 34.97 -10.64 -15.56
N VAL D 445 34.87 -9.36 -15.92
CA VAL D 445 35.66 -8.79 -17.00
C VAL D 445 36.39 -7.56 -16.50
N VAL D 446 37.71 -7.58 -16.56
CA VAL D 446 38.50 -6.37 -16.36
C VAL D 446 38.64 -5.68 -17.69
N VAL D 447 38.07 -4.49 -17.80
CA VAL D 447 38.12 -3.70 -19.02
C VAL D 447 39.14 -2.60 -18.86
N ILE D 448 40.12 -2.54 -19.78
CA ILE D 448 41.05 -1.43 -19.89
C ILE D 448 40.48 -0.44 -20.91
N LEU D 449 40.57 0.87 -20.59
CA LEU D 449 39.99 1.92 -21.42
C LEU D 449 41.04 2.98 -21.67
N ASP D 450 40.98 3.62 -22.83
CA ASP D 450 41.99 4.62 -23.18
C ASP D 450 41.53 6.01 -22.74
N LYS D 451 42.39 7.01 -22.95
CA LYS D 451 42.11 8.36 -22.46
C LYS D 451 40.85 8.95 -23.06
N GLU D 452 40.41 8.45 -24.21
CA GLU D 452 39.12 8.79 -24.79
C GLU D 452 38.01 7.83 -24.35
N HIS D 453 38.25 7.01 -23.33
CA HIS D 453 37.23 6.18 -22.67
C HIS D 453 36.71 5.05 -23.56
N ARG D 454 37.49 4.61 -24.55
CA ARG D 454 36.97 3.49 -25.33
C ARG D 454 37.74 2.20 -25.00
N PRO D 455 37.11 1.03 -25.08
CA PRO D 455 37.77 -0.21 -24.65
C PRO D 455 38.94 -0.61 -25.56
N VAL D 456 40.09 -0.86 -24.93
CA VAL D 456 41.30 -1.31 -25.61
C VAL D 456 41.53 -2.80 -25.40
N GLU D 457 41.37 -3.26 -24.16
CA GLU D 457 41.54 -4.67 -23.79
C GLU D 457 40.40 -5.07 -22.86
N LYS D 458 40.09 -6.36 -22.87
CA LYS D 458 39.16 -6.97 -21.92
C LYS D 458 39.76 -8.28 -21.45
N PHE D 459 39.97 -8.40 -20.14
CA PHE D 459 40.35 -9.67 -19.54
C PHE D 459 39.08 -10.36 -19.05
N VAL D 460 38.69 -11.41 -19.75
CA VAL D 460 37.43 -12.12 -19.49
C VAL D 460 37.74 -13.35 -18.67
N PHE D 461 37.13 -13.43 -17.47
CA PHE D 461 37.15 -14.63 -16.64
C PHE D 461 35.78 -15.28 -16.77
N GLU D 462 35.71 -16.42 -17.44
CA GLU D 462 34.45 -17.15 -17.55
C GLU D 462 34.39 -18.20 -16.46
N ILE D 463 33.29 -18.23 -15.73
CA ILE D 463 33.19 -18.97 -14.47
C ILE D 463 32.05 -19.97 -14.55
N THR D 464 32.32 -21.18 -14.10
CA THR D 464 31.30 -22.21 -13.97
C THR D 464 31.44 -22.85 -12.61
N GLN D 465 30.36 -22.87 -11.85
CA GLN D 465 30.38 -23.53 -10.54
C GLN D 465 29.49 -24.77 -10.59
N PRO D 466 30.04 -25.93 -10.91
CA PRO D 466 29.20 -27.13 -11.02
C PRO D 466 28.54 -27.44 -9.70
N PRO D 467 27.35 -28.08 -9.74
CA PRO D 467 26.70 -28.49 -8.51
C PRO D 467 27.64 -29.28 -7.64
N LEU D 468 27.80 -28.81 -6.40
CA LEU D 468 28.68 -29.45 -5.43
C LEU D 468 27.93 -30.64 -4.87
N LEU D 469 27.76 -31.63 -5.74
CA LEU D 469 27.20 -32.91 -5.38
C LEU D 469 27.89 -33.41 -4.13
N SER D 470 27.24 -34.35 -3.44
CA SER D 470 27.90 -35.03 -2.35
C SER D 470 28.50 -34.00 -1.38
N ILE D 471 29.67 -34.28 -0.84
CA ILE D 471 30.09 -33.60 0.37
C ILE D 471 30.78 -32.28 0.01
N SER D 472 31.10 -31.50 1.04
CA SER D 472 31.94 -30.34 0.82
C SER D 472 33.34 -30.78 0.43
N SER D 473 34.14 -29.81 0.04
CA SER D 473 35.45 -30.08 -0.54
C SER D 473 36.44 -30.44 0.56
N ASP D 474 37.00 -31.65 0.47
CA ASP D 474 37.83 -32.21 1.53
C ASP D 474 39.30 -31.88 1.23
N SER D 475 39.63 -30.60 1.40
CA SER D 475 40.98 -30.07 1.22
C SER D 475 41.56 -30.33 -0.18
N LEU D 476 40.69 -30.58 -1.17
CA LEU D 476 41.05 -30.44 -2.57
C LEU D 476 41.11 -28.97 -3.00
N LEU D 477 40.77 -28.06 -2.09
CA LEU D 477 40.97 -26.63 -2.32
C LEU D 477 42.43 -26.34 -2.62
N SER D 478 43.34 -27.10 -2.01
CA SER D 478 44.77 -26.93 -2.26
C SER D 478 45.14 -27.27 -3.70
N HIS D 479 44.50 -28.30 -4.27
CA HIS D 479 44.71 -28.55 -5.69
C HIS D 479 44.09 -27.47 -6.56
N VAL D 480 42.99 -26.88 -6.11
CA VAL D 480 42.37 -25.79 -6.86
C VAL D 480 43.25 -24.55 -6.82
N GLU D 481 43.90 -24.31 -5.68
CA GLU D 481 44.80 -23.17 -5.57
C GLU D 481 46.04 -23.39 -6.42
N GLN D 482 46.46 -24.63 -6.65
CA GLN D 482 47.52 -24.87 -7.61
C GLN D 482 47.04 -24.59 -9.03
N LEU D 483 45.82 -25.02 -9.37
CA LEU D 483 45.28 -24.64 -10.66
C LEU D 483 45.21 -23.13 -10.81
N LEU D 484 44.80 -22.43 -9.74
CA LEU D 484 44.70 -20.98 -9.77
C LEU D 484 46.06 -20.32 -9.90
N ALA D 485 47.08 -20.88 -9.24
CA ALA D 485 48.44 -20.38 -9.43
C ALA D 485 48.82 -20.29 -10.92
N ALA D 486 48.40 -21.27 -11.71
CA ALA D 486 48.70 -21.24 -13.15
C ALA D 486 48.03 -20.04 -13.85
N PHE D 487 46.93 -19.52 -13.30
CA PHE D 487 46.40 -18.27 -13.86
C PHE D 487 47.30 -17.08 -13.51
N ILE D 488 47.87 -17.07 -12.31
CA ILE D 488 48.71 -15.95 -11.92
C ILE D 488 50.01 -15.96 -12.72
N LEU D 489 50.61 -17.13 -12.94
CA LEU D 489 51.83 -17.21 -13.75
C LEU D 489 51.55 -16.80 -15.19
N LYS D 490 50.46 -17.26 -15.79
CA LYS D 490 50.15 -16.85 -17.14
C LYS D 490 49.97 -15.35 -17.25
N ILE D 491 49.20 -14.75 -16.34
CA ILE D 491 49.05 -13.29 -16.37
C ILE D 491 50.40 -12.61 -16.24
N SER D 492 51.29 -13.16 -15.41
CA SER D 492 52.58 -12.54 -15.17
C SER D 492 53.42 -12.41 -16.43
N VAL D 493 53.24 -13.32 -17.40
CA VAL D 493 54.03 -13.32 -18.63
C VAL D 493 53.20 -12.99 -19.86
N CYS D 494 51.96 -12.55 -19.69
CA CYS D 494 51.07 -12.39 -20.83
C CYS D 494 51.42 -11.19 -21.71
N ASP D 495 52.36 -10.33 -21.31
CA ASP D 495 52.69 -9.21 -22.18
C ASP D 495 53.39 -9.66 -23.46
N ALA D 496 54.00 -10.84 -23.47
CA ALA D 496 54.58 -11.38 -24.67
C ALA D 496 53.55 -12.04 -25.60
N VAL D 497 52.25 -11.84 -25.39
CA VAL D 497 51.23 -12.46 -26.22
C VAL D 497 50.19 -11.44 -26.65
N LEU D 498 50.28 -10.22 -26.09
CA LEU D 498 49.32 -9.16 -26.34
C LEU D 498 50.05 -7.93 -26.89
N ASP D 499 49.30 -7.06 -27.58
CA ASP D 499 49.82 -5.75 -27.98
C ASP D 499 50.19 -4.92 -26.75
N HIS D 500 51.02 -3.89 -26.98
CA HIS D 500 51.21 -2.86 -25.97
C HIS D 500 50.01 -1.92 -25.98
N ASN D 501 49.66 -1.40 -24.81
CA ASN D 501 48.56 -0.46 -24.68
C ASN D 501 49.06 0.96 -24.94
N PRO D 502 48.16 1.85 -25.37
CA PRO D 502 48.54 3.29 -25.46
C PRO D 502 48.63 3.89 -24.07
N PRO D 503 49.39 4.98 -23.92
CA PRO D 503 49.55 5.56 -22.57
C PRO D 503 48.25 6.15 -22.03
N GLY D 504 48.23 6.34 -20.72
CA GLY D 504 47.10 6.96 -20.04
C GLY D 504 45.81 6.15 -20.02
N CYS D 505 45.91 4.83 -19.90
CA CYS D 505 44.72 4.00 -19.76
C CYS D 505 44.18 4.01 -18.34
N THR D 506 42.89 3.71 -18.21
CA THR D 506 42.22 3.45 -16.96
C THR D 506 41.60 2.06 -17.04
N PHE D 507 40.78 1.71 -16.05
CA PHE D 507 40.14 0.42 -16.12
C PHE D 507 38.81 0.47 -15.40
N THR D 508 37.95 -0.49 -15.72
CA THR D 508 36.81 -0.77 -14.89
C THR D 508 36.55 -2.27 -14.93
N VAL D 509 35.53 -2.69 -14.21
CA VAL D 509 35.16 -4.09 -14.07
C VAL D 509 33.72 -4.25 -14.53
N LEU D 510 33.46 -5.25 -15.37
CA LEU D 510 32.10 -5.62 -15.73
C LEU D 510 31.74 -6.96 -15.12
N VAL D 511 30.45 -7.17 -14.89
CA VAL D 511 29.92 -8.47 -14.49
C VAL D 511 28.83 -8.86 -15.50
N HIS D 512 28.95 -10.06 -16.05
CA HIS D 512 27.93 -10.67 -16.89
C HIS D 512 27.09 -11.62 -16.03
N THR D 513 25.82 -11.29 -15.81
CA THR D 513 24.96 -12.17 -15.01
C THR D 513 24.34 -13.27 -15.88
N ARG D 514 23.89 -14.34 -15.22
CA ARG D 514 23.35 -15.49 -15.95
C ARG D 514 21.95 -15.20 -16.50
N GLU D 515 21.11 -14.54 -15.72
CA GLU D 515 19.81 -14.12 -16.21
C GLU D 515 19.83 -12.62 -16.51
N ALA D 516 18.67 -12.08 -16.88
CA ALA D 516 18.53 -10.65 -17.07
C ALA D 516 19.06 -9.90 -15.86
N ALA D 517 19.96 -8.95 -16.10
CA ALA D 517 20.62 -8.22 -15.03
C ALA D 517 19.66 -7.41 -14.16
N THR D 518 18.36 -7.39 -14.47
CA THR D 518 17.42 -6.65 -13.64
C THR D 518 17.19 -7.32 -12.28
N ARG D 519 17.24 -8.66 -12.24
CA ARG D 519 17.03 -9.36 -10.96
C ARG D 519 18.18 -9.13 -9.98
N ASN D 520 19.40 -8.99 -10.49
CA ASN D 520 20.59 -8.82 -9.67
C ASN D 520 20.90 -7.36 -9.38
N MET D 521 20.08 -6.44 -9.89
CA MET D 521 20.34 -5.01 -9.71
C MET D 521 20.19 -4.56 -8.27
N GLU D 522 19.52 -5.35 -7.41
CA GLU D 522 19.46 -5.04 -5.99
C GLU D 522 20.45 -5.85 -5.17
N LYS D 523 20.64 -7.13 -5.49
CA LYS D 523 21.60 -7.96 -4.76
C LYS D 523 23.02 -7.42 -4.84
N ILE D 524 23.33 -6.56 -5.82
CA ILE D 524 24.70 -6.10 -6.01
C ILE D 524 25.05 -4.82 -5.25
N GLN D 525 24.07 -4.03 -4.82
CA GLN D 525 24.35 -2.72 -4.21
C GLN D 525 24.72 -2.84 -2.72
N VAL D 526 25.72 -3.67 -2.42
CA VAL D 526 25.97 -3.99 -1.01
C VAL D 526 26.83 -2.96 -0.28
N ILE D 527 27.61 -2.13 -0.98
CA ILE D 527 28.50 -1.14 -0.36
C ILE D 527 27.85 0.24 -0.45
N LYS D 528 27.86 0.98 0.66
CA LYS D 528 27.19 2.28 0.66
C LYS D 528 27.86 3.25 -0.29
N ASP D 529 27.04 3.95 -1.08
CA ASP D 529 27.52 4.97 -2.02
C ASP D 529 28.48 4.38 -3.03
N PHE D 530 28.23 3.14 -3.43
CA PHE D 530 28.96 2.49 -4.51
C PHE D 530 27.96 1.79 -5.41
N PRO D 531 27.15 2.56 -6.14
CA PRO D 531 26.10 1.95 -6.94
C PRO D 531 26.65 1.28 -8.19
N TRP D 532 25.83 0.36 -8.70
CA TRP D 532 26.09 -0.36 -9.93
C TRP D 532 24.95 -0.06 -10.88
N ILE D 533 25.26 0.01 -12.17
CA ILE D 533 24.26 0.36 -13.16
C ILE D 533 24.37 -0.61 -14.32
N LEU D 534 23.31 -0.64 -15.13
CA LEU D 534 23.35 -1.45 -16.34
C LEU D 534 24.33 -0.81 -17.32
N ALA D 535 25.14 -1.65 -17.96
CA ALA D 535 26.18 -1.16 -18.85
C ALA D 535 25.58 -0.74 -20.19
N ASP D 536 26.14 0.32 -20.77
CA ASP D 536 25.69 0.79 -22.07
C ASP D 536 26.44 0.08 -23.19
N GLU D 537 26.09 0.40 -24.43
CA GLU D 537 26.84 -0.09 -25.58
C GLU D 537 28.23 0.52 -25.63
N GLN D 538 28.34 1.84 -25.40
CA GLN D 538 29.63 2.52 -25.56
C GLN D 538 30.67 2.05 -24.54
N ASP D 539 30.25 1.69 -23.33
CA ASP D 539 31.22 1.34 -22.29
C ASP D 539 31.97 0.05 -22.61
N VAL D 540 31.34 -0.90 -23.30
CA VAL D 540 31.90 -2.24 -23.45
C VAL D 540 32.11 -2.65 -24.91
N HIS D 541 31.60 -1.90 -25.88
CA HIS D 541 31.64 -2.31 -27.29
C HIS D 541 33.07 -2.46 -27.80
N MET D 542 33.43 -3.68 -28.18
CA MET D 542 34.64 -3.92 -28.95
C MET D 542 34.25 -4.58 -30.26
N HIS D 543 34.58 -3.92 -31.37
CA HIS D 543 34.19 -4.43 -32.68
C HIS D 543 35.14 -5.54 -33.10
N ASP D 544 34.62 -6.76 -33.25
CA ASP D 544 35.26 -7.96 -33.76
C ASP D 544 36.69 -8.13 -33.23
N PRO D 545 36.87 -8.47 -31.96
CA PRO D 545 38.20 -8.45 -31.36
C PRO D 545 38.99 -9.74 -31.58
N ARG D 546 40.31 -9.61 -31.47
CA ARG D 546 41.20 -10.77 -31.46
C ARG D 546 41.14 -11.45 -30.09
N LEU D 547 40.85 -12.76 -30.08
CA LEU D 547 40.63 -13.53 -28.87
C LEU D 547 41.90 -14.31 -28.54
N ILE D 548 42.55 -13.97 -27.43
CA ILE D 548 43.82 -14.58 -27.04
C ILE D 548 43.57 -15.45 -25.81
N PRO D 549 43.45 -16.75 -25.96
CA PRO D 549 43.32 -17.61 -24.77
C PRO D 549 44.55 -17.49 -23.89
N LEU D 550 44.33 -17.60 -22.58
CA LEU D 550 45.42 -17.53 -21.61
C LEU D 550 45.50 -18.77 -20.73
N LYS D 551 44.39 -19.20 -20.13
CA LYS D 551 44.44 -20.40 -19.31
C LYS D 551 43.03 -20.90 -19.13
N THR D 552 42.93 -22.18 -18.81
CA THR D 552 41.66 -22.84 -18.57
C THR D 552 41.90 -23.87 -17.48
N MET D 553 40.97 -23.98 -16.54
CA MET D 553 41.05 -24.97 -15.49
C MET D 553 39.73 -25.71 -15.37
N THR D 554 39.80 -26.98 -14.94
CA THR D 554 38.62 -27.73 -14.59
C THR D 554 38.82 -28.38 -13.23
N SER D 555 37.77 -28.42 -12.43
CA SER D 555 37.78 -29.16 -11.17
C SER D 555 36.35 -29.56 -10.84
N ASP D 556 36.20 -30.18 -9.66
CA ASP D 556 34.87 -30.51 -9.18
C ASP D 556 34.13 -29.26 -8.71
N ILE D 557 34.84 -28.25 -8.22
CA ILE D 557 34.21 -27.11 -7.59
C ILE D 557 34.27 -25.85 -8.44
N LEU D 558 35.02 -25.85 -9.53
CA LEU D 558 35.25 -24.66 -10.33
C LEU D 558 35.80 -24.99 -11.71
N LYS D 559 35.14 -24.48 -12.74
CA LYS D 559 35.67 -24.47 -14.09
C LYS D 559 35.80 -23.01 -14.51
N MET D 560 36.95 -22.63 -15.09
CA MET D 560 37.22 -21.23 -15.37
C MET D 560 38.11 -21.11 -16.60
N GLN D 561 37.75 -20.22 -17.53
CA GLN D 561 38.60 -19.88 -18.65
C GLN D 561 38.97 -18.42 -18.52
N LEU D 562 40.25 -18.12 -18.74
CA LEU D 562 40.74 -16.75 -18.93
C LEU D 562 41.23 -16.56 -20.36
N TYR D 563 40.68 -15.56 -21.04
CA TYR D 563 41.12 -15.16 -22.37
C TYR D 563 41.03 -13.65 -22.47
N VAL D 564 41.75 -13.07 -23.44
CA VAL D 564 41.82 -11.63 -23.62
C VAL D 564 41.19 -11.26 -24.95
N GLU D 565 40.35 -10.24 -24.96
CA GLU D 565 39.87 -9.63 -26.19
C GLU D 565 40.74 -8.42 -26.50
N GLU D 566 41.44 -8.48 -27.64
CA GLU D 566 42.31 -7.42 -28.11
C GLU D 566 41.66 -6.70 -29.28
N ARG D 567 42.12 -5.48 -29.54
CA ARG D 567 41.51 -4.68 -30.61
C ARG D 567 41.74 -5.33 -31.97
N ALA D 568 40.77 -5.10 -32.88
CA ALA D 568 40.69 -5.86 -34.13
C ALA D 568 41.99 -5.81 -34.92
N HIS D 569 42.54 -4.61 -35.12
CA HIS D 569 43.73 -4.39 -35.94
C HIS D 569 44.96 -4.36 -35.02
N LYS D 570 45.84 -5.37 -35.16
CA LYS D 570 47.10 -5.35 -34.42
C LYS D 570 47.89 -4.10 -34.78
N GLY D 571 48.35 -3.38 -33.75
CA GLY D 571 49.05 -2.12 -33.91
C GLY D 571 48.23 -1.01 -34.54
N HIS D 604 21.85 -10.30 -29.68
CA HIS D 604 22.04 -8.85 -29.52
C HIS D 604 21.22 -8.33 -28.32
N SER D 605 21.08 -9.18 -27.30
CA SER D 605 20.32 -8.81 -26.11
C SER D 605 21.05 -7.78 -25.27
N THR D 606 22.30 -8.09 -24.86
CA THR D 606 23.23 -7.24 -24.10
C THR D 606 22.66 -6.76 -22.75
N SER D 607 21.65 -7.47 -22.22
CA SER D 607 20.92 -7.07 -21.03
C SER D 607 21.41 -7.72 -19.74
N ASN D 608 22.59 -8.33 -19.76
CA ASN D 608 23.09 -9.07 -18.60
C ASN D 608 24.41 -8.49 -18.08
N ILE D 609 24.67 -7.21 -18.33
CA ILE D 609 25.95 -6.62 -17.98
C ILE D 609 25.76 -5.50 -16.96
N LEU D 610 26.51 -5.58 -15.87
CA LEU D 610 26.51 -4.58 -14.82
C LEU D 610 27.89 -3.96 -14.69
N ILE D 611 27.93 -2.66 -14.40
CA ILE D 611 29.20 -1.93 -14.24
C ILE D 611 29.08 -0.97 -13.07
N PRO D 612 30.18 -0.74 -12.35
CA PRO D 612 30.16 0.30 -11.32
C PRO D 612 29.78 1.63 -11.91
N GLU D 613 29.02 2.41 -11.16
CA GLU D 613 28.78 3.79 -11.55
C GLU D 613 30.05 4.62 -11.39
N LEU D 614 30.82 4.40 -10.33
CA LEU D 614 31.94 5.27 -10.04
C LEU D 614 33.19 4.80 -10.77
N LYS D 615 34.18 5.69 -10.82
CA LYS D 615 35.37 5.48 -11.60
C LYS D 615 36.56 5.25 -10.69
N ALA D 616 37.48 4.42 -11.18
CA ALA D 616 38.72 4.13 -10.48
C ALA D 616 39.52 5.41 -10.30
N PRO D 617 40.28 5.53 -9.21
CA PRO D 617 41.13 6.72 -9.06
C PRO D 617 42.18 6.76 -10.17
N LYS D 618 42.34 7.92 -10.77
CA LYS D 618 43.29 8.07 -11.83
C LYS D 618 44.68 8.09 -11.34
N SER D 619 45.61 7.67 -12.18
CA SER D 619 47.00 7.67 -11.81
C SER D 619 47.67 8.96 -12.15
N LEU D 620 48.39 9.54 -11.19
CA LEU D 620 49.08 10.80 -11.39
C LEU D 620 50.51 10.57 -11.87
#